data_5C71
#
_entry.id   5C71
#
_cell.length_a   96.068
_cell.length_b   96.231
_cell.length_c   96.192
_cell.angle_alpha   88.270
_cell.angle_beta   74.360
_cell.angle_gamma   71.130
#
_symmetry.space_group_name_H-M   'P 1'
#
loop_
_entity.id
_entity.type
_entity.pdbx_description
1 polymer Glucuronidase
2 non-polymer '(3BETA,5BETA,14BETA)-3-HYDROXY-11-OXOOLEAN-12-EN-29-OIC ACID'
3 non-polymer 'alpha-D-glucopyranuronic acid'
4 water water
#
_entity_poly.entity_id   1
_entity_poly.type   'polypeptide(L)'
_entity_poly.pdbx_seq_one_letter_code
;MGSSHHHHHHSSGLVPRGSHMASMTGGQQGRGSMLKPQQTTTRDLISLDGLWKFALASDDNNTQPWTSQLKTSLECPVPA
SYNDIFADSKIHDHVGWVYYQRDVIVPKGWSEERYLVRCEAATHHGRIYVNGNLVADHVGGYTPFEADITDLVAAGEQFR
LTIAVDNELTYQTIPPGKVEILEATGKKVQTYQHDFYNYAGLARSVWLYSVPQQHIQDITVRTDVQGTTGLIDYNVVAST
TQGTIQVAVIDEDGTTVATSSGSNGTIHIPSVHLWQPGAAYLYQLHASIIDSSKKTIDTYKLATGIRTVKVQGTQFLIND
KPFYFTGFGKHEDTNIRGKGHDDAYMVHDFQLLHWMGANSFRTSHYPYAEEVMEYADRQGIVVIDETPAVGLAFSIGAGA
QTSNPPATFSPDRINNKTREAHAQAIRELIHRDKNHPSVVMWSIANDPASNEDGAREYFAPLPKLARQLDPTRPVTFANV
GLATYKADRIADLFDVLCLNRYFGWYTQTAELDEAEAALEEELRGWTEKYDKPIVMTDYGADTVAGLHSVMVTPWSEEFQ
VEMLDMYHRVFDRFEAMAGEQVWNFADFQTAVGVSRVDGNKKGVFTRDRKPKAAAHLLRKRWTNLHNGTAEGGKTFQ
;
_entity_poly.pdbx_strand_id   A,B,C,D
#
loop_
_chem_comp.id
_chem_comp.type
_chem_comp.name
_chem_comp.formula
CBW non-polymer '(3BETA,5BETA,14BETA)-3-HYDROXY-11-OXOOLEAN-12-EN-29-OIC ACID' 'C30 H46 O4'
GCU D-saccharide, alpha linking 'alpha-D-glucopyranuronic acid' 'C6 H10 O7'
#
# COMPACT_ATOMS: atom_id res chain seq x y z
N MET A 34 -17.29 -12.48 -42.51
CA MET A 34 -16.58 -13.75 -42.93
C MET A 34 -15.73 -14.36 -41.82
N LEU A 35 -15.30 -15.60 -42.01
CA LEU A 35 -14.39 -16.27 -41.07
C LEU A 35 -13.14 -15.45 -40.74
N LYS A 36 -12.66 -15.68 -39.53
CA LYS A 36 -11.47 -15.08 -39.02
C LYS A 36 -10.33 -15.36 -39.97
N PRO A 37 -9.79 -14.30 -40.56
CA PRO A 37 -8.74 -14.56 -41.54
C PRO A 37 -7.55 -15.40 -41.00
N GLN A 38 -7.00 -16.23 -41.87
CA GLN A 38 -5.77 -16.93 -41.57
C GLN A 38 -4.96 -16.94 -42.85
N GLN A 39 -3.68 -17.25 -42.71
CA GLN A 39 -2.81 -17.42 -43.85
C GLN A 39 -2.92 -18.85 -44.29
N THR A 40 -3.12 -19.06 -45.58
CA THR A 40 -3.09 -20.40 -46.17
C THR A 40 -2.24 -20.35 -47.44
N THR A 41 -2.16 -21.49 -48.14
CA THR A 41 -1.56 -21.57 -49.49
C THR A 41 -2.31 -20.73 -50.50
N THR A 42 -3.57 -20.40 -50.17
CA THR A 42 -4.46 -19.62 -51.03
C THR A 42 -4.83 -18.23 -50.51
N ARG A 43 -4.39 -17.91 -49.29
CA ARG A 43 -4.74 -16.65 -48.66
C ARG A 43 -3.54 -16.01 -47.98
N ASP A 44 -3.42 -14.70 -48.13
CA ASP A 44 -2.40 -13.94 -47.43
C ASP A 44 -3.03 -13.01 -46.40
N LEU A 45 -2.22 -12.62 -45.42
CA LEU A 45 -2.70 -11.97 -44.22
C LEU A 45 -1.66 -11.01 -43.71
N ILE A 46 -1.99 -9.74 -43.69
CA ILE A 46 -1.06 -8.71 -43.28
C ILE A 46 -1.62 -8.04 -42.06
N SER A 47 -0.82 -7.98 -41.01
CA SER A 47 -1.15 -7.21 -39.83
C SER A 47 -1.02 -5.72 -40.11
N LEU A 48 -1.95 -4.92 -39.62
CA LEU A 48 -1.84 -3.46 -39.75
C LEU A 48 -1.70 -2.79 -38.37
N ASP A 49 -1.51 -3.62 -37.35
CA ASP A 49 -1.13 -3.18 -36.02
C ASP A 49 0.16 -2.35 -35.97
N GLY A 50 0.27 -1.54 -34.93
CA GLY A 50 1.39 -0.58 -34.81
C GLY A 50 0.90 0.77 -34.37
N LEU A 51 1.71 1.81 -34.59
CA LEU A 51 1.26 3.19 -34.30
C LEU A 51 0.55 3.77 -35.50
N TRP A 52 -0.64 4.29 -35.26
CA TRP A 52 -1.41 5.03 -36.25
C TRP A 52 -1.45 6.49 -35.77
N LYS A 53 -1.58 7.41 -36.71
CA LYS A 53 -1.87 8.81 -36.38
C LYS A 53 -3.25 8.90 -35.72
N PHE A 54 -3.48 9.88 -34.87
CA PHE A 54 -4.69 9.89 -34.04
C PHE A 54 -5.17 11.31 -33.85
N ALA A 55 -6.48 11.49 -33.98
CA ALA A 55 -7.08 12.76 -33.59
C ALA A 55 -8.51 12.65 -33.11
N LEU A 56 -8.87 13.50 -32.17
CA LEU A 56 -10.24 13.74 -31.78
C LEU A 56 -10.93 14.56 -32.85
N ALA A 57 -12.22 14.32 -33.05
CA ALA A 57 -13.11 15.31 -33.64
C ALA A 57 -13.06 16.63 -32.86
N SER A 58 -13.10 17.71 -33.61
CA SER A 58 -13.09 19.07 -33.09
C SER A 58 -14.31 19.82 -33.63
N ASP A 59 -14.35 21.14 -33.39
CA ASP A 59 -15.40 22.01 -33.94
C ASP A 59 -14.80 23.08 -34.83
N ASP A 60 -13.82 22.70 -35.64
CA ASP A 60 -13.25 23.61 -36.61
C ASP A 60 -13.75 23.25 -38.03
N ASN A 61 -13.39 24.11 -39.00
CA ASN A 61 -13.65 23.90 -40.45
C ASN A 61 -13.17 22.50 -40.92
N ASN A 62 -12.14 21.97 -40.25
CA ASN A 62 -11.64 20.61 -40.51
C ASN A 62 -12.66 19.53 -40.15
N THR A 63 -13.93 19.83 -40.40
CA THR A 63 -14.92 18.80 -40.53
C THR A 63 -14.42 17.83 -41.60
N GLN A 64 -14.74 16.55 -41.46
CA GLN A 64 -14.26 15.49 -42.40
C GLN A 64 -12.76 15.21 -42.43
N PRO A 65 -12.17 14.84 -41.30
CA PRO A 65 -10.73 14.48 -41.31
C PRO A 65 -10.35 13.35 -42.23
N TRP A 66 -11.32 12.55 -42.66
CA TRP A 66 -11.00 11.36 -43.48
C TRP A 66 -10.67 11.66 -44.92
N THR A 67 -10.81 12.93 -45.34
CA THR A 67 -10.58 13.31 -46.74
C THR A 67 -9.16 13.74 -47.06
N SER A 68 -8.28 13.81 -46.06
CA SER A 68 -6.89 14.14 -46.32
C SER A 68 -6.01 13.71 -45.17
N GLN A 69 -4.69 13.80 -45.37
CA GLN A 69 -3.68 13.44 -44.33
C GLN A 69 -3.96 14.18 -43.01
N LEU A 70 -4.12 13.37 -41.97
CA LEU A 70 -4.42 13.81 -40.63
C LEU A 70 -3.22 14.57 -40.19
N LYS A 71 -3.48 15.69 -39.54
CA LYS A 71 -2.43 16.58 -39.06
C LYS A 71 -2.40 16.48 -37.52
N THR A 72 -1.41 15.70 -37.02
CA THR A 72 -1.21 15.45 -35.59
C THR A 72 0.17 14.89 -35.34
N SER A 73 0.67 15.29 -34.18
CA SER A 73 1.85 14.70 -33.57
C SER A 73 1.49 13.41 -32.80
N LEU A 74 0.20 13.23 -32.50
CA LEU A 74 -0.28 12.12 -31.72
C LEU A 74 -0.34 10.83 -32.52
N GLU A 75 0.23 9.78 -31.92
CA GLU A 75 0.15 8.44 -32.45
C GLU A 75 -0.43 7.57 -31.37
N CYS A 76 -1.37 6.72 -31.71
CA CYS A 76 -1.99 5.82 -30.74
C CYS A 76 -1.74 4.44 -31.22
N PRO A 77 -1.24 3.56 -30.36
CA PRO A 77 -1.04 2.14 -30.74
C PRO A 77 -2.37 1.44 -30.96
N VAL A 78 -2.41 0.52 -31.91
CA VAL A 78 -3.71 0.07 -32.39
C VAL A 78 -4.29 -1.13 -31.62
N PRO A 79 -3.57 -2.23 -31.41
CA PRO A 79 -4.49 -2.92 -30.45
C PRO A 79 -4.42 -2.19 -29.08
N ALA A 80 -5.34 -1.23 -28.86
CA ALA A 80 -5.50 -0.54 -27.55
C ALA A 80 -6.76 0.32 -27.49
N SER A 81 -7.33 0.49 -26.29
CA SER A 81 -8.24 1.61 -26.03
C SER A 81 -7.39 2.85 -25.98
N TYR A 82 -7.92 3.97 -26.42
CA TYR A 82 -7.14 5.17 -26.48
C TYR A 82 -7.14 5.99 -25.20
N ASN A 83 -8.08 5.72 -24.30
CA ASN A 83 -8.35 6.65 -23.22
C ASN A 83 -7.21 7.00 -22.28
N ASP A 84 -6.44 6.01 -21.81
CA ASP A 84 -5.35 6.19 -20.81
C ASP A 84 -3.99 6.25 -21.51
N ILE A 85 -3.95 6.10 -22.84
CA ILE A 85 -2.67 6.05 -23.55
C ILE A 85 -1.89 7.35 -23.42
N PHE A 86 -2.59 8.47 -23.50
CA PHE A 86 -1.93 9.74 -23.72
C PHE A 86 -1.71 10.60 -22.49
N ALA A 87 -2.20 10.18 -21.33
CA ALA A 87 -2.02 11.00 -20.13
C ALA A 87 -2.52 12.39 -20.39
N ASP A 88 -3.69 12.48 -21.00
CA ASP A 88 -4.29 13.76 -21.36
C ASP A 88 -5.78 13.63 -21.08
N SER A 89 -6.30 14.47 -20.20
CA SER A 89 -7.68 14.39 -19.75
C SER A 89 -8.69 14.53 -20.88
N LYS A 90 -8.36 15.41 -21.81
CA LYS A 90 -9.27 15.79 -22.86
C LYS A 90 -9.54 14.62 -23.79
N ILE A 91 -8.46 13.89 -24.11
CA ILE A 91 -8.58 12.64 -24.89
C ILE A 91 -9.35 11.63 -24.03
N HIS A 92 -8.96 11.49 -22.78
CA HIS A 92 -9.59 10.52 -21.94
C HIS A 92 -11.11 10.77 -21.81
N ASP A 93 -11.50 12.04 -21.69
CA ASP A 93 -12.87 12.39 -21.35
C ASP A 93 -13.69 12.59 -22.64
N HIS A 94 -13.04 12.41 -23.79
CA HIS A 94 -13.69 12.73 -25.06
C HIS A 94 -15.05 12.03 -25.24
N VAL A 95 -16.03 12.79 -25.70
CA VAL A 95 -17.28 12.22 -26.15
C VAL A 95 -17.42 12.47 -27.62
N GLY A 96 -17.49 11.39 -28.37
CA GLY A 96 -17.74 11.48 -29.80
C GLY A 96 -16.68 10.75 -30.58
N TRP A 97 -16.46 11.22 -31.79
CA TRP A 97 -15.62 10.57 -32.77
C TRP A 97 -14.17 10.87 -32.55
N VAL A 98 -13.32 9.88 -32.87
CA VAL A 98 -11.87 10.05 -33.02
C VAL A 98 -11.41 9.42 -34.32
N TYR A 99 -10.18 9.69 -34.73
CA TYR A 99 -9.70 9.26 -36.04
C TYR A 99 -8.34 8.59 -35.94
N TYR A 100 -8.26 7.38 -36.51
CA TYR A 100 -6.99 6.69 -36.68
C TYR A 100 -6.63 6.71 -38.14
N GLN A 101 -5.36 6.92 -38.45
CA GLN A 101 -4.97 6.94 -39.86
C GLN A 101 -3.58 6.40 -40.13
N ARG A 102 -3.46 5.76 -41.28
CA ARG A 102 -2.21 5.31 -41.76
C ARG A 102 -2.33 4.95 -43.24
N ASP A 103 -1.18 4.85 -43.87
CA ASP A 103 -1.15 4.43 -45.23
C ASP A 103 -0.95 2.93 -45.27
N VAL A 104 -1.59 2.29 -46.23
CA VAL A 104 -1.40 0.88 -46.44
C VAL A 104 -0.98 0.68 -47.86
N ILE A 105 -0.13 -0.30 -48.09
CA ILE A 105 0.21 -0.69 -49.46
C ILE A 105 -0.33 -2.07 -49.71
N VAL A 106 -1.04 -2.25 -50.82
CA VAL A 106 -1.59 -3.58 -51.17
C VAL A 106 -0.53 -4.37 -51.92
N PRO A 107 -0.25 -5.56 -51.46
CA PRO A 107 0.87 -6.27 -52.10
C PRO A 107 0.71 -6.43 -53.61
N LYS A 108 1.81 -6.28 -54.36
CA LYS A 108 1.76 -6.33 -55.81
C LYS A 108 1.25 -7.67 -56.33
N GLY A 109 1.52 -8.75 -55.63
CA GLY A 109 1.08 -10.09 -56.09
C GLY A 109 -0.35 -10.49 -55.77
N TRP A 110 -1.15 -9.55 -55.29
CA TRP A 110 -2.55 -9.75 -55.02
C TRP A 110 -3.49 -9.25 -56.15
N SER A 111 -2.98 -8.80 -57.30
CA SER A 111 -3.90 -8.77 -58.48
C SER A 111 -4.38 -10.22 -58.59
N GLU A 112 -5.49 -10.42 -59.28
CA GLU A 112 -6.04 -11.75 -59.47
C GLU A 112 -6.72 -12.31 -58.21
N GLU A 113 -6.63 -11.57 -57.11
CA GLU A 113 -7.23 -12.01 -55.84
C GLU A 113 -8.21 -10.97 -55.31
N ARG A 114 -8.90 -11.31 -54.22
CA ARG A 114 -9.87 -10.40 -53.63
C ARG A 114 -9.27 -9.93 -52.27
N TYR A 115 -9.49 -8.68 -51.87
CA TYR A 115 -8.85 -8.22 -50.62
C TYR A 115 -9.68 -7.24 -49.83
N LEU A 116 -9.52 -7.36 -48.52
CA LEU A 116 -10.40 -6.78 -47.53
C LEU A 116 -9.59 -6.07 -46.43
N VAL A 117 -10.19 -5.07 -45.81
CA VAL A 117 -9.68 -4.51 -44.56
C VAL A 117 -10.64 -4.91 -43.46
N ARG A 118 -10.12 -5.54 -42.41
CA ARG A 118 -10.96 -5.95 -41.30
C ARG A 118 -10.47 -5.37 -39.97
N CYS A 119 -11.44 -4.84 -39.20
CA CYS A 119 -11.27 -4.47 -37.83
C CYS A 119 -11.86 -5.56 -37.05
N GLU A 120 -11.07 -6.29 -36.28
CA GLU A 120 -11.65 -7.28 -35.31
C GLU A 120 -12.65 -6.63 -34.37
N ALA A 121 -12.53 -5.32 -34.13
CA ALA A 121 -13.46 -4.58 -33.27
C ALA A 121 -13.17 -3.07 -33.17
N ALA A 122 -14.22 -2.27 -33.17
CA ALA A 122 -14.13 -0.86 -32.96
C ALA A 122 -15.19 -0.43 -31.93
N THR A 123 -14.73 0.03 -30.76
CA THR A 123 -15.62 0.22 -29.62
C THR A 123 -15.96 1.70 -29.57
N HIS A 124 -17.21 2.09 -29.84
CA HIS A 124 -18.34 1.21 -30.12
C HIS A 124 -18.82 1.24 -31.55
N HIS A 125 -18.49 2.30 -32.28
CA HIS A 125 -19.02 2.48 -33.65
C HIS A 125 -17.85 2.87 -34.55
N GLY A 126 -17.60 2.02 -35.52
CA GLY A 126 -16.46 2.14 -36.41
C GLY A 126 -16.88 2.42 -37.85
N ARG A 127 -16.10 3.27 -38.53
CA ARG A 127 -16.25 3.57 -39.96
C ARG A 127 -14.89 3.38 -40.65
N ILE A 128 -14.90 2.76 -41.82
CA ILE A 128 -13.68 2.57 -42.58
C ILE A 128 -13.74 3.36 -43.86
N TYR A 129 -12.65 4.07 -44.11
CA TYR A 129 -12.51 4.87 -45.29
C TYR A 129 -11.28 4.45 -46.05
N VAL A 130 -11.44 4.35 -47.37
CA VAL A 130 -10.35 4.14 -48.28
C VAL A 130 -10.22 5.42 -49.10
N ASN A 131 -9.17 6.19 -48.82
CA ASN A 131 -8.99 7.52 -49.39
C ASN A 131 -10.25 8.34 -49.45
N GLY A 132 -10.96 8.53 -48.36
CA GLY A 132 -12.11 9.40 -48.55
C GLY A 132 -13.39 8.76 -49.06
N ASN A 133 -13.38 7.47 -49.37
CA ASN A 133 -14.60 6.73 -49.62
C ASN A 133 -14.99 5.95 -48.37
N LEU A 134 -16.24 6.05 -47.93
CA LEU A 134 -16.71 5.25 -46.83
C LEU A 134 -17.04 3.85 -47.32
N VAL A 135 -16.49 2.82 -46.68
CA VAL A 135 -16.62 1.44 -47.16
C VAL A 135 -17.17 0.44 -46.12
N ALA A 136 -17.27 0.85 -44.86
CA ALA A 136 -17.97 0.06 -43.86
C ALA A 136 -18.39 0.95 -42.72
N ASP A 137 -19.54 0.62 -42.15
CA ASP A 137 -20.12 1.38 -41.05
C ASP A 137 -20.73 0.35 -40.14
N HIS A 138 -20.12 0.22 -38.97
CA HIS A 138 -20.47 -0.81 -38.02
C HIS A 138 -20.78 -0.23 -36.64
N VAL A 139 -21.89 -0.73 -36.07
CA VAL A 139 -22.38 -0.24 -34.80
C VAL A 139 -22.03 -1.12 -33.59
N GLY A 140 -22.10 -2.43 -33.59
CA GLY A 140 -21.62 -3.02 -32.28
C GLY A 140 -20.14 -2.76 -31.87
N GLY A 141 -19.84 -2.71 -30.59
CA GLY A 141 -18.46 -2.43 -30.13
C GLY A 141 -17.43 -3.57 -29.94
N TYR A 142 -17.85 -4.83 -30.08
CA TYR A 142 -17.04 -5.98 -29.66
C TYR A 142 -17.04 -7.12 -30.66
N THR A 143 -17.44 -6.87 -31.91
CA THR A 143 -17.43 -7.88 -32.96
C THR A 143 -16.81 -7.39 -34.29
N PRO A 144 -16.46 -8.34 -35.19
CA PRO A 144 -15.74 -7.90 -36.36
C PRO A 144 -16.58 -7.22 -37.41
N PHE A 145 -15.93 -6.40 -38.24
CA PHE A 145 -16.46 -5.93 -39.49
C PHE A 145 -15.32 -5.68 -40.48
N GLU A 146 -15.69 -5.50 -41.75
CA GLU A 146 -14.71 -5.54 -42.83
C GLU A 146 -15.30 -4.95 -44.11
N ALA A 147 -14.40 -4.67 -45.07
CA ALA A 147 -14.84 -4.21 -46.38
C ALA A 147 -13.97 -4.77 -47.47
N ASP A 148 -14.60 -5.11 -48.58
CA ASP A 148 -13.92 -5.62 -49.76
C ASP A 148 -13.43 -4.46 -50.56
N ILE A 149 -12.12 -4.27 -50.66
CA ILE A 149 -11.59 -3.05 -51.29
C ILE A 149 -11.01 -3.36 -52.65
N THR A 150 -11.18 -4.61 -53.08
CA THR A 150 -10.64 -5.13 -54.30
C THR A 150 -10.73 -4.19 -55.52
N ASP A 151 -11.89 -3.57 -55.72
CA ASP A 151 -12.14 -2.66 -56.86
C ASP A 151 -11.88 -1.17 -56.61
N LEU A 152 -11.41 -0.80 -55.43
CA LEU A 152 -11.08 0.60 -55.12
C LEU A 152 -9.60 0.88 -55.22
N VAL A 153 -8.81 -0.15 -54.91
CA VAL A 153 -7.38 -0.04 -54.86
C VAL A 153 -6.79 -1.20 -55.59
N ALA A 154 -5.83 -0.89 -56.43
CA ALA A 154 -5.17 -1.92 -57.19
C ALA A 154 -3.97 -2.51 -56.44
N ALA A 155 -3.68 -3.78 -56.74
CA ALA A 155 -2.51 -4.43 -56.21
C ALA A 155 -1.29 -3.54 -56.35
N GLY A 156 -0.45 -3.50 -55.32
CA GLY A 156 0.72 -2.62 -55.39
C GLY A 156 0.42 -1.13 -55.31
N GLU A 157 -0.83 -0.74 -55.12
CA GLU A 157 -1.13 0.69 -54.86
C GLU A 157 -1.13 1.02 -53.36
N GLN A 158 -0.77 2.26 -53.02
CA GLN A 158 -0.80 2.75 -51.66
C GLN A 158 -2.07 3.55 -51.43
N PHE A 159 -2.72 3.42 -50.27
CA PHE A 159 -3.89 4.28 -49.96
C PHE A 159 -3.95 4.76 -48.52
N ARG A 160 -4.73 5.79 -48.28
CA ARG A 160 -4.85 6.32 -46.95
C ARG A 160 -6.07 5.69 -46.26
N LEU A 161 -5.82 5.02 -45.15
CA LEU A 161 -6.82 4.30 -44.43
C LEU A 161 -7.19 5.03 -43.17
N THR A 162 -8.37 5.62 -43.14
CA THR A 162 -8.83 6.32 -41.95
C THR A 162 -9.92 5.46 -41.29
N ILE A 163 -9.84 5.27 -39.98
CA ILE A 163 -10.89 4.54 -39.32
C ILE A 163 -11.41 5.44 -38.24
N ALA A 164 -12.71 5.69 -38.28
CA ALA A 164 -13.33 6.66 -37.40
C ALA A 164 -14.00 5.82 -36.37
N VAL A 165 -13.84 6.12 -35.09
CA VAL A 165 -14.56 5.36 -34.05
C VAL A 165 -15.19 6.30 -33.05
N ASP A 166 -16.45 6.03 -32.76
CA ASP A 166 -17.28 6.86 -31.89
C ASP A 166 -17.50 6.06 -30.65
N ASN A 167 -17.64 6.74 -29.52
CA ASN A 167 -17.89 6.05 -28.24
C ASN A 167 -19.25 6.33 -27.64
N GLU A 168 -20.08 7.13 -28.33
CA GLU A 168 -21.32 7.60 -27.72
C GLU A 168 -22.32 6.51 -27.44
N LEU A 169 -22.86 6.44 -26.24
CA LEU A 169 -23.95 5.51 -25.97
C LEU A 169 -25.25 6.23 -25.84
N THR A 170 -26.31 5.62 -26.37
CA THR A 170 -27.69 6.10 -26.28
C THR A 170 -28.54 4.99 -25.70
N TYR A 171 -29.84 5.25 -25.48
CA TYR A 171 -30.74 4.17 -25.02
C TYR A 171 -30.97 3.07 -26.03
N GLN A 172 -30.41 3.25 -27.22
CA GLN A 172 -30.50 2.29 -28.27
C GLN A 172 -29.15 1.65 -28.56
N THR A 173 -28.04 2.11 -28.00
CA THR A 173 -26.81 1.33 -28.16
C THR A 173 -26.84 0.16 -27.25
N ILE A 174 -25.88 -0.73 -27.44
CA ILE A 174 -25.97 -1.97 -26.70
C ILE A 174 -25.53 -2.00 -25.28
N PRO A 175 -24.32 -1.52 -24.97
CA PRO A 175 -24.63 -1.07 -23.61
C PRO A 175 -25.31 0.29 -23.84
N PRO A 176 -26.48 0.50 -23.23
CA PRO A 176 -27.12 1.79 -23.45
C PRO A 176 -26.55 2.81 -22.49
N GLY A 177 -26.73 4.07 -22.80
CA GLY A 177 -26.42 5.10 -21.85
C GLY A 177 -26.98 6.41 -22.35
N LYS A 178 -26.41 7.51 -21.85
CA LYS A 178 -26.87 8.82 -22.27
C LYS A 178 -25.88 9.92 -21.98
N VAL A 179 -25.59 10.68 -23.03
CA VAL A 179 -24.74 11.83 -22.92
C VAL A 179 -25.51 12.96 -22.28
N GLU A 180 -24.84 13.70 -21.40
CA GLU A 180 -25.38 14.92 -20.80
C GLU A 180 -24.36 16.03 -20.93
N ILE A 181 -24.84 17.23 -20.62
CA ILE A 181 -24.03 18.44 -20.59
C ILE A 181 -24.05 19.05 -19.19
N LEU A 182 -22.86 19.27 -18.65
CA LEU A 182 -22.70 19.96 -17.41
C LEU A 182 -23.07 21.46 -17.59
N GLU A 183 -24.00 21.91 -16.74
CA GLU A 183 -24.57 23.24 -16.82
C GLU A 183 -23.53 24.32 -16.84
N ALA A 184 -22.66 24.31 -15.85
CA ALA A 184 -21.84 25.47 -15.66
C ALA A 184 -20.80 25.62 -16.75
N THR A 185 -20.15 24.52 -17.14
CA THR A 185 -19.03 24.60 -18.08
C THR A 185 -19.33 24.14 -19.48
N GLY A 186 -20.48 23.51 -19.71
CA GLY A 186 -20.80 22.99 -21.03
C GLY A 186 -20.02 21.75 -21.46
N LYS A 187 -19.29 21.11 -20.56
CA LYS A 187 -18.58 19.88 -20.88
C LYS A 187 -19.51 18.70 -21.09
N LYS A 188 -19.37 18.07 -22.24
CA LYS A 188 -20.04 16.84 -22.52
C LYS A 188 -19.58 15.73 -21.60
N VAL A 189 -20.52 14.97 -21.13
CA VAL A 189 -20.24 13.91 -20.19
C VAL A 189 -21.08 12.72 -20.58
N GLN A 190 -20.61 11.52 -20.28
CA GLN A 190 -21.28 10.29 -20.71
C GLN A 190 -21.76 9.49 -19.51
N THR A 191 -23.06 9.35 -19.37
CA THR A 191 -23.64 8.48 -18.37
C THR A 191 -24.00 7.11 -18.98
N TYR A 192 -24.00 6.11 -18.10
CA TYR A 192 -24.32 4.75 -18.42
C TYR A 192 -24.53 4.01 -17.12
N GLN A 193 -25.11 2.81 -17.18
CA GLN A 193 -25.51 2.08 -15.92
C GLN A 193 -24.64 0.90 -15.61
N HIS A 194 -23.53 0.70 -16.32
CA HIS A 194 -22.70 -0.43 -16.04
C HIS A 194 -21.46 0.07 -15.34
N ASP A 195 -20.79 -0.85 -14.65
CA ASP A 195 -19.64 -0.52 -13.82
C ASP A 195 -18.42 -0.21 -14.65
N PHE A 196 -17.79 -1.25 -15.19
CA PHE A 196 -16.55 -1.04 -15.98
C PHE A 196 -16.45 0.24 -16.83
N TYR A 197 -15.26 0.81 -16.90
CA TYR A 197 -15.12 2.12 -17.59
C TYR A 197 -15.39 1.96 -19.09
N ASN A 198 -15.97 3.00 -19.71
CA ASN A 198 -16.30 3.01 -21.15
C ASN A 198 -15.10 3.24 -22.08
N TYR A 199 -14.07 2.43 -21.94
CA TYR A 199 -12.90 2.59 -22.80
C TYR A 199 -13.34 2.50 -24.27
N ALA A 200 -12.77 3.31 -25.14
CA ALA A 200 -13.08 3.20 -26.59
C ALA A 200 -11.83 3.10 -27.46
N GLY A 201 -12.07 2.88 -28.75
CA GLY A 201 -11.04 2.86 -29.76
C GLY A 201 -11.03 1.53 -30.50
N LEU A 202 -9.88 1.26 -31.14
CA LEU A 202 -9.58 0.02 -31.79
C LEU A 202 -8.87 -0.89 -30.79
N ALA A 203 -9.61 -1.53 -29.93
CA ALA A 203 -9.04 -2.30 -28.90
C ALA A 203 -8.65 -3.69 -29.42
N ARG A 204 -8.93 -4.01 -30.68
CA ARG A 204 -8.46 -5.27 -31.23
C ARG A 204 -7.88 -5.08 -32.61
N SER A 205 -7.19 -6.08 -33.13
CA SER A 205 -6.27 -5.85 -34.22
C SER A 205 -6.95 -5.61 -35.52
N VAL A 206 -6.21 -5.02 -36.44
CA VAL A 206 -6.69 -4.63 -37.75
C VAL A 206 -5.86 -5.31 -38.85
N TRP A 207 -6.53 -5.70 -39.92
CA TRP A 207 -5.86 -6.52 -40.92
C TRP A 207 -6.16 -6.11 -42.34
N LEU A 208 -5.13 -6.30 -43.19
CA LEU A 208 -5.34 -6.42 -44.64
C LEU A 208 -5.13 -7.87 -45.03
N TYR A 209 -6.10 -8.45 -45.73
CA TYR A 209 -5.99 -9.87 -46.15
C TYR A 209 -6.60 -10.11 -47.49
N SER A 210 -6.31 -11.28 -48.03
CA SER A 210 -6.75 -11.62 -49.38
C SER A 210 -7.46 -12.97 -49.39
N VAL A 211 -8.46 -13.08 -50.25
CA VAL A 211 -9.00 -14.37 -50.61
C VAL A 211 -9.13 -14.45 -52.11
N PRO A 212 -9.12 -15.69 -52.63
CA PRO A 212 -9.44 -15.93 -54.03
C PRO A 212 -10.88 -15.53 -54.40
N GLN A 213 -11.14 -15.40 -55.71
CA GLN A 213 -12.49 -15.02 -56.24
C GLN A 213 -13.54 -16.01 -55.79
N GLN A 214 -13.20 -17.27 -55.93
CA GLN A 214 -14.01 -18.31 -55.35
C GLN A 214 -13.43 -18.53 -53.97
N HIS A 215 -14.18 -18.15 -52.95
CA HIS A 215 -13.69 -18.36 -51.62
C HIS A 215 -14.73 -18.86 -50.63
N ILE A 216 -14.23 -19.51 -49.58
CA ILE A 216 -15.05 -19.83 -48.42
C ILE A 216 -15.28 -18.59 -47.53
N GLN A 217 -16.54 -18.44 -47.13
CA GLN A 217 -17.00 -17.25 -46.45
C GLN A 217 -17.36 -17.57 -45.03
N ASP A 218 -18.04 -18.69 -44.85
CA ASP A 218 -18.41 -19.11 -43.52
C ASP A 218 -18.43 -20.62 -43.49
N ILE A 219 -18.23 -21.15 -42.30
CA ILE A 219 -18.33 -22.57 -42.02
C ILE A 219 -19.05 -22.73 -40.72
N THR A 220 -20.06 -23.59 -40.67
CA THR A 220 -20.64 -24.01 -39.42
C THR A 220 -20.37 -25.49 -39.07
N VAL A 221 -19.96 -25.77 -37.84
CA VAL A 221 -19.73 -27.14 -37.37
C VAL A 221 -20.52 -27.41 -36.11
N ARG A 222 -21.26 -28.51 -36.09
CA ARG A 222 -21.99 -28.96 -34.92
C ARG A 222 -21.57 -30.37 -34.63
N THR A 223 -21.37 -30.68 -33.36
CA THR A 223 -20.79 -31.95 -33.00
C THR A 223 -21.68 -32.68 -32.04
N ASP A 224 -22.03 -33.90 -32.44
CA ASP A 224 -22.68 -34.84 -31.56
C ASP A 224 -21.77 -36.02 -31.33
N VAL A 225 -22.18 -36.85 -30.38
CA VAL A 225 -21.49 -38.08 -30.07
C VAL A 225 -22.51 -39.19 -29.98
N GLN A 226 -22.20 -40.33 -30.58
CA GLN A 226 -23.03 -41.53 -30.50
C GLN A 226 -22.15 -42.69 -30.12
N GLY A 227 -22.24 -43.10 -28.87
CA GLY A 227 -21.27 -44.00 -28.30
C GLY A 227 -19.84 -43.44 -28.34
N THR A 228 -18.96 -44.20 -28.98
CA THR A 228 -17.56 -43.91 -29.13
C THR A 228 -17.30 -43.13 -30.45
N THR A 229 -18.38 -42.89 -31.19
CA THR A 229 -18.30 -42.28 -32.50
C THR A 229 -18.71 -40.82 -32.43
N GLY A 230 -17.85 -39.95 -32.90
CA GLY A 230 -18.20 -38.55 -32.98
C GLY A 230 -18.80 -38.26 -34.33
N LEU A 231 -19.58 -37.20 -34.42
CA LEU A 231 -20.09 -36.79 -35.72
C LEU A 231 -20.11 -35.31 -35.83
N ILE A 232 -19.58 -34.86 -36.97
CA ILE A 232 -19.59 -33.47 -37.37
C ILE A 232 -20.67 -33.20 -38.41
N ASP A 233 -21.64 -32.36 -38.06
CA ASP A 233 -22.53 -31.76 -39.04
C ASP A 233 -21.92 -30.49 -39.54
N TYR A 234 -21.56 -30.44 -40.82
CA TYR A 234 -20.88 -29.26 -41.33
C TYR A 234 -21.65 -28.64 -42.41
N ASN A 235 -21.45 -27.35 -42.52
CA ASN A 235 -22.04 -26.60 -43.59
C ASN A 235 -21.06 -25.55 -44.01
N VAL A 236 -20.70 -25.53 -45.29
CA VAL A 236 -19.74 -24.54 -45.81
C VAL A 236 -20.48 -23.58 -46.72
N VAL A 237 -20.19 -22.30 -46.62
CA VAL A 237 -20.79 -21.30 -47.48
C VAL A 237 -19.65 -20.69 -48.26
N ALA A 238 -19.76 -20.74 -49.58
CA ALA A 238 -18.73 -20.28 -50.50
C ALA A 238 -19.27 -19.32 -51.60
N SER A 239 -18.43 -18.37 -52.03
CA SER A 239 -18.84 -17.34 -52.98
C SER A 239 -19.24 -17.96 -54.31
N THR A 240 -18.64 -19.08 -54.66
CA THR A 240 -19.21 -19.86 -55.76
C THR A 240 -19.24 -21.39 -55.64
N THR A 241 -20.16 -21.95 -56.42
CA THR A 241 -20.38 -23.38 -56.60
C THR A 241 -19.89 -23.84 -57.99
N GLN A 242 -19.13 -23.00 -58.70
CA GLN A 242 -18.32 -23.43 -59.84
C GLN A 242 -17.10 -24.15 -59.26
N GLY A 243 -17.00 -25.44 -59.47
CA GLY A 243 -16.03 -26.21 -58.73
C GLY A 243 -16.54 -26.42 -57.32
N THR A 244 -16.07 -27.48 -56.68
CA THR A 244 -16.78 -28.09 -55.58
C THR A 244 -16.03 -28.05 -54.25
N ILE A 245 -16.72 -28.51 -53.23
CA ILE A 245 -16.22 -28.51 -51.87
C ILE A 245 -15.79 -29.88 -51.34
N GLN A 246 -14.58 -29.90 -50.78
CA GLN A 246 -13.97 -31.10 -50.19
C GLN A 246 -13.63 -30.80 -48.73
N VAL A 247 -13.75 -31.82 -47.89
CA VAL A 247 -13.47 -31.72 -46.49
C VAL A 247 -12.58 -32.86 -46.09
N ALA A 248 -11.60 -32.55 -45.25
CA ALA A 248 -10.85 -33.58 -44.56
C ALA A 248 -10.83 -33.21 -43.09
N VAL A 249 -10.77 -34.22 -42.25
CA VAL A 249 -10.70 -34.05 -40.83
C VAL A 249 -9.46 -34.76 -40.38
N ILE A 250 -8.54 -34.02 -39.78
CA ILE A 250 -7.23 -34.55 -39.46
C ILE A 250 -7.05 -34.45 -37.94
N ASP A 251 -6.53 -35.51 -37.33
CA ASP A 251 -6.37 -35.58 -35.89
C ASP A 251 -5.10 -34.89 -35.40
N GLU A 252 -4.90 -34.81 -34.10
CA GLU A 252 -3.71 -34.15 -33.55
C GLU A 252 -2.36 -34.74 -33.98
N ASP A 253 -2.34 -36.00 -34.44
CA ASP A 253 -1.15 -36.66 -35.01
C ASP A 253 -0.96 -36.42 -36.49
N GLY A 254 -1.89 -35.72 -37.15
CA GLY A 254 -1.77 -35.50 -38.61
C GLY A 254 -2.36 -36.56 -39.56
N THR A 255 -3.06 -37.54 -39.00
CA THR A 255 -3.62 -38.60 -39.82
C THR A 255 -5.06 -38.19 -40.18
N THR A 256 -5.41 -38.30 -41.46
CA THR A 256 -6.74 -37.94 -41.91
C THR A 256 -7.72 -38.99 -41.41
N VAL A 257 -8.70 -38.59 -40.62
CA VAL A 257 -9.53 -39.56 -39.92
C VAL A 257 -10.97 -39.69 -40.53
N ALA A 258 -11.29 -38.80 -41.45
CA ALA A 258 -12.56 -38.85 -42.19
C ALA A 258 -12.49 -37.89 -43.36
N THR A 259 -13.31 -38.15 -44.37
CA THR A 259 -13.42 -37.28 -45.55
C THR A 259 -14.89 -37.12 -45.95
N SER A 260 -15.15 -36.01 -46.64
CA SER A 260 -16.47 -35.75 -47.18
C SER A 260 -16.44 -34.83 -48.41
N SER A 261 -17.46 -34.93 -49.27
CA SER A 261 -17.59 -34.03 -50.44
C SER A 261 -18.86 -33.21 -50.39
N GLY A 262 -18.85 -32.02 -50.96
CA GLY A 262 -20.05 -31.19 -50.98
C GLY A 262 -20.13 -30.19 -49.84
N SER A 263 -20.87 -29.11 -50.07
CA SER A 263 -20.88 -27.93 -49.17
C SER A 263 -21.50 -28.24 -47.81
N ASN A 264 -22.28 -29.31 -47.76
CA ASN A 264 -22.96 -29.67 -46.56
C ASN A 264 -23.00 -31.13 -46.42
N GLY A 265 -22.91 -31.62 -45.19
CA GLY A 265 -22.79 -33.03 -44.93
C GLY A 265 -22.68 -33.38 -43.47
N THR A 266 -22.59 -34.68 -43.19
CA THR A 266 -22.37 -35.16 -41.84
C THR A 266 -21.26 -36.21 -41.88
N ILE A 267 -20.27 -36.04 -41.01
CA ILE A 267 -19.10 -36.88 -40.99
C ILE A 267 -19.11 -37.70 -39.70
N HIS A 268 -18.72 -38.97 -39.77
CA HIS A 268 -18.55 -39.77 -38.57
C HIS A 268 -17.08 -39.92 -38.32
N ILE A 269 -16.74 -39.93 -37.03
CA ILE A 269 -15.36 -40.10 -36.61
C ILE A 269 -15.32 -41.26 -35.64
N PRO A 270 -14.89 -42.41 -36.11
CA PRO A 270 -14.77 -43.59 -35.25
C PRO A 270 -13.75 -43.45 -34.12
N SER A 271 -14.16 -43.86 -32.93
CA SER A 271 -13.30 -43.85 -31.77
C SER A 271 -12.80 -42.45 -31.48
N VAL A 272 -13.70 -41.49 -31.42
CA VAL A 272 -13.27 -40.10 -31.28
C VAL A 272 -12.50 -39.87 -30.02
N HIS A 273 -11.53 -38.96 -30.10
CA HIS A 273 -11.06 -38.27 -28.90
C HIS A 273 -11.92 -37.01 -28.65
N LEU A 274 -12.80 -37.12 -27.65
CA LEU A 274 -13.66 -36.02 -27.19
C LEU A 274 -12.85 -34.86 -26.67
N TRP A 275 -13.38 -33.65 -26.85
CA TRP A 275 -12.85 -32.48 -26.20
C TRP A 275 -13.41 -32.52 -24.79
N GLN A 276 -12.55 -32.45 -23.79
CA GLN A 276 -13.01 -32.51 -22.41
C GLN A 276 -12.58 -31.30 -21.60
N PRO A 277 -13.46 -30.85 -20.70
CA PRO A 277 -13.26 -29.78 -19.74
C PRO A 277 -11.88 -29.64 -19.11
N GLY A 278 -11.08 -30.66 -18.96
CA GLY A 278 -9.70 -30.34 -18.59
C GLY A 278 -8.69 -30.99 -19.46
N ALA A 279 -9.13 -31.48 -20.59
CA ALA A 279 -8.26 -32.15 -21.51
C ALA A 279 -8.77 -31.78 -22.91
N ALA A 280 -8.34 -30.66 -23.42
CA ALA A 280 -8.69 -30.32 -24.77
C ALA A 280 -8.17 -31.39 -25.77
N TYR A 281 -8.99 -31.69 -26.77
CA TYR A 281 -8.55 -32.41 -27.94
C TYR A 281 -9.18 -31.71 -29.10
N LEU A 282 -8.39 -31.38 -30.12
CA LEU A 282 -8.88 -30.66 -31.28
C LEU A 282 -8.55 -31.32 -32.60
N TYR A 283 -9.57 -31.72 -33.33
CA TYR A 283 -9.35 -32.12 -34.73
C TYR A 283 -9.27 -30.85 -35.51
N GLN A 284 -8.84 -30.99 -36.74
CA GLN A 284 -8.57 -29.85 -37.54
C GLN A 284 -9.35 -30.04 -38.87
N LEU A 285 -10.37 -29.22 -39.11
CA LEU A 285 -11.23 -29.40 -40.28
C LEU A 285 -10.81 -28.54 -41.46
N HIS A 286 -10.39 -29.18 -42.54
CA HIS A 286 -9.89 -28.49 -43.73
C HIS A 286 -10.97 -28.43 -44.80
N ALA A 287 -11.52 -27.24 -45.03
CA ALA A 287 -12.50 -27.07 -46.09
C ALA A 287 -11.82 -26.47 -47.31
N SER A 288 -12.02 -27.10 -48.46
CA SER A 288 -11.36 -26.66 -49.68
C SER A 288 -12.33 -26.49 -50.81
N ILE A 289 -12.01 -25.56 -51.70
CA ILE A 289 -12.64 -25.46 -52.99
C ILE A 289 -11.68 -26.07 -54.03
N ILE A 290 -12.25 -26.94 -54.85
CA ILE A 290 -11.53 -27.77 -55.80
C ILE A 290 -12.03 -27.53 -57.22
N ASP A 291 -11.13 -27.32 -58.18
CA ASP A 291 -11.55 -27.09 -59.58
C ASP A 291 -11.70 -28.40 -60.33
N SER A 292 -12.06 -28.34 -61.61
CA SER A 292 -12.19 -29.56 -62.47
C SER A 292 -11.05 -30.56 -62.31
N SER A 293 -9.80 -30.08 -62.22
CA SER A 293 -8.59 -30.94 -62.07
C SER A 293 -8.23 -31.44 -60.63
N LYS A 294 -9.17 -31.33 -59.70
CA LYS A 294 -8.87 -31.53 -58.26
C LYS A 294 -7.74 -30.60 -57.72
N LYS A 295 -7.55 -29.46 -58.34
CA LYS A 295 -6.58 -28.47 -57.91
C LYS A 295 -7.23 -27.56 -56.86
N THR A 296 -6.60 -27.43 -55.69
CA THR A 296 -7.07 -26.52 -54.62
C THR A 296 -7.04 -25.06 -55.09
N ILE A 297 -8.19 -24.40 -55.11
CA ILE A 297 -8.20 -22.98 -55.43
C ILE A 297 -8.43 -22.11 -54.17
N ASP A 298 -9.00 -22.71 -53.12
CA ASP A 298 -9.10 -22.11 -51.76
C ASP A 298 -9.14 -23.18 -50.67
N THR A 299 -8.69 -22.80 -49.46
CA THR A 299 -8.67 -23.73 -48.34
C THR A 299 -8.71 -22.96 -47.04
N TYR A 300 -9.38 -23.54 -46.03
CA TYR A 300 -9.47 -22.98 -44.69
C TYR A 300 -9.37 -24.11 -43.67
N LYS A 301 -8.61 -23.86 -42.61
CA LYS A 301 -8.40 -24.78 -41.53
C LYS A 301 -9.16 -24.33 -40.29
N LEU A 302 -10.17 -25.10 -39.89
CA LEU A 302 -11.01 -24.80 -38.75
C LEU A 302 -10.86 -25.82 -37.61
N ALA A 303 -10.38 -25.33 -36.46
CA ALA A 303 -10.22 -26.15 -35.27
C ALA A 303 -11.55 -26.57 -34.67
N THR A 304 -11.68 -27.86 -34.34
CA THR A 304 -12.94 -28.43 -33.91
C THR A 304 -12.78 -29.35 -32.71
N GLY A 305 -13.61 -29.10 -31.69
CA GLY A 305 -13.71 -29.99 -30.53
C GLY A 305 -15.03 -30.72 -30.55
N ILE A 306 -15.01 -32.02 -30.35
CA ILE A 306 -16.24 -32.80 -30.42
C ILE A 306 -16.74 -33.03 -29.03
N ARG A 307 -17.94 -32.57 -28.74
CA ARG A 307 -18.45 -32.58 -27.40
C ARG A 307 -19.89 -32.11 -27.41
N THR A 308 -20.64 -32.38 -26.36
CA THR A 308 -22.06 -32.05 -26.30
C THR A 308 -22.38 -31.34 -24.96
N VAL A 309 -23.31 -30.37 -24.99
CA VAL A 309 -23.83 -29.71 -23.82
C VAL A 309 -25.30 -29.98 -23.75
N LYS A 310 -25.78 -30.44 -22.61
CA LYS A 310 -27.19 -30.70 -22.40
C LYS A 310 -27.50 -30.29 -21.00
N VAL A 311 -28.68 -29.77 -20.82
CA VAL A 311 -29.24 -29.46 -19.53
C VAL A 311 -30.35 -30.46 -19.28
N GLN A 312 -30.22 -31.27 -18.23
CA GLN A 312 -31.19 -32.30 -17.79
C GLN A 312 -31.58 -32.04 -16.34
N GLY A 313 -32.83 -31.69 -16.11
CA GLY A 313 -33.23 -31.16 -14.83
C GLY A 313 -32.27 -30.14 -14.26
N THR A 314 -31.67 -30.51 -13.15
CA THR A 314 -30.91 -29.56 -12.37
C THR A 314 -29.43 -29.63 -12.75
N GLN A 315 -29.10 -30.47 -13.73
CA GLN A 315 -27.73 -30.76 -14.09
C GLN A 315 -27.33 -30.16 -15.41
N PHE A 316 -26.07 -29.74 -15.50
CA PHE A 316 -25.47 -29.18 -16.68
C PHE A 316 -24.48 -30.24 -17.14
N LEU A 317 -24.75 -30.84 -18.28
CA LEU A 317 -23.94 -31.99 -18.70
C LEU A 317 -23.04 -31.63 -19.85
N ILE A 318 -21.74 -31.88 -19.69
CA ILE A 318 -20.79 -31.90 -20.79
C ILE A 318 -20.39 -33.35 -21.08
N ASN A 319 -20.48 -33.75 -22.34
CA ASN A 319 -20.31 -35.15 -22.79
C ASN A 319 -21.04 -36.17 -21.90
N ASP A 320 -22.32 -35.89 -21.67
CA ASP A 320 -23.18 -36.70 -20.81
C ASP A 320 -22.76 -36.80 -19.33
N LYS A 321 -21.85 -35.95 -18.85
CA LYS A 321 -21.47 -36.02 -17.45
C LYS A 321 -21.55 -34.65 -16.68
N PRO A 322 -22.11 -34.68 -15.46
CA PRO A 322 -22.35 -33.48 -14.68
C PRO A 322 -21.10 -32.66 -14.54
N PHE A 323 -21.27 -31.35 -14.69
CA PHE A 323 -20.15 -30.39 -14.65
C PHE A 323 -20.49 -29.28 -13.70
N TYR A 324 -19.47 -28.82 -13.02
CA TYR A 324 -19.64 -27.78 -12.03
C TYR A 324 -18.70 -26.64 -12.35
N PHE A 325 -19.25 -25.50 -12.73
CA PHE A 325 -18.37 -24.37 -13.07
C PHE A 325 -17.50 -23.96 -11.87
N THR A 326 -16.22 -23.74 -12.07
CA THR A 326 -15.46 -22.99 -11.11
C THR A 326 -14.62 -21.97 -11.88
N GLY A 327 -14.49 -20.76 -11.33
CA GLY A 327 -13.64 -19.75 -11.89
C GLY A 327 -14.19 -18.35 -11.64
N PHE A 328 -14.29 -17.56 -12.71
CA PHE A 328 -14.59 -16.14 -12.58
C PHE A 328 -15.45 -15.54 -13.68
N GLY A 329 -15.98 -14.39 -13.35
CA GLY A 329 -16.38 -13.43 -14.33
C GLY A 329 -15.13 -12.61 -14.44
N LYS A 330 -14.76 -12.28 -15.68
CA LYS A 330 -13.51 -11.57 -15.97
C LYS A 330 -13.81 -10.15 -16.50
N HIS A 331 -12.78 -9.50 -17.04
CA HIS A 331 -12.90 -8.30 -17.88
C HIS A 331 -11.68 -8.17 -18.80
N GLU A 332 -11.87 -7.65 -20.01
CA GLU A 332 -10.74 -7.21 -20.84
C GLU A 332 -10.30 -5.85 -20.30
N ASP A 333 -9.30 -5.89 -19.42
CA ASP A 333 -8.82 -4.69 -18.71
C ASP A 333 -7.39 -4.86 -18.19
N THR A 334 -6.51 -3.99 -18.68
CA THR A 334 -5.12 -3.93 -18.20
C THR A 334 -4.63 -2.52 -18.12
N ASN A 335 -3.60 -2.35 -17.31
CA ASN A 335 -3.14 -1.05 -16.92
C ASN A 335 -3.09 0.03 -18.05
N ILE A 336 -2.46 -0.17 -19.16
CA ILE A 336 -2.38 1.11 -19.95
C ILE A 336 -3.20 1.15 -21.23
N ARG A 337 -3.43 -0.05 -21.77
CA ARG A 337 -4.09 -0.22 -23.00
C ARG A 337 -5.54 -0.54 -22.80
N GLY A 338 -6.06 -0.30 -21.59
CA GLY A 338 -7.50 -0.37 -21.39
C GLY A 338 -8.02 -1.75 -21.70
N LYS A 339 -8.84 -1.84 -22.73
CA LYS A 339 -9.47 -3.09 -23.10
C LYS A 339 -8.74 -3.74 -24.26
N GLY A 340 -7.59 -3.19 -24.64
CA GLY A 340 -6.90 -3.72 -25.78
C GLY A 340 -6.45 -5.15 -25.52
N HIS A 341 -6.50 -5.96 -26.54
CA HIS A 341 -6.06 -7.33 -26.43
C HIS A 341 -4.58 -7.42 -26.12
N ASP A 342 -4.24 -8.30 -25.19
CA ASP A 342 -2.88 -8.50 -24.79
C ASP A 342 -2.57 -9.99 -24.60
N ASP A 343 -1.91 -10.57 -25.59
CA ASP A 343 -1.29 -11.90 -25.54
C ASP A 343 -0.64 -12.36 -24.20
N ALA A 344 0.21 -11.53 -23.62
CA ALA A 344 0.88 -11.93 -22.40
C ALA A 344 -0.09 -12.10 -21.21
N TYR A 345 -0.89 -11.08 -20.93
CA TYR A 345 -1.86 -11.12 -19.85
C TYR A 345 -2.87 -12.23 -20.04
N MET A 346 -3.27 -12.48 -21.28
CA MET A 346 -4.10 -13.66 -21.62
C MET A 346 -3.42 -14.99 -21.17
N VAL A 347 -2.23 -15.24 -21.64
CA VAL A 347 -1.58 -16.48 -21.31
C VAL A 347 -1.31 -16.53 -19.79
N HIS A 348 -0.93 -15.40 -19.22
CA HIS A 348 -0.73 -15.36 -17.78
C HIS A 348 -2.03 -15.63 -17.07
N ASP A 349 -3.07 -14.90 -17.45
CA ASP A 349 -4.41 -15.10 -16.85
C ASP A 349 -4.87 -16.54 -16.83
N PHE A 350 -4.68 -17.23 -17.94
CA PHE A 350 -4.94 -18.69 -17.98
C PHE A 350 -4.04 -19.55 -17.05
N GLN A 351 -2.78 -19.18 -16.94
CA GLN A 351 -1.90 -19.89 -16.08
C GLN A 351 -2.37 -19.77 -14.67
N LEU A 352 -2.89 -18.58 -14.33
CA LEU A 352 -3.36 -18.34 -12.97
C LEU A 352 -4.65 -19.14 -12.76
N LEU A 353 -5.47 -19.29 -13.80
CA LEU A 353 -6.67 -20.15 -13.74
C LEU A 353 -6.27 -21.60 -13.44
N HIS A 354 -5.31 -22.12 -14.18
CA HIS A 354 -4.86 -23.48 -13.90
C HIS A 354 -4.27 -23.59 -12.51
N TRP A 355 -3.51 -22.57 -12.10
CA TRP A 355 -2.75 -22.62 -10.84
C TRP A 355 -3.71 -22.77 -9.67
N MET A 356 -4.86 -22.11 -9.76
CA MET A 356 -5.87 -22.16 -8.70
C MET A 356 -6.99 -23.18 -8.99
N GLY A 357 -6.83 -23.95 -10.06
CA GLY A 357 -7.78 -25.01 -10.39
C GLY A 357 -9.14 -24.54 -10.87
N ALA A 358 -9.23 -23.34 -11.44
CA ALA A 358 -10.46 -22.83 -12.06
C ALA A 358 -10.67 -23.58 -13.34
N ASN A 359 -11.89 -23.97 -13.63
CA ASN A 359 -12.16 -24.65 -14.89
C ASN A 359 -12.95 -23.82 -15.93
N SER A 360 -13.19 -22.55 -15.63
CA SER A 360 -14.09 -21.76 -16.45
C SER A 360 -14.03 -20.27 -16.14
N PHE A 361 -14.59 -19.49 -17.06
CA PHE A 361 -14.88 -18.08 -16.84
C PHE A 361 -16.05 -17.63 -17.70
N ARG A 362 -16.57 -16.46 -17.39
CA ARG A 362 -17.61 -15.82 -18.22
C ARG A 362 -17.07 -14.56 -18.86
N THR A 363 -17.41 -14.33 -20.14
CA THR A 363 -16.96 -13.10 -20.82
C THR A 363 -17.81 -11.91 -20.39
N SER A 364 -17.68 -11.59 -19.12
CA SER A 364 -18.43 -10.55 -18.46
C SER A 364 -18.51 -9.19 -19.16
N HIS A 365 -19.66 -9.08 -19.79
CA HIS A 365 -20.42 -7.93 -20.17
C HIS A 365 -20.14 -7.52 -21.57
N TYR A 366 -19.50 -8.42 -22.33
CA TYR A 366 -19.22 -8.21 -23.74
C TYR A 366 -18.38 -9.36 -24.23
N PRO A 367 -18.49 -9.70 -25.54
CA PRO A 367 -17.59 -10.70 -26.08
C PRO A 367 -16.16 -10.24 -25.99
N TYR A 368 -15.29 -11.15 -25.56
CA TYR A 368 -13.87 -10.95 -25.56
C TYR A 368 -13.30 -11.15 -26.96
N ALA A 369 -11.99 -10.92 -27.15
CA ALA A 369 -11.30 -11.14 -28.42
C ALA A 369 -11.36 -12.62 -28.82
N GLU A 370 -11.41 -12.85 -30.13
CA GLU A 370 -11.56 -14.22 -30.68
C GLU A 370 -10.44 -15.12 -30.24
N GLU A 371 -9.25 -14.55 -30.17
CA GLU A 371 -8.09 -15.30 -29.75
C GLU A 371 -8.22 -15.92 -28.32
N VAL A 372 -9.00 -15.26 -27.48
CA VAL A 372 -9.25 -15.77 -26.14
C VAL A 372 -10.04 -17.06 -26.27
N MET A 373 -11.05 -17.07 -27.13
CA MET A 373 -11.88 -18.26 -27.33
C MET A 373 -11.11 -19.39 -27.97
N GLU A 374 -10.32 -19.06 -29.00
CA GLU A 374 -9.42 -20.08 -29.56
C GLU A 374 -8.50 -20.68 -28.52
N TYR A 375 -7.92 -19.81 -27.69
CA TYR A 375 -7.00 -20.27 -26.65
C TYR A 375 -7.73 -21.08 -25.61
N ALA A 376 -8.97 -20.70 -25.30
CA ALA A 376 -9.70 -21.48 -24.32
C ALA A 376 -9.92 -22.87 -24.87
N ASP A 377 -10.26 -22.95 -26.18
CA ASP A 377 -10.40 -24.27 -26.85
C ASP A 377 -9.18 -25.14 -26.63
N ARG A 378 -8.00 -24.54 -26.79
CA ARG A 378 -6.77 -25.28 -26.62
C ARG A 378 -6.41 -25.59 -25.14
N GLN A 379 -6.80 -24.70 -24.24
CA GLN A 379 -6.49 -24.87 -22.82
C GLN A 379 -7.48 -25.79 -22.05
N GLY A 380 -8.55 -26.23 -22.71
CA GLY A 380 -9.59 -27.03 -22.07
C GLY A 380 -10.40 -26.23 -21.08
N ILE A 381 -10.54 -24.93 -21.33
CA ILE A 381 -11.25 -24.05 -20.42
C ILE A 381 -12.65 -23.83 -20.96
N VAL A 382 -13.64 -23.84 -20.06
CA VAL A 382 -15.03 -23.65 -20.41
C VAL A 382 -15.46 -22.17 -20.25
N VAL A 383 -16.30 -21.71 -21.17
CA VAL A 383 -16.61 -20.31 -21.32
C VAL A 383 -18.15 -20.04 -21.39
N ILE A 384 -18.65 -19.23 -20.46
CA ILE A 384 -19.95 -18.61 -20.62
C ILE A 384 -19.72 -17.34 -21.45
N ASP A 385 -20.25 -17.37 -22.65
CA ASP A 385 -20.01 -16.33 -23.66
C ASP A 385 -21.17 -15.32 -23.68
N GLU A 386 -20.85 -14.05 -23.48
CA GLU A 386 -21.89 -13.06 -23.18
C GLU A 386 -21.88 -11.84 -24.10
N THR A 387 -23.08 -11.38 -24.43
CA THR A 387 -23.25 -10.22 -25.29
C THR A 387 -22.86 -8.99 -24.53
N PRO A 388 -22.85 -7.85 -25.22
CA PRO A 388 -22.62 -6.60 -24.56
C PRO A 388 -23.78 -6.04 -23.78
N ALA A 389 -24.80 -6.83 -23.51
CA ALA A 389 -26.04 -6.26 -23.02
C ALA A 389 -26.12 -6.17 -21.48
N VAL A 390 -25.28 -5.29 -20.92
CA VAL A 390 -25.40 -4.82 -19.56
C VAL A 390 -26.08 -3.47 -19.52
N GLY A 391 -26.53 -3.08 -18.34
CA GLY A 391 -27.05 -1.76 -18.15
C GLY A 391 -28.52 -1.56 -18.45
N LEU A 392 -29.26 -2.63 -18.79
CA LEU A 392 -30.69 -2.52 -19.10
C LEU A 392 -31.49 -2.44 -17.81
N ALA A 393 -31.18 -1.44 -16.99
CA ALA A 393 -31.78 -1.24 -15.67
C ALA A 393 -31.52 0.20 -15.20
N PHE A 394 -32.58 0.95 -14.90
CA PHE A 394 -32.41 2.33 -14.40
C PHE A 394 -32.79 2.55 -12.93
N SER A 395 -32.45 1.57 -12.07
CA SER A 395 -32.69 1.64 -10.61
C SER A 395 -31.41 1.40 -9.77
N PRO A 406 -38.52 5.20 -12.45
CA PRO A 406 -38.26 5.32 -13.90
C PRO A 406 -38.30 3.95 -14.61
N ALA A 407 -39.36 3.65 -15.36
CA ALA A 407 -39.55 2.31 -15.96
C ALA A 407 -38.53 2.01 -17.09
N THR A 408 -37.71 0.99 -16.87
CA THR A 408 -36.61 0.57 -17.74
C THR A 408 -37.13 0.17 -19.12
N PHE A 409 -38.12 -0.70 -19.14
CA PHE A 409 -38.64 -1.19 -20.40
C PHE A 409 -39.86 -0.40 -20.84
N SER A 410 -39.61 0.72 -21.50
CA SER A 410 -40.65 1.58 -21.98
C SER A 410 -40.13 2.25 -23.24
N PRO A 411 -41.02 2.92 -23.97
CA PRO A 411 -40.66 3.68 -25.16
C PRO A 411 -39.52 4.64 -24.96
N ASP A 412 -39.47 5.37 -23.85
CA ASP A 412 -38.43 6.39 -23.68
C ASP A 412 -37.21 5.92 -22.96
N ARG A 413 -37.11 4.62 -22.72
CA ARG A 413 -35.91 4.00 -22.17
C ARG A 413 -35.17 2.82 -22.80
N ILE A 414 -35.72 1.62 -22.64
CA ILE A 414 -35.22 0.44 -23.33
C ILE A 414 -36.37 -0.19 -24.12
N ASN A 415 -36.59 0.29 -25.34
CA ASN A 415 -37.73 -0.13 -26.14
C ASN A 415 -37.42 -1.11 -27.27
N ASN A 416 -38.26 -1.09 -28.30
CA ASN A 416 -38.16 -2.01 -29.40
C ASN A 416 -36.92 -1.85 -30.25
N LYS A 417 -36.44 -0.61 -30.34
CA LYS A 417 -35.26 -0.29 -31.15
C LYS A 417 -34.00 -0.74 -30.44
N THR A 418 -34.03 -0.72 -29.13
CA THR A 418 -32.95 -1.31 -28.40
C THR A 418 -32.92 -2.82 -28.57
N ARG A 419 -34.10 -3.42 -28.60
CA ARG A 419 -34.19 -4.85 -28.84
C ARG A 419 -33.62 -5.19 -30.23
N GLU A 420 -33.83 -4.36 -31.24
CA GLU A 420 -33.18 -4.61 -32.52
C GLU A 420 -31.66 -4.71 -32.41
N ALA A 421 -31.05 -3.77 -31.68
CA ALA A 421 -29.61 -3.78 -31.44
C ALA A 421 -29.19 -5.04 -30.66
N HIS A 422 -29.96 -5.38 -29.62
CA HIS A 422 -29.72 -6.60 -28.82
C HIS A 422 -29.79 -7.86 -29.70
N ALA A 423 -30.78 -7.90 -30.58
CA ALA A 423 -30.95 -9.02 -31.51
C ALA A 423 -29.72 -9.11 -32.39
N GLN A 424 -29.27 -7.97 -32.87
CA GLN A 424 -28.08 -7.91 -33.68
C GLN A 424 -26.86 -8.36 -32.91
N ALA A 425 -26.71 -7.93 -31.67
CA ALA A 425 -25.57 -8.37 -30.86
C ALA A 425 -25.53 -9.89 -30.73
N ILE A 426 -26.67 -10.48 -30.35
CA ILE A 426 -26.88 -11.93 -30.31
C ILE A 426 -26.47 -12.58 -31.62
N ARG A 427 -26.94 -12.09 -32.77
CA ARG A 427 -26.56 -12.69 -34.06
C ARG A 427 -25.05 -12.64 -34.29
N GLU A 428 -24.43 -11.48 -34.09
CA GLU A 428 -22.99 -11.33 -34.38
C GLU A 428 -22.13 -12.19 -33.47
N LEU A 429 -22.44 -12.20 -32.18
CA LEU A 429 -21.72 -13.05 -31.22
C LEU A 429 -21.81 -14.51 -31.63
N ILE A 430 -23.04 -14.97 -31.88
CA ILE A 430 -23.24 -16.35 -32.27
C ILE A 430 -22.56 -16.66 -33.60
N HIS A 431 -22.65 -15.75 -34.54
CA HIS A 431 -22.06 -15.99 -35.87
C HIS A 431 -20.54 -16.07 -35.83
N ARG A 432 -19.95 -15.43 -34.85
CA ARG A 432 -18.51 -15.46 -34.69
C ARG A 432 -18.02 -16.62 -33.82
N ASP A 433 -18.74 -16.94 -32.75
CA ASP A 433 -18.22 -17.86 -31.75
C ASP A 433 -18.92 -19.23 -31.73
N LYS A 434 -19.83 -19.48 -32.68
CA LYS A 434 -20.57 -20.78 -32.80
C LYS A 434 -19.74 -22.08 -32.84
N ASN A 435 -18.53 -22.03 -33.40
CA ASN A 435 -17.70 -23.23 -33.56
C ASN A 435 -16.75 -23.54 -32.41
N HIS A 436 -16.76 -22.74 -31.31
CA HIS A 436 -15.87 -23.01 -30.18
C HIS A 436 -16.37 -24.06 -29.25
N PRO A 437 -15.66 -25.18 -29.18
CA PRO A 437 -16.02 -26.16 -28.17
C PRO A 437 -16.01 -25.58 -26.79
N SER A 438 -15.10 -24.66 -26.51
CA SER A 438 -14.99 -24.12 -25.14
C SER A 438 -16.23 -23.34 -24.80
N VAL A 439 -16.86 -22.72 -25.79
CA VAL A 439 -18.06 -21.97 -25.51
C VAL A 439 -19.15 -22.99 -25.26
N VAL A 440 -19.79 -22.83 -24.14
CA VAL A 440 -20.65 -23.84 -23.58
C VAL A 440 -22.09 -23.36 -23.37
N MET A 441 -22.30 -22.04 -23.34
CA MET A 441 -23.63 -21.44 -23.11
C MET A 441 -23.58 -19.96 -23.45
N TRP A 442 -24.72 -19.42 -23.89
CA TRP A 442 -24.81 -18.01 -24.28
C TRP A 442 -25.46 -17.19 -23.16
N SER A 443 -24.79 -16.15 -22.74
CA SER A 443 -25.41 -15.26 -21.79
C SER A 443 -25.90 -14.01 -22.52
N ILE A 444 -27.18 -13.76 -22.39
CA ILE A 444 -27.94 -12.82 -23.21
C ILE A 444 -27.87 -11.39 -22.66
N ALA A 445 -27.56 -11.28 -21.38
CA ALA A 445 -27.59 -10.00 -20.70
C ALA A 445 -27.16 -10.18 -19.28
N ASN A 446 -26.89 -9.04 -18.66
CA ASN A 446 -26.32 -8.97 -17.33
C ASN A 446 -27.00 -7.91 -16.56
N ASP A 447 -27.50 -8.30 -15.40
CA ASP A 447 -28.25 -7.43 -14.54
C ASP A 447 -29.36 -6.62 -15.20
N PRO A 448 -30.13 -7.24 -16.07
CA PRO A 448 -31.32 -6.49 -16.46
C PRO A 448 -32.37 -6.39 -15.37
N ALA A 449 -33.27 -5.43 -15.52
CA ALA A 449 -34.35 -5.20 -14.57
C ALA A 449 -35.52 -6.17 -14.84
N SER A 450 -35.21 -7.45 -14.68
CA SER A 450 -36.11 -8.53 -15.07
C SER A 450 -37.27 -8.73 -14.07
N ASN A 451 -37.39 -7.78 -13.15
CA ASN A 451 -38.49 -7.75 -12.23
C ASN A 451 -39.61 -6.83 -12.69
N GLU A 452 -39.36 -6.01 -13.69
CA GLU A 452 -40.27 -4.93 -14.03
C GLU A 452 -41.16 -5.38 -15.14
N ASP A 453 -42.38 -4.82 -15.16
CA ASP A 453 -43.33 -4.94 -16.27
C ASP A 453 -42.66 -4.53 -17.56
N GLY A 454 -42.90 -5.27 -18.63
CA GLY A 454 -42.26 -5.02 -19.93
C GLY A 454 -41.00 -5.87 -20.20
N ALA A 455 -40.37 -6.31 -19.11
CA ALA A 455 -39.14 -7.06 -19.20
C ALA A 455 -39.39 -8.35 -19.98
N ARG A 456 -40.52 -8.99 -19.71
CA ARG A 456 -40.85 -10.27 -20.35
C ARG A 456 -41.11 -10.11 -21.84
N GLU A 457 -41.92 -9.13 -22.18
CA GLU A 457 -42.19 -8.79 -23.59
C GLU A 457 -40.91 -8.44 -24.34
N TYR A 458 -39.95 -7.82 -23.66
CA TYR A 458 -38.69 -7.45 -24.30
C TYR A 458 -37.79 -8.65 -24.51
N PHE A 459 -37.68 -9.52 -23.52
CA PHE A 459 -36.67 -10.60 -23.59
C PHE A 459 -37.16 -11.83 -24.34
N ALA A 460 -38.46 -12.10 -24.29
CA ALA A 460 -39.00 -13.34 -24.86
C ALA A 460 -38.43 -13.76 -26.22
N PRO A 461 -38.37 -12.83 -27.17
CA PRO A 461 -37.86 -13.34 -28.46
C PRO A 461 -36.36 -13.75 -28.43
N LEU A 462 -35.62 -13.23 -27.46
CA LEU A 462 -34.18 -13.34 -27.55
C LEU A 462 -33.65 -14.75 -27.33
N PRO A 463 -34.05 -15.43 -26.24
CA PRO A 463 -33.60 -16.81 -26.13
C PRO A 463 -34.08 -17.74 -27.28
N LYS A 464 -35.24 -17.43 -27.87
CA LYS A 464 -35.72 -18.11 -29.07
C LYS A 464 -34.81 -17.86 -30.25
N LEU A 465 -34.43 -16.59 -30.44
CA LEU A 465 -33.50 -16.28 -31.50
C LEU A 465 -32.13 -17.00 -31.37
N ALA A 466 -31.60 -17.03 -30.16
CA ALA A 466 -30.32 -17.72 -29.92
C ALA A 466 -30.38 -19.19 -30.22
N ARG A 467 -31.39 -19.86 -29.70
CA ARG A 467 -31.57 -21.31 -29.85
C ARG A 467 -31.84 -21.71 -31.29
N GLN A 468 -32.40 -20.78 -32.07
CA GLN A 468 -32.61 -21.01 -33.46
C GLN A 468 -31.33 -20.79 -34.27
N LEU A 469 -30.53 -19.82 -33.87
CA LEU A 469 -29.21 -19.61 -34.46
C LEU A 469 -28.27 -20.71 -34.08
N ASP A 470 -28.25 -21.08 -32.80
CA ASP A 470 -27.46 -22.20 -32.37
C ASP A 470 -28.22 -23.12 -31.44
N PRO A 471 -28.74 -24.24 -31.96
CA PRO A 471 -29.50 -25.25 -31.16
C PRO A 471 -28.67 -26.19 -30.27
N THR A 472 -27.34 -26.08 -30.31
CA THR A 472 -26.43 -26.99 -29.58
C THR A 472 -26.09 -26.48 -28.20
N ARG A 473 -26.41 -25.23 -27.87
CA ARG A 473 -26.07 -24.70 -26.55
C ARG A 473 -27.28 -24.14 -25.84
N PRO A 474 -27.28 -24.21 -24.50
CA PRO A 474 -28.34 -23.62 -23.69
C PRO A 474 -28.15 -22.12 -23.57
N VAL A 475 -29.21 -21.40 -23.20
CA VAL A 475 -29.19 -19.95 -23.09
C VAL A 475 -29.56 -19.49 -21.69
N THR A 476 -28.85 -18.44 -21.23
CA THR A 476 -29.09 -17.82 -19.94
C THR A 476 -29.00 -16.33 -20.01
N PHE A 477 -29.09 -15.73 -18.83
CA PHE A 477 -28.71 -14.34 -18.57
C PHE A 477 -28.36 -14.25 -17.11
N ALA A 478 -27.75 -13.15 -16.70
CA ALA A 478 -27.34 -13.00 -15.30
C ALA A 478 -28.27 -12.08 -14.56
N ASN A 479 -28.87 -12.68 -13.52
CA ASN A 479 -29.97 -12.10 -12.78
C ASN A 479 -29.45 -11.29 -11.60
N VAL A 480 -30.03 -10.11 -11.42
CA VAL A 480 -29.63 -9.19 -10.37
C VAL A 480 -30.49 -9.39 -9.10
N GLY A 481 -29.94 -9.01 -7.96
CA GLY A 481 -30.59 -9.19 -6.65
C GLY A 481 -32.05 -8.79 -6.54
N LEU A 482 -32.42 -7.72 -7.21
CA LEU A 482 -33.77 -7.17 -7.15
C LEU A 482 -34.77 -8.13 -7.70
N ALA A 483 -34.40 -8.84 -8.75
CA ALA A 483 -35.25 -9.88 -9.34
C ALA A 483 -35.04 -11.19 -8.57
N THR A 484 -35.63 -11.21 -7.38
CA THR A 484 -35.62 -12.39 -6.53
C THR A 484 -36.39 -13.47 -7.26
N TYR A 485 -36.31 -14.70 -6.78
CA TYR A 485 -37.10 -15.81 -7.32
C TYR A 485 -38.59 -15.51 -7.38
N LYS A 486 -39.09 -14.66 -6.50
CA LYS A 486 -40.49 -14.24 -6.59
C LYS A 486 -40.71 -13.20 -7.67
N ALA A 487 -39.84 -12.20 -7.69
CA ALA A 487 -40.07 -10.99 -8.47
C ALA A 487 -39.69 -11.08 -9.95
N ASP A 488 -38.74 -11.98 -10.29
CA ASP A 488 -38.24 -12.11 -11.68
C ASP A 488 -39.30 -12.67 -12.61
N ARG A 489 -39.38 -12.13 -13.83
CA ARG A 489 -40.52 -12.42 -14.71
C ARG A 489 -40.14 -13.06 -16.00
N ILE A 490 -38.92 -13.54 -16.05
CA ILE A 490 -38.25 -13.84 -17.30
C ILE A 490 -37.55 -15.19 -17.20
N ALA A 491 -37.37 -15.70 -15.98
CA ALA A 491 -36.46 -16.80 -15.75
C ALA A 491 -36.89 -18.10 -16.42
N ASP A 492 -38.18 -18.24 -16.64
CA ASP A 492 -38.68 -19.50 -17.17
C ASP A 492 -38.37 -19.62 -18.62
N LEU A 493 -38.02 -18.51 -19.24
CA LEU A 493 -37.72 -18.56 -20.67
C LEU A 493 -36.34 -19.02 -20.95
N PHE A 494 -35.56 -19.32 -19.90
CA PHE A 494 -34.14 -19.71 -20.08
C PHE A 494 -33.85 -21.13 -19.60
N ASP A 495 -32.76 -21.71 -20.12
CA ASP A 495 -32.36 -23.10 -19.80
C ASP A 495 -31.53 -23.24 -18.53
N VAL A 496 -30.78 -22.21 -18.16
CA VAL A 496 -29.98 -22.21 -16.94
C VAL A 496 -30.16 -20.88 -16.27
N LEU A 497 -30.16 -20.87 -14.95
CA LEU A 497 -30.24 -19.65 -14.16
C LEU A 497 -28.88 -19.27 -13.65
N CYS A 498 -28.48 -18.04 -13.92
CA CYS A 498 -27.29 -17.46 -13.38
C CYS A 498 -27.63 -16.29 -12.47
N LEU A 499 -27.09 -16.33 -11.26
CA LEU A 499 -27.38 -15.33 -10.26
C LEU A 499 -26.15 -14.52 -9.88
N ASN A 500 -26.26 -13.19 -9.83
CA ASN A 500 -25.30 -12.33 -9.14
C ASN A 500 -25.83 -11.92 -7.77
N ARG A 501 -25.03 -12.11 -6.71
CA ARG A 501 -25.46 -11.82 -5.33
C ARG A 501 -24.36 -11.28 -4.42
N TYR A 502 -24.66 -10.20 -3.70
CA TYR A 502 -23.69 -9.51 -2.84
C TYR A 502 -24.24 -9.35 -1.45
N PHE A 503 -24.89 -10.40 -0.98
CA PHE A 503 -25.53 -10.33 0.34
C PHE A 503 -24.51 -9.83 1.34
N GLY A 504 -23.31 -10.40 1.28
CA GLY A 504 -22.28 -10.01 2.25
C GLY A 504 -21.87 -8.54 2.24
N TRP A 505 -21.84 -7.98 1.05
CA TRP A 505 -21.16 -6.72 0.83
C TRP A 505 -22.14 -5.52 0.79
N TYR A 506 -23.10 -5.54 -0.13
CA TYR A 506 -23.95 -4.36 -0.36
C TYR A 506 -25.19 -4.18 0.60
N THR A 507 -25.72 -5.25 1.20
CA THR A 507 -27.01 -5.15 1.90
C THR A 507 -26.95 -5.49 3.41
N GLN A 508 -26.42 -6.67 3.71
CA GLN A 508 -26.24 -7.07 5.09
C GLN A 508 -24.79 -6.94 5.39
N THR A 509 -24.38 -5.67 5.44
CA THR A 509 -23.01 -5.22 5.30
C THR A 509 -22.18 -5.63 6.50
N ALA A 510 -21.22 -6.50 6.21
CA ALA A 510 -20.32 -7.08 7.19
C ALA A 510 -21.01 -8.03 8.17
N GLU A 511 -22.30 -8.26 7.96
CA GLU A 511 -23.08 -9.16 8.81
C GLU A 511 -23.22 -10.46 8.04
N LEU A 512 -22.16 -11.26 8.05
CA LEU A 512 -22.14 -12.51 7.29
C LEU A 512 -23.23 -13.52 7.73
N ASP A 513 -23.51 -13.58 9.04
CA ASP A 513 -24.54 -14.47 9.59
C ASP A 513 -25.86 -14.04 9.06
N GLU A 514 -26.10 -12.74 8.98
CA GLU A 514 -27.34 -12.23 8.35
C GLU A 514 -27.31 -12.51 6.84
N ALA A 515 -26.16 -12.31 6.18
CA ALA A 515 -26.05 -12.58 4.75
C ALA A 515 -26.27 -14.08 4.39
N GLU A 516 -25.74 -14.94 5.25
CA GLU A 516 -25.85 -16.38 5.10
C GLU A 516 -27.36 -16.77 5.11
N ALA A 517 -28.10 -16.35 6.13
CA ALA A 517 -29.53 -16.66 6.19
C ALA A 517 -30.26 -16.16 4.97
N ALA A 518 -29.95 -14.95 4.50
CA ALA A 518 -30.67 -14.36 3.35
C ALA A 518 -30.27 -15.01 2.02
N LEU A 519 -29.00 -15.42 1.94
CA LEU A 519 -28.48 -16.16 0.78
C LEU A 519 -29.17 -17.51 0.61
N GLU A 520 -29.28 -18.30 1.68
CA GLU A 520 -29.93 -19.62 1.56
C GLU A 520 -31.45 -19.53 1.49
N GLU A 521 -32.04 -18.42 1.92
CA GLU A 521 -33.50 -18.23 1.79
C GLU A 521 -33.74 -18.13 0.29
N GLU A 522 -33.06 -17.17 -0.33
CA GLU A 522 -33.12 -16.89 -1.75
C GLU A 522 -32.86 -18.14 -2.61
N LEU A 523 -31.77 -18.87 -2.35
CA LEU A 523 -31.52 -20.15 -3.06
C LEU A 523 -32.60 -21.24 -2.84
N ARG A 524 -33.19 -21.28 -1.67
CA ARG A 524 -34.25 -22.23 -1.47
C ARG A 524 -35.39 -21.86 -2.41
N GLY A 525 -35.76 -20.57 -2.41
CA GLY A 525 -36.75 -20.04 -3.34
C GLY A 525 -36.51 -20.47 -4.77
N TRP A 526 -35.29 -20.29 -5.28
CA TRP A 526 -34.97 -20.64 -6.66
C TRP A 526 -35.04 -22.14 -6.90
N THR A 527 -34.48 -22.96 -6.00
CA THR A 527 -34.53 -24.41 -6.19
C THR A 527 -35.97 -24.94 -6.07
N GLU A 528 -36.76 -24.32 -5.23
CA GLU A 528 -38.09 -24.78 -5.02
C GLU A 528 -38.93 -24.49 -6.25
N LYS A 529 -38.66 -23.37 -6.90
CA LYS A 529 -39.53 -22.86 -7.98
C LYS A 529 -39.15 -23.37 -9.38
N TYR A 530 -37.87 -23.60 -9.63
CA TYR A 530 -37.43 -24.08 -10.95
C TYR A 530 -36.64 -25.40 -10.92
N ASP A 531 -36.90 -26.26 -11.90
CA ASP A 531 -36.09 -27.44 -12.12
C ASP A 531 -35.05 -27.08 -13.21
N LYS A 532 -34.01 -26.34 -12.80
CA LYS A 532 -32.92 -25.89 -13.69
C LYS A 532 -31.60 -25.77 -12.94
N PRO A 533 -30.45 -25.80 -13.66
CA PRO A 533 -29.17 -25.65 -12.98
C PRO A 533 -28.95 -24.24 -12.55
N ILE A 534 -28.30 -24.07 -11.40
CA ILE A 534 -28.01 -22.74 -10.86
C ILE A 534 -26.51 -22.48 -10.79
N VAL A 535 -26.10 -21.38 -11.39
CA VAL A 535 -24.71 -20.97 -11.32
C VAL A 535 -24.70 -19.57 -10.70
N MET A 536 -23.93 -19.38 -9.64
CA MET A 536 -23.67 -18.04 -9.16
C MET A 536 -22.60 -17.44 -10.04
N THR A 537 -22.98 -16.44 -10.80
CA THR A 537 -22.02 -15.75 -11.65
C THR A 537 -21.35 -14.47 -11.06
N ASP A 538 -21.95 -13.83 -10.05
CA ASP A 538 -21.24 -12.80 -9.25
C ASP A 538 -21.41 -13.09 -7.78
N TYR A 539 -20.32 -12.93 -7.04
CA TYR A 539 -20.29 -12.90 -5.57
C TYR A 539 -18.89 -12.50 -5.11
N GLY A 540 -18.78 -11.47 -4.29
CA GLY A 540 -17.49 -10.97 -3.84
C GLY A 540 -17.53 -9.70 -3.05
N ALA A 541 -16.35 -9.12 -2.80
CA ALA A 541 -16.18 -7.94 -1.92
C ALA A 541 -15.01 -7.09 -2.35
N ASP A 542 -15.17 -5.76 -2.33
CA ASP A 542 -14.06 -4.88 -2.70
C ASP A 542 -13.00 -5.10 -1.66
N THR A 543 -11.76 -5.13 -2.12
CA THR A 543 -10.67 -5.53 -1.27
C THR A 543 -9.40 -4.83 -1.76
N VAL A 544 -8.72 -4.12 -0.87
CA VAL A 544 -7.50 -3.42 -1.19
C VAL A 544 -6.34 -4.26 -0.73
N ALA A 545 -5.49 -4.65 -1.65
CA ALA A 545 -4.24 -5.34 -1.30
C ALA A 545 -3.49 -4.68 -0.14
N GLY A 546 -3.19 -5.45 0.89
CA GLY A 546 -2.44 -4.95 2.00
C GLY A 546 -3.31 -4.48 3.16
N LEU A 547 -4.59 -4.30 2.91
CA LEU A 547 -5.48 -3.83 3.99
C LEU A 547 -5.95 -5.05 4.74
N HIS A 548 -5.57 -5.14 6.01
CA HIS A 548 -5.70 -6.33 6.80
C HIS A 548 -6.33 -6.01 8.14
N SER A 549 -7.04 -6.99 8.69
CA SER A 549 -7.73 -6.85 9.93
C SER A 549 -8.06 -8.21 10.50
N VAL A 550 -7.85 -8.36 11.81
CA VAL A 550 -8.30 -9.56 12.53
C VAL A 550 -9.78 -9.48 12.90
N MET A 551 -10.35 -8.29 12.75
CA MET A 551 -11.80 -8.10 12.90
C MET A 551 -12.52 -8.34 11.57
N VAL A 552 -13.84 -8.36 11.61
CA VAL A 552 -14.63 -8.52 10.39
C VAL A 552 -14.64 -7.15 9.73
N THR A 553 -13.81 -6.93 8.71
CA THR A 553 -13.74 -5.58 8.20
C THR A 553 -13.74 -5.52 6.68
N PRO A 554 -14.84 -5.02 6.10
CA PRO A 554 -14.99 -4.92 4.67
C PRO A 554 -13.86 -4.10 4.07
N TRP A 555 -13.36 -4.51 2.91
CA TRP A 555 -12.26 -3.81 2.25
C TRP A 555 -10.92 -4.34 2.76
N SER A 556 -10.97 -5.45 3.49
CA SER A 556 -9.77 -6.06 4.05
C SER A 556 -9.71 -7.40 3.34
N GLU A 557 -8.51 -7.96 3.24
CA GLU A 557 -8.33 -9.25 2.59
C GLU A 557 -8.98 -10.34 3.44
N GLU A 558 -8.95 -10.19 4.77
CA GLU A 558 -9.61 -11.20 5.61
C GLU A 558 -11.11 -11.24 5.28
N PHE A 559 -11.73 -10.09 5.01
CA PHE A 559 -13.17 -10.07 4.82
C PHE A 559 -13.53 -10.79 3.55
N GLN A 560 -12.69 -10.61 2.53
CA GLN A 560 -12.95 -11.19 1.22
C GLN A 560 -13.00 -12.73 1.30
N VAL A 561 -11.99 -13.27 1.98
CA VAL A 561 -11.88 -14.66 2.27
C VAL A 561 -13.09 -15.13 3.03
N GLU A 562 -13.52 -14.39 4.04
CA GLU A 562 -14.59 -14.91 4.91
C GLU A 562 -15.90 -14.96 4.21
N MET A 563 -16.15 -13.98 3.37
CA MET A 563 -17.40 -13.92 2.63
C MET A 563 -17.45 -15.03 1.61
N LEU A 564 -16.37 -15.23 0.86
CA LEU A 564 -16.42 -16.25 -0.18
C LEU A 564 -16.63 -17.59 0.50
N ASP A 565 -15.92 -17.76 1.59
CA ASP A 565 -15.96 -19.01 2.28
C ASP A 565 -17.34 -19.29 2.81
N MET A 566 -18.06 -18.25 3.26
CA MET A 566 -19.44 -18.49 3.67
C MET A 566 -20.30 -18.94 2.49
N TYR A 567 -20.22 -18.20 1.40
CA TYR A 567 -20.99 -18.49 0.19
C TYR A 567 -20.81 -19.96 -0.21
N HIS A 568 -19.58 -20.46 -0.11
CA HIS A 568 -19.29 -21.81 -0.53
C HIS A 568 -20.00 -22.78 0.35
N ARG A 569 -19.94 -22.56 1.65
CA ARG A 569 -20.66 -23.41 2.60
C ARG A 569 -22.12 -23.51 2.25
N VAL A 570 -22.72 -22.38 1.90
CA VAL A 570 -24.10 -22.37 1.49
C VAL A 570 -24.26 -23.11 0.15
N PHE A 571 -23.40 -22.84 -0.82
CA PHE A 571 -23.52 -23.51 -2.12
C PHE A 571 -23.58 -25.04 -1.95
N ASP A 572 -22.69 -25.58 -1.16
CA ASP A 572 -22.62 -27.02 -0.98
C ASP A 572 -23.83 -27.61 -0.29
N ARG A 573 -24.69 -26.76 0.25
CA ARG A 573 -25.92 -27.26 0.83
C ARG A 573 -27.03 -27.53 -0.18
N PHE A 574 -26.83 -27.15 -1.44
CA PHE A 574 -27.88 -27.26 -2.47
C PHE A 574 -27.42 -28.15 -3.63
N GLU A 575 -28.08 -29.28 -3.78
CA GLU A 575 -27.89 -30.18 -4.92
C GLU A 575 -28.01 -29.47 -6.29
N ALA A 576 -28.81 -28.42 -6.39
CA ALA A 576 -29.09 -27.82 -7.67
C ALA A 576 -27.94 -26.91 -8.19
N MET A 577 -26.98 -26.57 -7.31
CA MET A 577 -25.85 -25.74 -7.76
C MET A 577 -25.04 -26.47 -8.83
N ALA A 578 -24.80 -25.79 -9.96
CA ALA A 578 -23.95 -26.27 -11.06
C ALA A 578 -22.69 -25.40 -11.32
N GLY A 579 -22.47 -24.43 -10.45
CA GLY A 579 -21.35 -23.55 -10.67
C GLY A 579 -21.24 -22.36 -9.75
N GLU A 580 -19.99 -21.91 -9.60
CA GLU A 580 -19.63 -20.78 -8.77
C GLU A 580 -18.54 -20.01 -9.53
N GLN A 581 -18.80 -18.76 -9.88
CA GLN A 581 -17.81 -17.92 -10.55
C GLN A 581 -17.73 -16.64 -9.77
N VAL A 582 -16.59 -16.44 -9.13
CA VAL A 582 -16.42 -15.28 -8.30
C VAL A 582 -16.35 -14.02 -9.13
N TRP A 583 -16.79 -12.91 -8.56
CA TRP A 583 -16.63 -11.60 -9.19
C TRP A 583 -15.54 -10.90 -8.38
N ASN A 584 -14.39 -10.57 -8.94
CA ASN A 584 -14.00 -10.70 -10.33
C ASN A 584 -12.65 -11.37 -10.29
N PHE A 585 -12.15 -11.83 -11.44
CA PHE A 585 -10.80 -12.33 -11.57
C PHE A 585 -9.78 -11.26 -11.12
N ALA A 586 -9.97 -10.02 -11.57
CA ALA A 586 -8.95 -8.97 -11.34
C ALA A 586 -9.54 -7.61 -11.16
N ASP A 587 -8.85 -6.77 -10.39
CA ASP A 587 -9.30 -5.39 -10.20
C ASP A 587 -9.34 -4.75 -11.60
N PHE A 588 -10.32 -3.90 -11.81
CA PHE A 588 -10.48 -3.26 -13.12
C PHE A 588 -11.06 -1.86 -12.99
N GLN A 589 -10.92 -1.07 -14.05
CA GLN A 589 -11.25 0.36 -13.99
C GLN A 589 -12.74 0.59 -14.15
N THR A 590 -13.22 1.64 -13.50
CA THR A 590 -14.65 2.00 -13.63
C THR A 590 -14.81 3.46 -13.92
N ALA A 591 -16.04 3.87 -14.22
CA ALA A 591 -16.36 5.28 -14.19
C ALA A 591 -16.02 5.73 -12.79
N VAL A 592 -15.73 7.03 -12.74
CA VAL A 592 -15.32 7.70 -11.54
C VAL A 592 -16.49 7.83 -10.59
N GLY A 593 -16.21 7.82 -9.30
CA GLY A 593 -17.26 7.82 -8.29
C GLY A 593 -16.68 7.71 -6.88
N VAL A 594 -17.29 8.44 -5.94
CA VAL A 594 -16.90 8.34 -4.52
C VAL A 594 -16.95 6.92 -3.93
N SER A 595 -17.66 5.99 -4.59
CA SER A 595 -17.76 4.57 -4.14
C SER A 595 -16.86 3.57 -4.89
N ARG A 596 -16.06 4.10 -5.83
CA ARG A 596 -15.10 3.29 -6.57
C ARG A 596 -13.75 3.88 -6.31
N VAL A 597 -12.92 3.09 -5.67
CA VAL A 597 -11.58 3.48 -5.30
C VAL A 597 -10.66 3.27 -6.46
N ASP A 598 -10.57 4.26 -7.31
CA ASP A 598 -9.77 4.16 -8.53
C ASP A 598 -10.11 2.89 -9.24
N GLY A 599 -11.42 2.58 -9.26
CA GLY A 599 -11.96 1.45 -9.98
C GLY A 599 -12.65 0.45 -9.08
N ASN A 600 -13.00 -0.67 -9.72
CA ASN A 600 -13.58 -1.79 -9.03
C ASN A 600 -12.47 -2.65 -8.49
N LYS A 601 -12.49 -2.86 -7.17
CA LYS A 601 -11.46 -3.60 -6.45
C LYS A 601 -11.99 -4.93 -5.89
N LYS A 602 -13.10 -5.42 -6.46
CA LYS A 602 -13.56 -6.79 -6.16
C LYS A 602 -12.72 -7.91 -6.78
N GLY A 603 -11.58 -7.58 -7.37
CA GLY A 603 -10.72 -8.60 -7.92
C GLY A 603 -10.12 -9.49 -6.84
N VAL A 604 -9.81 -10.71 -7.24
CA VAL A 604 -9.12 -11.71 -6.40
C VAL A 604 -7.60 -11.55 -6.66
N PHE A 605 -7.27 -11.01 -7.83
CA PHE A 605 -5.98 -10.46 -8.12
C PHE A 605 -6.09 -8.94 -8.31
N THR A 606 -4.95 -8.26 -8.15
CA THR A 606 -4.90 -6.84 -8.43
C THR A 606 -4.91 -6.65 -9.96
N ARG A 607 -4.98 -5.40 -10.42
CA ARG A 607 -5.01 -5.12 -11.84
C ARG A 607 -3.78 -5.69 -12.49
N ASP A 608 -2.66 -5.64 -11.78
CA ASP A 608 -1.42 -6.23 -12.25
C ASP A 608 -1.24 -7.71 -11.85
N ARG A 609 -2.32 -8.39 -11.48
CA ARG A 609 -2.32 -9.88 -11.35
C ARG A 609 -1.62 -10.51 -10.12
N LYS A 610 -1.38 -9.69 -9.11
CA LYS A 610 -0.93 -10.13 -7.82
C LYS A 610 -2.11 -10.72 -7.05
N PRO A 611 -1.92 -11.89 -6.42
CA PRO A 611 -2.95 -12.54 -5.70
C PRO A 611 -3.23 -11.94 -4.34
N LYS A 612 -4.51 -11.76 -4.04
CA LYS A 612 -4.94 -11.41 -2.70
C LYS A 612 -5.19 -12.72 -1.95
N ALA A 613 -5.23 -12.67 -0.63
CA ALA A 613 -5.56 -13.84 0.17
C ALA A 613 -6.75 -14.66 -0.43
N ALA A 614 -7.72 -13.95 -1.02
CA ALA A 614 -8.89 -14.63 -1.53
C ALA A 614 -8.45 -15.68 -2.53
N ALA A 615 -7.39 -15.37 -3.28
CA ALA A 615 -6.97 -16.20 -4.41
C ALA A 615 -6.51 -17.53 -3.88
N HIS A 616 -5.75 -17.49 -2.79
CA HIS A 616 -5.25 -18.69 -2.15
C HIS A 616 -6.37 -19.55 -1.58
N LEU A 617 -7.43 -18.92 -1.06
CA LEU A 617 -8.61 -19.66 -0.60
C LEU A 617 -9.28 -20.46 -1.75
N LEU A 618 -9.44 -19.81 -2.90
CA LEU A 618 -10.11 -20.47 -3.99
C LEU A 618 -9.26 -21.61 -4.51
N ARG A 619 -7.95 -21.39 -4.50
CA ARG A 619 -7.03 -22.41 -4.98
C ARG A 619 -7.13 -23.66 -4.09
N LYS A 620 -7.21 -23.41 -2.79
CA LYS A 620 -7.38 -24.49 -1.83
C LYS A 620 -8.66 -25.26 -2.12
N ARG A 621 -9.75 -24.57 -2.44
CA ARG A 621 -11.02 -25.22 -2.64
C ARG A 621 -11.17 -25.90 -4.00
N TRP A 622 -10.77 -25.21 -5.05
CA TRP A 622 -10.94 -25.74 -6.40
C TRP A 622 -9.96 -26.88 -6.78
N THR A 623 -8.74 -26.90 -6.27
CA THR A 623 -7.86 -28.04 -6.55
C THR A 623 -8.20 -29.27 -5.69
N ASN A 624 -9.01 -29.10 -4.63
CA ASN A 624 -9.42 -30.21 -3.74
C ASN A 624 -10.85 -30.67 -3.89
N LEU A 625 -11.69 -29.92 -4.59
CA LEU A 625 -13.06 -30.37 -4.81
C LEU A 625 -13.13 -31.21 -6.08
N HIS A 626 -14.16 -32.04 -6.14
CA HIS A 626 -14.45 -32.97 -7.26
C HIS A 626 -13.80 -32.57 -8.59
N MET B 34 20.87 -6.39 -42.38
CA MET B 34 20.09 -5.55 -43.37
C MET B 34 19.13 -4.58 -42.68
N LEU B 35 18.72 -3.55 -43.41
CA LEU B 35 17.82 -2.51 -42.89
C LEU B 35 16.53 -3.10 -42.31
N LYS B 36 16.01 -2.37 -41.32
CA LYS B 36 14.75 -2.72 -40.70
C LYS B 36 13.72 -2.86 -41.81
N PRO B 37 13.18 -4.06 -41.97
CA PRO B 37 12.30 -4.37 -43.04
C PRO B 37 11.03 -3.52 -43.04
N GLN B 38 10.57 -3.16 -44.23
CA GLN B 38 9.27 -2.56 -44.40
C GLN B 38 8.52 -3.11 -45.61
N GLN B 39 7.21 -2.83 -45.62
CA GLN B 39 6.31 -3.07 -46.74
C GLN B 39 6.61 -1.93 -47.69
N THR B 40 6.96 -2.22 -48.94
CA THR B 40 6.95 -1.20 -50.00
C THR B 40 6.15 -1.78 -51.19
N THR B 41 6.19 -1.07 -52.32
CA THR B 41 5.56 -1.52 -53.58
C THR B 41 6.33 -2.71 -54.12
N THR B 42 7.58 -2.84 -53.70
CA THR B 42 8.47 -3.91 -54.13
C THR B 42 8.83 -4.93 -53.02
N ARG B 43 8.18 -4.82 -51.87
CA ARG B 43 8.55 -5.61 -50.67
C ARG B 43 7.36 -5.90 -49.84
N ASP B 44 7.30 -7.12 -49.35
CA ASP B 44 6.20 -7.56 -48.55
C ASP B 44 6.71 -7.94 -47.18
N LEU B 45 5.87 -7.74 -46.16
CA LEU B 45 6.27 -7.91 -44.78
C LEU B 45 5.19 -8.66 -44.03
N ILE B 46 5.57 -9.75 -43.39
CA ILE B 46 4.57 -10.53 -42.63
C ILE B 46 4.99 -10.65 -41.18
N SER B 47 4.13 -10.20 -40.28
CA SER B 47 4.36 -10.38 -38.86
C SER B 47 4.19 -11.86 -38.52
N LEU B 48 5.15 -12.40 -37.77
CA LEU B 48 5.04 -13.75 -37.20
C LEU B 48 4.79 -13.76 -35.70
N ASP B 49 4.57 -12.57 -35.13
CA ASP B 49 4.21 -12.50 -33.71
C ASP B 49 2.92 -13.25 -33.50
N GLY B 50 2.66 -13.58 -32.25
CA GLY B 50 1.54 -14.46 -31.89
C GLY B 50 1.93 -15.45 -30.82
N LEU B 51 1.07 -16.43 -30.58
CA LEU B 51 1.45 -17.51 -29.68
C LEU B 51 2.18 -18.60 -30.44
N TRP B 52 3.32 -19.03 -29.90
CA TRP B 52 4.14 -20.10 -30.39
C TRP B 52 4.24 -21.25 -29.38
N LYS B 53 4.50 -22.44 -29.88
CA LYS B 53 4.72 -23.57 -29.00
C LYS B 53 6.04 -23.32 -28.27
N PHE B 54 6.09 -23.71 -27.00
CA PHE B 54 7.25 -23.40 -26.16
C PHE B 54 7.66 -24.63 -25.36
N ALA B 55 8.97 -24.92 -25.31
CA ALA B 55 9.46 -25.94 -24.41
C ALA B 55 10.79 -25.54 -23.83
N LEU B 56 11.02 -25.90 -22.57
CA LEU B 56 12.35 -25.89 -21.99
C LEU B 56 13.16 -27.01 -22.58
N ALA B 57 14.47 -26.84 -22.72
CA ALA B 57 15.36 -27.97 -22.99
C ALA B 57 15.27 -29.00 -21.85
N SER B 58 15.47 -30.28 -22.14
CA SER B 58 15.63 -31.28 -21.09
C SER B 58 16.71 -32.26 -21.50
N ASP B 59 17.05 -33.19 -20.63
CA ASP B 59 18.13 -34.16 -20.91
C ASP B 59 17.60 -35.53 -21.32
N ASP B 60 16.57 -35.56 -22.15
CA ASP B 60 16.05 -36.82 -22.69
C ASP B 60 16.55 -37.02 -24.14
N ASN B 61 16.13 -38.13 -24.75
CA ASN B 61 16.53 -38.49 -26.14
C ASN B 61 15.98 -37.53 -27.23
N ASN B 62 14.98 -36.72 -26.88
CA ASN B 62 14.60 -35.55 -27.69
C ASN B 62 15.67 -34.47 -27.53
N THR B 63 16.90 -34.84 -27.89
CA THR B 63 18.02 -33.96 -27.76
C THR B 63 17.93 -32.90 -28.84
N GLN B 64 17.06 -33.10 -29.85
CA GLN B 64 16.92 -32.11 -30.91
C GLN B 64 15.46 -31.82 -31.28
N PRO B 65 14.79 -30.98 -30.48
CA PRO B 65 13.39 -30.59 -30.68
C PRO B 65 13.08 -29.92 -32.00
N TRP B 66 14.01 -29.20 -32.59
CA TRP B 66 13.76 -28.56 -33.92
C TRP B 66 13.58 -29.50 -35.12
N THR B 67 13.84 -30.79 -34.93
CA THR B 67 13.70 -31.76 -36.01
C THR B 67 12.29 -32.34 -36.07
N SER B 68 11.38 -31.89 -35.24
CA SER B 68 10.03 -32.38 -35.39
C SER B 68 9.07 -31.49 -34.64
N GLN B 69 7.79 -31.70 -34.88
CA GLN B 69 6.76 -30.92 -34.24
C GLN B 69 6.95 -31.06 -32.72
N LEU B 70 7.00 -29.93 -32.01
CA LEU B 70 7.01 -29.94 -30.55
C LEU B 70 5.59 -30.28 -30.14
N LYS B 71 5.40 -31.33 -29.32
CA LYS B 71 4.03 -31.63 -28.88
C LYS B 71 3.68 -31.07 -27.50
N THR B 72 4.64 -30.45 -26.79
CA THR B 72 4.33 -29.60 -25.64
C THR B 72 2.97 -28.88 -25.78
N SER B 73 2.26 -28.68 -24.67
CA SER B 73 1.00 -27.93 -24.68
C SER B 73 1.18 -26.44 -24.31
N LEU B 74 2.41 -26.04 -23.98
CA LEU B 74 2.67 -24.67 -23.62
C LEU B 74 2.73 -23.78 -24.83
N GLU B 75 2.22 -22.57 -24.68
CA GLU B 75 2.31 -21.58 -25.73
C GLU B 75 2.87 -20.31 -25.14
N CYS B 76 3.92 -19.74 -25.75
CA CYS B 76 4.47 -18.47 -25.24
C CYS B 76 4.28 -17.39 -26.26
N PRO B 77 3.74 -16.26 -25.84
CA PRO B 77 3.62 -15.10 -26.76
C PRO B 77 4.96 -14.51 -27.18
N VAL B 78 5.05 -13.99 -28.42
CA VAL B 78 6.38 -13.76 -28.98
C VAL B 78 6.95 -12.36 -28.93
N PRO B 79 6.13 -11.33 -28.96
CA PRO B 79 6.98 -10.25 -28.44
C PRO B 79 6.88 -10.34 -26.92
N ALA B 80 7.75 -11.12 -26.28
CA ALA B 80 7.86 -11.17 -24.79
C ALA B 80 9.04 -11.94 -24.30
N SER B 81 9.53 -11.56 -23.12
CA SER B 81 10.36 -12.45 -22.34
C SER B 81 9.49 -13.59 -21.85
N TYR B 82 10.01 -14.81 -21.74
CA TYR B 82 9.18 -15.93 -21.24
C TYR B 82 9.05 -16.12 -19.70
N ASN B 83 9.84 -15.38 -18.92
CA ASN B 83 10.04 -15.69 -17.51
C ASN B 83 8.90 -15.56 -16.51
N ASP B 84 8.11 -14.51 -16.58
CA ASP B 84 7.01 -14.33 -15.62
C ASP B 84 5.69 -14.77 -16.21
N ILE B 85 5.74 -15.23 -17.45
CA ILE B 85 4.59 -15.50 -18.21
C ILE B 85 3.83 -16.71 -17.74
N PHE B 86 4.53 -17.77 -17.35
CA PHE B 86 3.84 -19.04 -17.12
C PHE B 86 3.40 -19.29 -15.69
N ALA B 87 3.81 -18.40 -14.79
CA ALA B 87 3.51 -18.59 -13.34
C ALA B 87 4.11 -19.90 -12.85
N ASP B 88 5.31 -20.20 -13.34
CA ASP B 88 5.98 -21.46 -13.12
C ASP B 88 7.46 -21.22 -12.81
N SER B 89 7.89 -21.74 -11.66
CA SER B 89 9.27 -21.62 -11.16
C SER B 89 10.33 -22.22 -12.06
N LYS B 90 10.11 -23.49 -12.40
CA LYS B 90 10.99 -24.22 -13.27
C LYS B 90 11.32 -23.35 -14.50
N ILE B 91 10.29 -22.78 -15.13
CA ILE B 91 10.46 -21.98 -16.36
C ILE B 91 11.12 -20.63 -16.03
N HIS B 92 10.72 -20.00 -14.95
CA HIS B 92 11.35 -18.75 -14.58
C HIS B 92 12.86 -18.94 -14.27
N ASP B 93 13.21 -19.97 -13.54
CA ASP B 93 14.55 -20.08 -13.00
C ASP B 93 15.48 -20.84 -13.95
N HIS B 94 14.91 -21.33 -15.05
CA HIS B 94 15.62 -22.16 -16.01
C HIS B 94 16.93 -21.57 -16.54
N VAL B 95 17.98 -22.36 -16.58
CA VAL B 95 19.26 -21.92 -17.16
C VAL B 95 19.55 -22.77 -18.35
N GLY B 96 19.66 -22.15 -19.51
CA GLY B 96 19.86 -22.92 -20.72
C GLY B 96 18.88 -22.54 -21.79
N TRP B 97 18.81 -23.40 -22.80
CA TRP B 97 18.06 -23.18 -24.01
C TRP B 97 16.56 -23.39 -23.85
N VAL B 98 15.78 -22.63 -24.63
CA VAL B 98 14.33 -22.89 -24.81
C VAL B 98 13.96 -22.89 -26.28
N TYR B 99 12.84 -23.51 -26.61
CA TYR B 99 12.47 -23.67 -28.00
C TYR B 99 11.10 -23.11 -28.26
N TYR B 100 11.04 -22.20 -29.22
CA TYR B 100 9.81 -21.68 -29.71
C TYR B 100 9.53 -22.35 -31.06
N GLN B 101 8.27 -22.57 -31.40
CA GLN B 101 7.99 -23.22 -32.68
C GLN B 101 6.63 -22.92 -33.27
N ARG B 102 6.59 -22.76 -34.59
CA ARG B 102 5.36 -22.61 -35.30
C ARG B 102 5.55 -22.84 -36.80
N ASP B 103 4.46 -23.12 -37.49
CA ASP B 103 4.54 -23.29 -38.93
C ASP B 103 4.36 -21.94 -39.60
N VAL B 104 4.89 -21.83 -40.81
CA VAL B 104 4.78 -20.63 -41.56
C VAL B 104 4.57 -21.04 -42.98
N ILE B 105 3.86 -20.19 -43.69
CA ILE B 105 3.70 -20.35 -45.11
C ILE B 105 4.23 -19.13 -45.85
N VAL B 106 5.14 -19.40 -46.78
CA VAL B 106 5.66 -18.39 -47.68
C VAL B 106 4.58 -18.08 -48.71
N PRO B 107 4.26 -16.81 -48.92
CA PRO B 107 3.20 -16.53 -49.88
C PRO B 107 3.50 -16.97 -51.31
N LYS B 108 2.44 -17.49 -51.94
CA LYS B 108 2.43 -17.94 -53.34
C LYS B 108 3.15 -16.98 -54.27
N GLY B 109 2.93 -15.69 -54.08
CA GLY B 109 3.47 -14.66 -54.98
C GLY B 109 4.88 -14.18 -54.74
N TRP B 110 5.66 -14.88 -53.92
CA TRP B 110 7.06 -14.50 -53.67
C TRP B 110 8.03 -15.32 -54.58
N SER B 111 7.51 -15.79 -55.71
CA SER B 111 8.23 -16.67 -56.62
C SER B 111 9.55 -16.16 -57.16
N GLU B 112 9.49 -14.94 -57.68
CA GLU B 112 10.61 -14.26 -58.27
C GLU B 112 11.42 -13.55 -57.19
N GLU B 113 10.98 -13.72 -55.96
CA GLU B 113 11.41 -12.89 -54.87
C GLU B 113 12.40 -13.66 -53.96
N ARG B 114 13.15 -12.89 -53.19
CA ARG B 114 14.07 -13.39 -52.15
C ARG B 114 13.34 -13.17 -50.83
N TYR B 115 13.42 -14.11 -49.90
CA TYR B 115 12.72 -13.91 -48.62
C TYR B 115 13.49 -14.40 -47.38
N LEU B 116 13.26 -13.71 -46.25
CA LEU B 116 14.05 -13.90 -45.03
C LEU B 116 13.21 -14.05 -43.80
N VAL B 117 13.74 -14.73 -42.81
CA VAL B 117 13.14 -14.72 -41.50
C VAL B 117 14.03 -13.84 -40.66
N ARG B 118 13.44 -12.89 -39.94
CA ARG B 118 14.22 -12.05 -39.06
C ARG B 118 13.68 -12.06 -37.67
N CYS B 119 14.59 -12.17 -36.68
CA CYS B 119 14.33 -11.82 -35.27
C CYS B 119 14.90 -10.46 -34.99
N GLU B 120 14.07 -9.51 -34.55
CA GLU B 120 14.59 -8.25 -34.03
C GLU B 120 15.55 -8.44 -32.89
N ALA B 121 15.32 -9.49 -32.11
CA ALA B 121 16.15 -9.77 -30.94
C ALA B 121 15.76 -11.11 -30.34
N ALA B 122 16.77 -11.89 -29.99
CA ALA B 122 16.60 -13.07 -29.15
C ALA B 122 17.63 -12.96 -28.03
N THR B 123 17.14 -12.93 -26.80
CA THR B 123 17.96 -12.61 -25.66
C THR B 123 18.30 -13.90 -24.93
N HIS B 124 19.58 -14.25 -24.84
CA HIS B 124 20.71 -13.50 -25.41
C HIS B 124 21.32 -14.15 -26.64
N HIS B 125 21.07 -15.44 -26.83
CA HIS B 125 21.72 -16.23 -27.89
C HIS B 125 20.61 -16.93 -28.63
N GLY B 126 20.44 -16.65 -29.92
CA GLY B 126 19.33 -17.23 -30.69
C GLY B 126 19.78 -18.11 -31.87
N ARG B 127 18.97 -19.14 -32.15
CA ARG B 127 19.17 -20.01 -33.34
C ARG B 127 17.87 -20.16 -34.14
N ILE B 128 17.95 -20.01 -35.45
CA ILE B 128 16.78 -20.22 -36.32
C ILE B 128 16.92 -21.53 -37.10
N TYR B 129 15.89 -22.36 -37.03
CA TYR B 129 15.84 -23.61 -37.77
C TYR B 129 14.69 -23.62 -38.76
N VAL B 130 15.00 -24.05 -39.97
CA VAL B 130 13.99 -24.35 -40.96
C VAL B 130 13.95 -25.86 -41.21
N ASN B 131 12.94 -26.54 -40.69
CA ASN B 131 12.76 -27.97 -40.82
C ASN B 131 14.03 -28.81 -40.51
N GLY B 132 14.55 -28.75 -39.29
CA GLY B 132 15.79 -29.55 -39.06
C GLY B 132 17.12 -28.92 -39.47
N ASN B 133 17.09 -27.88 -40.31
CA ASN B 133 18.30 -27.19 -40.71
C ASN B 133 18.57 -25.89 -39.95
N LEU B 134 19.78 -25.74 -39.42
CA LEU B 134 20.20 -24.50 -38.81
C LEU B 134 20.52 -23.53 -39.92
N VAL B 135 19.95 -22.33 -39.85
CA VAL B 135 20.23 -21.31 -40.87
C VAL B 135 20.68 -19.98 -40.31
N ALA B 136 20.60 -19.78 -39.00
CA ALA B 136 21.20 -18.60 -38.37
C ALA B 136 21.59 -18.91 -36.93
N ASP B 137 22.70 -18.35 -36.51
CA ASP B 137 23.18 -18.47 -35.13
C ASP B 137 23.74 -17.10 -34.72
N HIS B 138 23.20 -16.52 -33.66
CA HIS B 138 23.55 -15.18 -33.25
C HIS B 138 23.69 -15.07 -31.75
N VAL B 139 24.62 -14.20 -31.35
CA VAL B 139 25.10 -14.17 -30.01
C VAL B 139 24.60 -12.97 -29.26
N GLY B 140 24.79 -11.74 -29.71
CA GLY B 140 24.19 -10.65 -28.88
C GLY B 140 22.68 -10.74 -28.54
N GLY B 141 22.28 -10.23 -27.38
CA GLY B 141 20.90 -10.39 -26.97
C GLY B 141 19.87 -9.31 -27.29
N TYR B 142 20.30 -8.23 -27.93
CA TYR B 142 19.48 -7.03 -28.10
C TYR B 142 19.55 -6.39 -29.46
N THR B 143 20.06 -7.13 -30.45
CA THR B 143 20.13 -6.64 -31.81
C THR B 143 19.66 -7.73 -32.77
N PRO B 144 19.25 -7.35 -34.00
CA PRO B 144 18.59 -8.29 -34.90
C PRO B 144 19.52 -9.26 -35.66
N PHE B 145 18.94 -10.37 -36.11
CA PHE B 145 19.58 -11.32 -37.01
C PHE B 145 18.55 -11.98 -37.90
N GLU B 146 19.04 -12.64 -38.94
CA GLU B 146 18.16 -13.13 -40.02
C GLU B 146 18.78 -14.23 -40.92
N ALA B 147 17.93 -14.84 -41.72
CA ALA B 147 18.41 -15.85 -42.63
C ALA B 147 17.66 -15.74 -43.95
N ASP B 148 18.43 -15.80 -45.03
CA ASP B 148 17.88 -15.95 -46.37
C ASP B 148 17.43 -17.42 -46.59
N ILE B 149 16.11 -17.63 -46.68
CA ILE B 149 15.57 -18.96 -46.84
C ILE B 149 15.08 -19.20 -48.26
N THR B 150 15.44 -18.29 -49.15
CA THR B 150 14.87 -18.31 -50.50
C THR B 150 15.00 -19.70 -51.12
N ASP B 151 16.18 -20.30 -51.02
CA ASP B 151 16.46 -21.58 -51.68
C ASP B 151 16.11 -22.84 -50.88
N LEU B 152 15.64 -22.69 -49.65
CA LEU B 152 15.29 -23.82 -48.80
C LEU B 152 13.80 -24.11 -48.85
N VAL B 153 12.99 -23.08 -48.98
CA VAL B 153 11.55 -23.17 -49.01
C VAL B 153 11.02 -22.40 -50.21
N ALA B 154 10.06 -23.00 -50.89
CA ALA B 154 9.53 -22.45 -52.13
C ALA B 154 8.27 -21.64 -51.85
N ALA B 155 8.03 -20.63 -52.69
CA ALA B 155 6.81 -19.85 -52.59
C ALA B 155 5.56 -20.77 -52.53
N GLY B 156 4.68 -20.51 -51.57
CA GLY B 156 3.51 -21.37 -51.32
C GLY B 156 3.73 -22.59 -50.43
N GLU B 157 4.96 -22.83 -49.99
CA GLU B 157 5.27 -23.96 -49.08
C GLU B 157 5.13 -23.58 -47.60
N GLN B 158 4.62 -24.54 -46.82
CA GLN B 158 4.65 -24.48 -45.39
C GLN B 158 5.95 -25.08 -44.79
N PHE B 159 6.49 -24.44 -43.75
CA PHE B 159 7.65 -25.01 -43.08
C PHE B 159 7.57 -24.87 -41.58
N ARG B 160 8.32 -25.71 -40.88
CA ARG B 160 8.42 -25.67 -39.42
C ARG B 160 9.57 -24.75 -38.94
N LEU B 161 9.18 -23.68 -38.26
CA LEU B 161 10.10 -22.69 -37.77
C LEU B 161 10.33 -22.93 -36.29
N THR B 162 11.58 -23.27 -35.95
CA THR B 162 12.01 -23.44 -34.58
C THR B 162 13.05 -22.38 -34.30
N ILE B 163 12.91 -21.70 -33.18
CA ILE B 163 13.89 -20.74 -32.77
C ILE B 163 14.33 -21.04 -31.35
N ALA B 164 15.61 -21.36 -31.21
CA ALA B 164 16.17 -21.76 -29.95
C ALA B 164 16.70 -20.53 -29.36
N VAL B 165 16.45 -20.32 -28.08
CA VAL B 165 17.05 -19.16 -27.42
C VAL B 165 17.71 -19.59 -26.13
N ASP B 166 18.96 -19.13 -25.95
CA ASP B 166 19.76 -19.44 -24.74
C ASP B 166 19.92 -18.22 -23.86
N ASN B 167 19.99 -18.45 -22.57
CA ASN B 167 20.07 -17.38 -21.60
C ASN B 167 21.37 -17.39 -20.79
N GLU B 168 22.22 -18.42 -20.97
CA GLU B 168 23.45 -18.51 -20.22
C GLU B 168 24.39 -17.31 -20.43
N LEU B 169 24.84 -16.70 -19.34
CA LEU B 169 25.97 -15.73 -19.42
C LEU B 169 27.27 -16.40 -19.02
N THR B 170 28.34 -16.02 -19.69
CA THR B 170 29.70 -16.45 -19.36
C THR B 170 30.55 -15.20 -19.17
N TYR B 171 31.83 -15.36 -18.86
CA TYR B 171 32.74 -14.23 -18.80
C TYR B 171 33.02 -13.61 -20.17
N GLN B 172 32.59 -14.30 -21.24
CA GLN B 172 32.76 -13.76 -22.58
C GLN B 172 31.46 -13.23 -23.19
N THR B 173 30.31 -13.51 -22.59
CA THR B 173 29.07 -12.89 -23.07
C THR B 173 29.15 -11.45 -22.72
N ILE B 174 28.45 -10.63 -23.45
CA ILE B 174 28.78 -9.28 -23.27
C ILE B 174 28.18 -8.74 -21.98
N PRO B 175 26.86 -8.93 -21.70
CA PRO B 175 26.77 -8.82 -20.22
C PRO B 175 27.38 -10.12 -19.70
N PRO B 176 28.53 -10.04 -18.98
CA PRO B 176 29.13 -11.30 -18.57
C PRO B 176 28.50 -11.89 -17.32
N GLY B 177 28.64 -13.20 -17.16
CA GLY B 177 28.15 -13.88 -15.98
C GLY B 177 28.82 -15.23 -15.83
N LYS B 178 28.34 -16.01 -14.88
CA LYS B 178 28.81 -17.37 -14.72
C LYS B 178 27.74 -18.23 -14.08
N VAL B 179 27.49 -19.37 -14.73
CA VAL B 179 26.57 -20.39 -14.21
C VAL B 179 27.25 -21.13 -13.07
N GLU B 180 26.49 -21.41 -12.02
CA GLU B 180 26.97 -22.16 -10.87
C GLU B 180 25.93 -23.13 -10.40
N ILE B 181 26.38 -24.05 -9.55
CA ILE B 181 25.55 -25.14 -9.07
C ILE B 181 25.44 -24.97 -7.57
N LEU B 182 24.22 -24.90 -7.04
CA LEU B 182 24.05 -24.98 -5.61
C LEU B 182 24.32 -26.39 -5.18
N GLU B 183 25.25 -26.50 -4.23
CA GLU B 183 25.81 -27.77 -3.79
C GLU B 183 24.76 -28.66 -3.15
N ALA B 184 23.92 -28.14 -2.29
CA ALA B 184 22.99 -29.05 -1.61
C ALA B 184 21.87 -29.55 -2.53
N THR B 185 21.35 -28.70 -3.40
CA THR B 185 20.21 -29.09 -4.22
C THR B 185 20.56 -29.55 -5.61
N GLY B 186 21.76 -29.29 -6.10
CA GLY B 186 22.08 -29.54 -7.50
C GLY B 186 21.50 -28.49 -8.46
N LYS B 187 20.80 -27.48 -7.95
CA LYS B 187 20.06 -26.55 -8.79
C LYS B 187 21.01 -25.69 -9.59
N LYS B 188 20.72 -25.58 -10.87
CA LYS B 188 21.52 -24.72 -11.74
C LYS B 188 21.08 -23.26 -11.56
N VAL B 189 22.05 -22.37 -11.43
CA VAL B 189 21.80 -20.98 -11.05
C VAL B 189 22.74 -20.05 -11.82
N GLN B 190 22.23 -18.86 -12.20
CA GLN B 190 22.95 -17.90 -13.03
C GLN B 190 23.40 -16.66 -12.24
N THR B 191 24.72 -16.46 -12.11
CA THR B 191 25.24 -15.29 -11.38
C THR B 191 25.59 -14.23 -12.40
N TYR B 192 25.56 -12.99 -11.95
CA TYR B 192 25.93 -11.87 -12.77
C TYR B 192 26.01 -10.65 -11.87
N GLN B 193 26.49 -9.56 -12.43
CA GLN B 193 26.89 -8.42 -11.61
C GLN B 193 25.98 -7.20 -11.86
N HIS B 194 25.02 -7.35 -12.76
CA HIS B 194 24.11 -6.23 -13.01
C HIS B 194 22.83 -6.37 -12.19
N ASP B 195 22.10 -5.26 -12.10
CA ASP B 195 20.86 -5.16 -11.33
C ASP B 195 19.67 -5.90 -11.97
N PHE B 196 19.27 -5.32 -13.09
CA PHE B 196 18.06 -5.78 -13.76
C PHE B 196 18.05 -7.32 -13.94
N TYR B 197 16.85 -7.89 -13.83
CA TYR B 197 16.69 -9.35 -13.91
C TYR B 197 17.03 -9.86 -15.30
N ASN B 198 17.65 -11.02 -15.33
CA ASN B 198 18.06 -11.62 -16.58
C ASN B 198 16.93 -12.26 -17.36
N TYR B 199 15.97 -11.45 -17.79
CA TYR B 199 14.87 -11.94 -18.59
C TYR B 199 15.35 -12.44 -19.96
N ALA B 200 14.76 -13.51 -20.46
CA ALA B 200 15.14 -14.06 -21.76
C ALA B 200 13.92 -14.36 -22.60
N GLY B 201 14.20 -14.78 -23.83
CA GLY B 201 13.20 -15.15 -24.79
C GLY B 201 13.27 -14.24 -25.99
N LEU B 202 12.18 -14.24 -26.76
CA LEU B 202 12.02 -13.41 -27.93
C LEU B 202 11.30 -12.15 -27.48
N ALA B 203 12.08 -11.22 -27.02
CA ALA B 203 11.51 -10.07 -26.41
C ALA B 203 11.04 -9.10 -27.48
N ARG B 204 11.23 -9.44 -28.75
CA ARG B 204 10.92 -8.51 -29.81
C ARG B 204 10.39 -9.26 -31.03
N SER B 205 9.85 -8.50 -31.95
CA SER B 205 9.02 -9.11 -32.94
C SER B 205 9.81 -9.92 -33.93
N VAL B 206 9.11 -10.89 -34.52
CA VAL B 206 9.68 -11.81 -35.47
C VAL B 206 8.98 -11.66 -36.80
N TRP B 207 9.75 -11.71 -37.88
CA TRP B 207 9.25 -11.39 -39.18
C TRP B 207 9.62 -12.39 -40.29
N LEU B 208 8.69 -12.54 -41.24
CA LEU B 208 8.97 -13.12 -42.56
C LEU B 208 8.78 -12.01 -43.59
N TYR B 209 9.81 -11.80 -44.41
CA TYR B 209 9.76 -10.70 -45.36
C TYR B 209 10.48 -10.99 -46.68
N SER B 210 10.22 -10.15 -47.66
CA SER B 210 10.66 -10.38 -49.00
C SER B 210 11.29 -9.18 -49.59
N VAL B 211 12.20 -9.45 -50.49
CA VAL B 211 12.98 -8.41 -51.09
C VAL B 211 13.29 -8.86 -52.51
N PRO B 212 13.30 -7.93 -53.48
CA PRO B 212 13.63 -8.37 -54.83
C PRO B 212 15.09 -8.85 -54.93
N GLN B 213 15.44 -9.44 -56.06
CA GLN B 213 16.80 -9.96 -56.30
C GLN B 213 17.82 -8.83 -56.22
N GLN B 214 17.56 -7.73 -56.90
CA GLN B 214 18.33 -6.53 -56.69
C GLN B 214 17.64 -5.83 -55.56
N HIS B 215 18.35 -5.58 -54.47
CA HIS B 215 17.79 -4.82 -53.36
C HIS B 215 18.80 -3.99 -52.62
N ILE B 216 18.31 -2.90 -52.07
CA ILE B 216 19.08 -2.09 -51.12
C ILE B 216 19.27 -2.92 -49.85
N GLN B 217 20.49 -2.90 -49.30
CA GLN B 217 20.82 -3.66 -48.10
C GLN B 217 21.14 -2.77 -46.93
N ASP B 218 21.59 -1.57 -47.21
CA ASP B 218 21.92 -0.67 -46.16
C ASP B 218 21.90 0.74 -46.70
N ILE B 219 21.70 1.69 -45.81
CA ILE B 219 21.79 3.08 -46.16
C ILE B 219 22.45 3.74 -44.99
N THR B 220 23.41 4.59 -45.29
CA THR B 220 23.98 5.52 -44.33
C THR B 220 23.63 6.96 -44.74
N VAL B 221 23.05 7.70 -43.82
CA VAL B 221 22.84 9.14 -44.01
C VAL B 221 23.67 9.89 -42.97
N ARG B 222 24.16 11.05 -43.35
CA ARG B 222 24.89 11.93 -42.44
C ARG B 222 24.53 13.33 -42.80
N THR B 223 24.14 14.08 -41.80
CA THR B 223 23.47 15.33 -42.00
C THR B 223 24.29 16.41 -41.35
N ASP B 224 24.28 17.57 -41.99
CA ASP B 224 25.12 18.70 -41.61
C ASP B 224 24.47 19.97 -42.17
N VAL B 225 25.04 21.12 -41.83
CA VAL B 225 24.45 22.42 -42.16
C VAL B 225 25.49 23.39 -42.73
N GLN B 226 25.16 24.02 -43.84
CA GLN B 226 25.88 25.17 -44.39
C GLN B 226 24.96 26.34 -44.43
N GLY B 227 25.14 27.27 -43.49
CA GLY B 227 24.23 28.40 -43.33
C GLY B 227 22.83 27.91 -43.04
N THR B 228 21.89 28.27 -43.89
CA THR B 228 20.52 27.81 -43.77
C THR B 228 20.23 26.59 -44.63
N THR B 229 21.17 26.21 -45.51
CA THR B 229 21.07 25.02 -46.35
C THR B 229 21.53 23.80 -45.60
N GLY B 230 20.72 22.75 -45.66
CA GLY B 230 21.03 21.46 -45.05
C GLY B 230 21.73 20.56 -46.03
N LEU B 231 22.64 19.73 -45.52
CA LEU B 231 23.42 18.78 -46.33
C LEU B 231 23.19 17.35 -45.85
N ILE B 232 22.95 16.45 -46.80
CA ILE B 232 22.77 15.06 -46.53
C ILE B 232 23.76 14.27 -47.34
N ASP B 233 24.72 13.64 -46.68
CA ASP B 233 25.57 12.70 -47.37
C ASP B 233 24.88 11.41 -47.23
N TYR B 234 24.74 10.70 -48.33
CA TYR B 234 24.15 9.38 -48.28
C TYR B 234 25.08 8.41 -48.94
N ASN B 235 24.94 7.16 -48.55
CA ASN B 235 25.55 6.07 -49.23
C ASN B 235 24.54 4.95 -49.16
N VAL B 236 24.32 4.29 -50.30
CA VAL B 236 23.39 3.18 -50.44
C VAL B 236 24.18 2.00 -50.88
N VAL B 237 24.00 0.88 -50.18
CA VAL B 237 24.64 -0.37 -50.51
C VAL B 237 23.52 -1.25 -51.01
N ALA B 238 23.71 -1.81 -52.21
CA ALA B 238 22.68 -2.62 -52.87
C ALA B 238 23.26 -3.92 -53.42
N SER B 239 22.42 -4.95 -53.50
CA SER B 239 22.88 -6.32 -53.82
C SER B 239 23.45 -6.42 -55.24
N THR B 240 22.93 -5.64 -56.18
CA THR B 240 23.64 -5.52 -57.46
C THR B 240 23.64 -4.11 -58.02
N THR B 241 24.60 -3.88 -58.89
CA THR B 241 24.87 -2.57 -59.47
C THR B 241 24.29 -2.39 -60.90
N GLN B 242 23.61 -3.41 -61.45
CA GLN B 242 22.95 -3.31 -62.79
C GLN B 242 21.63 -2.52 -62.77
N GLY B 243 21.60 -1.41 -63.49
CA GLY B 243 20.54 -0.43 -63.27
C GLY B 243 20.86 0.32 -62.00
N THR B 244 20.58 1.62 -62.02
CA THR B 244 21.18 2.59 -61.09
C THR B 244 20.40 2.79 -59.79
N ILE B 245 20.85 3.75 -58.99
CA ILE B 245 20.18 4.16 -57.77
C ILE B 245 19.62 5.60 -57.86
N GLN B 246 18.38 5.82 -57.42
CA GLN B 246 17.81 7.19 -57.34
C GLN B 246 17.39 7.53 -55.93
N VAL B 247 17.60 8.77 -55.53
CA VAL B 247 17.12 9.22 -54.24
C VAL B 247 16.24 10.46 -54.38
N ALA B 248 15.13 10.45 -53.65
CA ALA B 248 14.24 11.59 -53.53
C ALA B 248 14.17 11.91 -52.07
N VAL B 249 14.11 13.21 -51.73
CA VAL B 249 14.00 13.67 -50.34
C VAL B 249 12.73 14.53 -50.18
N ILE B 250 11.75 13.96 -49.51
CA ILE B 250 10.43 14.50 -49.47
C ILE B 250 10.18 15.05 -48.09
N ASP B 251 9.56 16.22 -48.03
CA ASP B 251 9.35 16.92 -46.80
C ASP B 251 8.06 16.48 -46.16
N GLU B 252 7.78 17.01 -44.97
CA GLU B 252 6.58 16.64 -44.23
C GLU B 252 5.25 16.99 -44.91
N ASP B 253 5.27 17.91 -45.88
CA ASP B 253 4.07 18.17 -46.69
C ASP B 253 3.93 17.31 -47.96
N GLY B 254 4.88 16.46 -48.29
CA GLY B 254 4.76 15.60 -49.46
C GLY B 254 5.52 16.14 -50.65
N THR B 255 6.20 17.27 -50.44
CA THR B 255 6.92 17.89 -51.53
C THR B 255 8.34 17.31 -51.69
N THR B 256 8.61 16.77 -52.87
CA THR B 256 9.97 16.43 -53.22
C THR B 256 10.77 17.69 -53.29
N VAL B 257 11.81 17.74 -52.50
CA VAL B 257 12.52 18.97 -52.22
C VAL B 257 13.94 18.88 -52.80
N ALA B 258 14.41 17.65 -53.07
CA ALA B 258 15.71 17.44 -53.71
C ALA B 258 15.81 16.00 -54.25
N THR B 259 16.67 15.80 -55.26
CA THR B 259 16.94 14.46 -55.77
C THR B 259 18.42 14.25 -55.99
N SER B 260 18.80 12.99 -56.19
CA SER B 260 20.19 12.62 -56.56
C SER B 260 20.19 11.29 -57.26
N SER B 261 21.20 11.12 -58.11
CA SER B 261 21.48 9.83 -58.76
C SER B 261 22.76 9.28 -58.20
N GLY B 262 22.87 7.96 -58.18
CA GLY B 262 24.10 7.28 -57.80
C GLY B 262 23.98 6.68 -56.42
N SER B 263 24.84 5.72 -56.15
CA SER B 263 24.77 4.98 -54.91
C SER B 263 25.24 5.81 -53.74
N ASN B 264 26.00 6.87 -53.98
CA ASN B 264 26.36 7.78 -52.90
C ASN B 264 26.50 9.20 -53.39
N GLY B 265 26.36 10.16 -52.51
CA GLY B 265 26.34 11.56 -52.91
C GLY B 265 26.07 12.54 -51.79
N THR B 266 25.90 13.81 -52.16
CA THR B 266 25.54 14.89 -51.23
C THR B 266 24.32 15.66 -51.76
N ILE B 267 23.28 15.73 -50.95
CA ILE B 267 22.06 16.38 -51.36
C ILE B 267 21.95 17.68 -50.60
N HIS B 268 21.56 18.73 -51.30
CA HIS B 268 21.36 20.05 -50.70
C HIS B 268 19.87 20.32 -50.49
N ILE B 269 19.54 20.81 -49.28
CA ILE B 269 18.19 21.16 -48.91
C ILE B 269 18.18 22.64 -48.54
N PRO B 270 17.88 23.49 -49.53
CA PRO B 270 17.81 24.91 -49.25
C PRO B 270 16.77 25.17 -48.17
N SER B 271 17.06 26.15 -47.33
CA SER B 271 16.18 26.56 -46.22
C SER B 271 15.61 25.35 -45.46
N VAL B 272 16.54 24.51 -45.01
CA VAL B 272 16.17 23.28 -44.34
C VAL B 272 15.44 23.60 -43.05
N HIS B 273 14.40 22.81 -42.78
CA HIS B 273 13.83 22.72 -41.46
C HIS B 273 14.60 21.64 -40.64
N LEU B 274 15.31 22.12 -39.59
CA LEU B 274 16.15 21.30 -38.74
C LEU B 274 15.34 20.46 -37.80
N TRP B 275 15.89 19.30 -37.45
CA TRP B 275 15.43 18.47 -36.34
C TRP B 275 15.95 19.03 -35.01
N GLN B 276 15.06 19.48 -34.15
CA GLN B 276 15.47 20.05 -32.86
C GLN B 276 14.82 19.28 -31.72
N PRO B 277 15.51 19.24 -30.58
CA PRO B 277 14.94 18.69 -29.34
C PRO B 277 13.56 19.28 -28.99
N GLY B 278 13.45 20.56 -29.00
CA GLY B 278 12.04 21.03 -28.90
C GLY B 278 11.02 20.33 -29.85
N ALA B 279 11.42 20.10 -31.08
CA ALA B 279 10.51 20.11 -32.20
C ALA B 279 11.11 19.30 -33.35
N ALA B 280 10.79 18.02 -33.38
CA ALA B 280 11.17 17.15 -34.47
C ALA B 280 10.67 17.66 -35.81
N TYR B 281 11.54 17.67 -36.80
CA TYR B 281 11.10 17.77 -38.17
C TYR B 281 11.80 16.62 -38.86
N LEU B 282 11.08 15.90 -39.71
CA LEU B 282 11.68 14.73 -40.37
C LEU B 282 11.45 14.76 -41.87
N TYR B 283 12.54 14.72 -42.63
CA TYR B 283 12.45 14.47 -44.05
C TYR B 283 12.37 12.97 -44.24
N GLN B 284 11.91 12.63 -45.43
CA GLN B 284 11.68 11.27 -45.78
C GLN B 284 12.48 11.04 -47.09
N LEU B 285 13.47 10.15 -46.99
CA LEU B 285 14.39 9.89 -48.07
C LEU B 285 14.00 8.57 -48.69
N HIS B 286 13.63 8.60 -49.98
CA HIS B 286 13.29 7.38 -50.72
C HIS B 286 14.42 6.90 -51.65
N ALA B 287 15.10 5.84 -51.24
CA ALA B 287 16.18 5.27 -52.03
C ALA B 287 15.62 4.19 -52.92
N SER B 288 15.90 4.27 -54.20
CA SER B 288 15.40 3.29 -55.18
C SER B 288 16.49 2.74 -56.06
N ILE B 289 16.20 1.54 -56.57
CA ILE B 289 16.90 0.95 -57.67
C ILE B 289 16.01 0.99 -58.92
N ILE B 290 16.61 1.42 -60.03
CA ILE B 290 15.91 1.69 -61.30
C ILE B 290 16.47 0.84 -62.45
N ASP B 291 15.58 0.14 -63.18
CA ASP B 291 16.02 -0.64 -64.32
C ASP B 291 16.26 0.23 -65.55
N SER B 292 16.78 -0.42 -66.61
CA SER B 292 17.18 0.24 -67.88
C SER B 292 16.15 1.26 -68.31
N SER B 293 14.90 0.80 -68.40
CA SER B 293 13.76 1.69 -68.53
C SER B 293 13.67 2.57 -67.28
N LYS B 294 12.56 3.26 -67.08
CA LYS B 294 12.44 4.11 -65.90
C LYS B 294 11.63 3.41 -64.79
N LYS B 295 11.81 2.11 -64.65
CA LYS B 295 10.91 1.30 -63.81
C LYS B 295 11.53 0.95 -62.47
N THR B 296 10.79 1.27 -61.41
CA THR B 296 11.24 1.04 -60.05
C THR B 296 11.29 -0.45 -59.74
N ILE B 297 12.45 -0.97 -59.38
CA ILE B 297 12.58 -2.37 -59.04
C ILE B 297 12.63 -2.63 -57.53
N ASP B 298 13.14 -1.65 -56.77
CA ASP B 298 13.18 -1.71 -55.33
C ASP B 298 13.15 -0.29 -54.80
N THR B 299 12.57 -0.13 -53.60
CA THR B 299 12.46 1.18 -52.96
C THR B 299 12.39 1.02 -51.45
N TYR B 300 12.82 2.04 -50.75
CA TYR B 300 12.92 1.97 -49.31
C TYR B 300 12.91 3.38 -48.74
N LYS B 301 12.13 3.55 -47.68
CA LYS B 301 11.78 4.86 -47.14
C LYS B 301 12.44 5.04 -45.78
N LEU B 302 13.43 5.91 -45.73
CA LEU B 302 14.23 6.16 -44.54
C LEU B 302 13.99 7.54 -43.97
N ALA B 303 13.49 7.63 -42.75
CA ALA B 303 13.27 8.91 -42.09
C ALA B 303 14.62 9.51 -41.72
N THR B 304 14.80 10.79 -42.02
CA THR B 304 16.02 11.49 -41.69
C THR B 304 15.75 12.90 -41.16
N GLY B 305 16.42 13.23 -40.07
CA GLY B 305 16.38 14.55 -39.45
C GLY B 305 17.72 15.27 -39.51
N ILE B 306 17.68 16.51 -39.98
CA ILE B 306 18.91 17.23 -40.21
C ILE B 306 19.31 17.98 -38.98
N ARG B 307 20.44 17.55 -38.42
CA ARG B 307 20.86 17.97 -37.12
C ARG B 307 22.38 17.71 -36.98
N THR B 308 23.07 18.57 -36.24
CA THR B 308 24.48 18.32 -35.84
C THR B 308 24.58 18.06 -34.33
N VAL B 309 25.57 17.25 -33.93
CA VAL B 309 25.99 17.10 -32.53
C VAL B 309 27.49 17.46 -32.43
N LYS B 310 27.87 18.21 -31.41
CA LYS B 310 29.23 18.64 -31.25
C LYS B 310 29.57 18.89 -29.80
N VAL B 311 30.76 18.47 -29.42
CA VAL B 311 31.31 18.80 -28.12
C VAL B 311 32.37 19.88 -28.30
N GLN B 312 32.29 20.94 -27.50
CA GLN B 312 33.23 22.04 -27.48
C GLN B 312 33.48 22.31 -26.04
N GLY B 313 34.70 22.07 -25.59
CA GLY B 313 35.01 22.27 -24.19
C GLY B 313 33.99 21.53 -23.36
N THR B 314 33.26 22.24 -22.50
CA THR B 314 32.31 21.60 -21.58
C THR B 314 30.87 21.67 -22.08
N GLN B 315 30.70 22.03 -23.33
CA GLN B 315 29.37 22.23 -23.88
C GLN B 315 29.06 21.13 -24.88
N PHE B 316 27.83 20.63 -24.76
CA PHE B 316 27.24 19.70 -25.68
C PHE B 316 26.33 20.52 -26.57
N LEU B 317 26.62 20.53 -27.86
CA LEU B 317 25.88 21.37 -28.82
C LEU B 317 25.09 20.52 -29.80
N ILE B 318 23.79 20.77 -29.85
CA ILE B 318 22.92 20.30 -30.90
C ILE B 318 22.54 21.50 -31.77
N ASN B 319 22.85 21.35 -33.07
CA ASN B 319 22.76 22.41 -34.06
C ASN B 319 23.39 23.71 -33.58
N ASP B 320 24.61 23.62 -33.09
CA ASP B 320 25.38 24.79 -32.58
C ASP B 320 24.82 25.55 -31.36
N LYS B 321 23.82 25.05 -30.67
CA LYS B 321 23.46 25.74 -29.46
C LYS B 321 23.53 24.79 -28.26
N PRO B 322 24.00 25.30 -27.10
CA PRO B 322 24.21 24.50 -25.91
C PRO B 322 22.96 23.74 -25.51
N PHE B 323 23.15 22.52 -25.01
CA PHE B 323 22.06 21.61 -24.67
C PHE B 323 22.23 21.05 -23.25
N TYR B 324 21.14 20.95 -22.52
CA TYR B 324 21.18 20.39 -21.19
C TYR B 324 20.24 19.18 -21.10
N PHE B 325 20.80 17.99 -20.89
CA PHE B 325 19.97 16.78 -20.84
C PHE B 325 19.14 16.85 -19.59
N THR B 326 17.84 16.65 -19.73
CA THR B 326 16.97 16.35 -18.60
C THR B 326 16.25 15.04 -18.91
N GLY B 327 15.98 14.25 -17.86
CA GLY B 327 15.25 13.01 -18.03
C GLY B 327 15.76 11.85 -17.22
N PHE B 328 15.88 10.68 -17.85
CA PHE B 328 16.04 9.41 -17.14
C PHE B 328 16.96 8.38 -17.70
N GLY B 329 17.44 7.56 -16.79
CA GLY B 329 17.74 6.21 -17.14
C GLY B 329 16.44 5.39 -17.10
N LYS B 330 16.27 4.53 -18.10
CA LYS B 330 15.06 3.73 -18.25
C LYS B 330 15.42 2.28 -18.17
N HIS B 331 14.46 1.44 -18.49
CA HIS B 331 14.68 0.00 -18.73
C HIS B 331 13.51 -0.47 -19.57
N GLU B 332 13.70 -1.53 -20.33
CA GLU B 332 12.57 -2.22 -20.95
C GLU B 332 12.09 -3.27 -19.95
N ASP B 333 11.05 -2.89 -19.20
CA ASP B 333 10.51 -3.63 -18.05
C ASP B 333 9.06 -3.22 -17.87
N THR B 334 8.17 -4.15 -18.05
CA THR B 334 6.79 -4.01 -17.65
C THR B 334 6.32 -5.32 -17.04
N ASN B 335 5.28 -5.18 -16.22
CA ASN B 335 4.74 -6.20 -15.36
C ASN B 335 4.75 -7.65 -15.85
N ILE B 336 4.16 -8.01 -16.99
CA ILE B 336 4.14 -9.51 -17.18
C ILE B 336 5.11 -9.98 -18.27
N ARG B 337 5.24 -9.16 -19.31
CA ARG B 337 5.98 -9.49 -20.48
C ARG B 337 7.46 -9.18 -20.35
N GLY B 338 7.88 -8.74 -19.19
CA GLY B 338 9.31 -8.65 -18.97
C GLY B 338 9.96 -7.52 -19.74
N LYS B 339 10.87 -7.87 -20.64
CA LYS B 339 11.51 -6.90 -21.58
C LYS B 339 10.82 -6.85 -22.93
N GLY B 340 9.70 -7.55 -23.04
CA GLY B 340 8.98 -7.58 -24.31
C GLY B 340 8.59 -6.18 -24.70
N HIS B 341 8.81 -5.82 -25.94
CA HIS B 341 8.40 -4.53 -26.43
C HIS B 341 6.88 -4.37 -26.43
N ASP B 342 6.44 -3.19 -26.03
CA ASP B 342 5.04 -2.87 -25.84
C ASP B 342 4.71 -1.44 -26.31
N ASP B 343 4.10 -1.31 -27.48
CA ASP B 343 3.70 -0.03 -28.04
C ASP B 343 2.92 0.84 -27.03
N ALA B 344 2.04 0.26 -26.24
CA ALA B 344 1.26 1.09 -25.29
C ALA B 344 2.13 1.76 -24.26
N TYR B 345 2.95 0.98 -23.59
CA TYR B 345 3.78 1.51 -22.52
C TYR B 345 4.77 2.53 -23.09
N MET B 346 5.18 2.29 -24.34
CA MET B 346 6.13 3.20 -25.02
C MET B 346 5.51 4.59 -25.26
N VAL B 347 4.29 4.61 -25.80
CA VAL B 347 3.64 5.89 -26.05
C VAL B 347 3.38 6.61 -24.72
N HIS B 348 2.91 5.86 -23.73
CA HIS B 348 2.60 6.46 -22.44
C HIS B 348 3.84 7.02 -21.78
N ASP B 349 4.89 6.22 -21.71
CA ASP B 349 6.17 6.62 -21.16
C ASP B 349 6.67 7.91 -21.81
N PHE B 350 6.41 8.11 -23.09
CA PHE B 350 6.85 9.33 -23.71
C PHE B 350 5.92 10.49 -23.33
N GLN B 351 4.63 10.20 -23.14
CA GLN B 351 3.72 11.26 -22.69
C GLN B 351 4.11 11.75 -21.31
N LEU B 352 4.49 10.82 -20.44
CA LEU B 352 4.93 11.17 -19.10
C LEU B 352 6.22 12.03 -19.17
N LEU B 353 7.17 11.67 -20.06
CA LEU B 353 8.35 12.51 -20.33
C LEU B 353 7.92 13.93 -20.71
N HIS B 354 7.02 14.02 -21.68
CA HIS B 354 6.56 15.35 -22.12
C HIS B 354 5.83 16.05 -20.99
N TRP B 355 5.10 15.28 -20.20
CA TRP B 355 4.37 15.80 -19.07
C TRP B 355 5.29 16.48 -18.05
N MET B 356 6.48 15.94 -17.82
CA MET B 356 7.34 16.47 -16.80
C MET B 356 8.44 17.29 -17.43
N GLY B 357 8.32 17.52 -18.74
CA GLY B 357 9.27 18.35 -19.48
C GLY B 357 10.64 17.72 -19.62
N ALA B 358 10.74 16.41 -19.44
CA ALA B 358 11.97 15.69 -19.67
C ALA B 358 12.25 15.65 -21.16
N ASN B 359 13.51 15.92 -21.52
CA ASN B 359 13.87 16.01 -22.94
C ASN B 359 14.76 14.86 -23.49
N SER B 360 15.09 13.90 -22.61
CA SER B 360 15.99 12.83 -22.99
C SER B 360 15.90 11.61 -22.09
N PHE B 361 16.50 10.52 -22.56
CA PHE B 361 16.74 9.35 -21.74
C PHE B 361 17.91 8.55 -22.32
N ARG B 362 18.44 7.66 -21.50
CA ARG B 362 19.49 6.73 -21.89
C ARG B 362 19.01 5.28 -21.95
N THR B 363 19.51 4.50 -22.90
CA THR B 363 19.01 3.15 -23.09
C THR B 363 19.74 2.19 -22.14
N SER B 364 19.83 2.58 -20.89
CA SER B 364 20.38 1.73 -19.87
C SER B 364 19.62 0.38 -19.84
N HIS B 365 20.30 -0.76 -19.90
CA HIS B 365 21.72 -0.95 -20.25
C HIS B 365 21.87 -1.95 -21.45
N TYR B 366 21.22 -1.62 -22.56
CA TYR B 366 21.21 -2.47 -23.73
C TYR B 366 20.43 -1.70 -24.78
N PRO B 367 20.69 -1.91 -26.07
CA PRO B 367 19.86 -1.23 -27.03
C PRO B 367 18.41 -1.63 -26.84
N TYR B 368 17.53 -0.64 -27.01
CA TYR B 368 16.12 -0.83 -26.80
C TYR B 368 15.53 -1.21 -28.12
N ALA B 369 14.26 -1.55 -28.15
CA ALA B 369 13.61 -1.88 -29.38
C ALA B 369 13.84 -0.81 -30.42
N GLU B 370 14.03 -1.19 -31.69
CA GLU B 370 14.30 -0.18 -32.76
C GLU B 370 13.14 0.80 -32.88
N GLU B 371 11.95 0.31 -32.61
CA GLU B 371 10.78 1.15 -32.74
C GLU B 371 10.78 2.32 -31.77
N VAL B 372 11.46 2.16 -30.63
CA VAL B 372 11.59 3.22 -29.65
C VAL B 372 12.44 4.34 -30.24
N MET B 373 13.49 3.99 -30.96
CA MET B 373 14.40 4.98 -31.56
C MET B 373 13.71 5.75 -32.67
N GLU B 374 12.90 5.04 -33.46
CA GLU B 374 12.08 5.71 -34.50
C GLU B 374 11.15 6.67 -33.84
N TYR B 375 10.48 6.20 -32.78
CA TYR B 375 9.51 6.99 -32.04
C TYR B 375 10.19 8.17 -31.36
N ALA B 376 11.41 7.98 -30.89
CA ALA B 376 12.13 9.10 -30.33
C ALA B 376 12.39 10.20 -31.41
N ASP B 377 12.74 9.78 -32.64
CA ASP B 377 12.95 10.69 -33.74
C ASP B 377 11.73 11.55 -33.96
N ARG B 378 10.55 10.95 -33.97
CA ARG B 378 9.27 11.67 -34.21
C ARG B 378 8.82 12.55 -33.07
N GLN B 379 9.08 12.10 -31.86
CA GLN B 379 8.74 12.87 -30.66
C GLN B 379 9.73 14.00 -30.28
N GLY B 380 10.81 14.19 -31.03
CA GLY B 380 11.82 15.18 -30.66
C GLY B 380 12.57 14.94 -29.37
N ILE B 381 12.68 13.69 -28.96
CA ILE B 381 13.34 13.33 -27.70
C ILE B 381 14.74 12.86 -28.02
N VAL B 382 15.66 13.16 -27.11
CA VAL B 382 17.07 12.90 -27.31
C VAL B 382 17.53 11.64 -26.59
N VAL B 383 18.43 10.89 -27.23
CA VAL B 383 18.80 9.56 -26.75
C VAL B 383 20.32 9.31 -26.67
N ILE B 384 20.72 8.96 -25.45
CA ILE B 384 21.99 8.33 -25.24
C ILE B 384 21.79 6.84 -25.45
N ASP B 385 22.41 6.29 -26.48
CA ASP B 385 22.13 4.93 -26.94
C ASP B 385 23.25 4.09 -26.41
N GLU B 386 22.95 2.94 -25.82
CA GLU B 386 23.95 2.21 -25.03
C GLU B 386 23.98 0.70 -25.31
N THR B 387 25.19 0.13 -25.31
CA THR B 387 25.44 -1.30 -25.52
C THR B 387 25.01 -2.14 -24.30
N PRO B 388 24.98 -3.48 -24.46
CA PRO B 388 24.80 -4.37 -23.30
C PRO B 388 25.99 -4.47 -22.32
N ALA B 389 27.03 -3.71 -22.52
CA ALA B 389 28.24 -3.92 -21.77
C ALA B 389 28.19 -3.34 -20.38
N VAL B 390 27.34 -3.94 -19.53
CA VAL B 390 27.23 -3.60 -18.12
C VAL B 390 27.71 -4.83 -17.33
N GLY B 391 28.06 -4.66 -16.07
CA GLY B 391 28.54 -5.78 -15.29
C GLY B 391 29.99 -6.16 -15.47
N LEU B 392 30.82 -5.35 -16.15
CA LEU B 392 32.26 -5.66 -16.29
C LEU B 392 32.88 -5.08 -15.03
N ALA B 393 32.62 -5.75 -13.91
CA ALA B 393 33.10 -5.31 -12.57
C ALA B 393 32.77 -6.41 -11.55
N PHE B 394 33.79 -6.99 -10.91
CA PHE B 394 33.56 -7.94 -9.78
C PHE B 394 33.81 -7.37 -8.37
N SER B 395 33.47 -6.10 -8.15
CA SER B 395 33.62 -5.43 -6.85
C SER B 395 32.29 -4.83 -6.38
N PRO B 406 38.59 -9.35 -6.52
CA PRO B 406 39.35 -10.09 -7.55
C PRO B 406 39.42 -9.34 -8.89
N ALA B 407 40.58 -9.41 -9.53
CA ALA B 407 40.89 -8.57 -10.70
C ALA B 407 39.88 -8.81 -11.86
N THR B 408 39.11 -7.76 -12.22
CA THR B 408 38.15 -7.81 -13.34
C THR B 408 38.77 -7.98 -14.73
N PHE B 409 39.76 -7.16 -15.06
CA PHE B 409 40.42 -7.22 -16.38
C PHE B 409 41.67 -8.05 -16.32
N SER B 410 41.51 -9.34 -16.55
CA SER B 410 42.60 -10.31 -16.53
C SER B 410 42.23 -11.49 -17.41
N PRO B 411 43.22 -12.31 -17.79
CA PRO B 411 42.97 -13.47 -18.67
C PRO B 411 41.92 -14.50 -18.19
N ASP B 412 41.69 -14.57 -16.90
CA ASP B 412 40.72 -15.51 -16.38
C ASP B 412 39.36 -14.88 -16.15
N ARG B 413 39.28 -13.56 -16.29
CA ARG B 413 38.00 -12.89 -16.16
C ARG B 413 37.63 -12.26 -17.50
N ILE B 414 37.36 -10.96 -17.44
CA ILE B 414 37.04 -10.17 -18.62
C ILE B 414 38.31 -9.91 -19.37
N ASN B 415 38.39 -10.51 -20.55
CA ASN B 415 39.61 -10.59 -21.31
C ASN B 415 39.42 -10.15 -22.77
N ASN B 416 40.39 -10.37 -23.63
CA ASN B 416 40.29 -9.93 -25.02
C ASN B 416 39.22 -10.66 -25.84
N LYS B 417 38.96 -11.90 -25.48
CA LYS B 417 37.86 -12.61 -26.08
C LYS B 417 36.56 -11.92 -25.69
N THR B 418 36.43 -11.50 -24.45
CA THR B 418 35.32 -10.68 -24.06
C THR B 418 35.28 -9.37 -24.81
N ARG B 419 36.44 -8.72 -24.93
CA ARG B 419 36.52 -7.47 -25.69
C ARG B 419 36.00 -7.62 -27.11
N GLU B 420 36.16 -8.80 -27.70
CA GLU B 420 35.62 -9.04 -29.06
C GLU B 420 34.10 -8.96 -29.10
N ALA B 421 33.44 -9.67 -28.19
CA ALA B 421 31.98 -9.59 -28.03
C ALA B 421 31.54 -8.14 -27.85
N HIS B 422 32.29 -7.41 -27.05
CA HIS B 422 32.07 -5.98 -26.82
C HIS B 422 32.21 -5.14 -28.08
N ALA B 423 33.27 -5.39 -28.84
CA ALA B 423 33.48 -4.70 -30.10
C ALA B 423 32.35 -5.09 -31.00
N GLN B 424 32.08 -6.37 -31.07
CA GLN B 424 30.92 -6.87 -31.81
C GLN B 424 29.59 -6.19 -31.42
N ALA B 425 29.42 -5.90 -30.14
CA ALA B 425 28.22 -5.27 -29.67
C ALA B 425 28.14 -3.80 -30.13
N ILE B 426 29.27 -3.10 -30.09
CA ILE B 426 29.34 -1.75 -30.60
C ILE B 426 29.00 -1.75 -32.09
N ARG B 427 29.50 -2.74 -32.81
CA ARG B 427 29.35 -2.80 -34.25
C ARG B 427 27.91 -2.98 -34.58
N GLU B 428 27.21 -3.85 -33.88
CA GLU B 428 25.85 -4.15 -34.32
C GLU B 428 24.89 -3.04 -33.92
N LEU B 429 25.06 -2.49 -32.73
CA LEU B 429 24.30 -1.30 -32.27
C LEU B 429 24.42 -0.10 -33.19
N ILE B 430 25.65 0.29 -33.51
CA ILE B 430 25.88 1.44 -34.39
C ILE B 430 25.32 1.21 -35.81
N HIS B 431 25.55 0.02 -36.34
CA HIS B 431 24.98 -0.34 -37.63
C HIS B 431 23.45 -0.22 -37.72
N ARG B 432 22.75 -0.54 -36.64
CA ARG B 432 21.31 -0.47 -36.63
C ARG B 432 20.81 0.95 -36.30
N ASP B 433 21.49 1.70 -35.46
CA ASP B 433 20.96 3.01 -35.04
C ASP B 433 21.66 4.26 -35.57
N LYS B 434 22.65 4.07 -36.45
CA LYS B 434 23.43 5.19 -37.03
C LYS B 434 22.60 6.32 -37.62
N ASN B 435 21.47 6.01 -38.28
CA ASN B 435 20.63 7.03 -38.95
C ASN B 435 19.57 7.73 -38.11
N HIS B 436 19.49 7.44 -36.81
CA HIS B 436 18.50 8.13 -35.93
C HIS B 436 18.94 9.52 -35.43
N PRO B 437 18.25 10.58 -35.86
CA PRO B 437 18.60 11.90 -35.35
C PRO B 437 18.42 12.03 -33.84
N SER B 438 17.55 11.24 -33.25
CA SER B 438 17.39 11.24 -31.81
C SER B 438 18.62 10.77 -31.10
N VAL B 439 19.41 9.90 -31.73
CA VAL B 439 20.57 9.30 -31.09
C VAL B 439 21.74 10.24 -31.24
N VAL B 440 22.14 10.75 -30.11
CA VAL B 440 23.02 11.87 -30.05
C VAL B 440 24.37 11.55 -29.42
N MET B 441 24.56 10.32 -28.92
CA MET B 441 25.80 9.88 -28.24
C MET B 441 25.76 8.38 -27.96
N TRP B 442 26.89 7.70 -28.13
CA TRP B 442 26.97 6.28 -27.86
C TRP B 442 27.57 6.08 -26.48
N SER B 443 26.95 5.22 -25.68
CA SER B 443 27.49 4.84 -24.37
C SER B 443 28.03 3.41 -24.47
N ILE B 444 29.35 3.29 -24.36
CA ILE B 444 30.10 2.02 -24.57
C ILE B 444 29.85 0.97 -23.47
N ALA B 445 29.65 1.42 -22.23
CA ALA B 445 29.50 0.51 -21.09
C ALA B 445 28.84 1.19 -19.92
N ASN B 446 28.31 0.40 -19.00
CA ASN B 446 27.83 0.94 -17.72
C ASN B 446 28.51 0.32 -16.50
N ASP B 447 29.07 1.17 -15.66
CA ASP B 447 29.72 0.77 -14.44
C ASP B 447 30.83 -0.23 -14.62
N PRO B 448 31.70 -0.05 -15.62
CA PRO B 448 32.89 -0.91 -15.55
C PRO B 448 33.80 -0.53 -14.39
N ALA B 449 34.67 -1.45 -14.04
CA ALA B 449 35.70 -1.21 -13.05
C ALA B 449 36.89 -0.42 -13.70
N SER B 450 36.61 0.85 -13.97
CA SER B 450 37.49 1.72 -14.72
C SER B 450 38.65 2.25 -13.85
N ASN B 451 38.73 1.74 -12.64
CA ASN B 451 39.74 2.15 -11.67
C ASN B 451 40.82 1.08 -11.50
N GLU B 452 40.59 -0.09 -12.07
CA GLU B 452 41.50 -1.21 -11.88
C GLU B 452 42.54 -1.32 -13.01
N ASP B 453 43.66 -1.95 -12.66
CA ASP B 453 44.71 -2.32 -13.63
C ASP B 453 44.06 -3.19 -14.72
N GLY B 454 44.43 -2.99 -15.99
CA GLY B 454 43.81 -3.75 -17.08
C GLY B 454 42.66 -3.05 -17.81
N ALA B 455 42.15 -2.01 -17.21
CA ALA B 455 40.93 -1.42 -17.64
C ALA B 455 41.18 -0.53 -18.85
N ARG B 456 42.26 0.22 -18.84
CA ARG B 456 42.59 1.07 -19.97
C ARG B 456 42.98 0.27 -21.19
N GLU B 457 43.75 -0.79 -20.99
CA GLU B 457 44.16 -1.71 -22.06
C GLU B 457 42.99 -2.47 -22.63
N TYR B 458 41.96 -2.73 -21.82
CA TYR B 458 40.76 -3.40 -22.34
C TYR B 458 39.95 -2.37 -23.13
N PHE B 459 39.76 -1.19 -22.56
CA PHE B 459 38.82 -0.26 -23.18
C PHE B 459 39.34 0.48 -24.43
N ALA B 460 40.65 0.62 -24.57
CA ALA B 460 41.18 1.59 -25.53
C ALA B 460 40.63 1.39 -26.94
N PRO B 461 40.67 0.17 -27.47
CA PRO B 461 40.18 0.01 -28.84
C PRO B 461 38.73 0.49 -29.04
N LEU B 462 37.92 0.51 -27.97
CA LEU B 462 36.45 0.60 -28.11
C LEU B 462 35.86 1.99 -28.49
N PRO B 463 36.25 3.06 -27.79
CA PRO B 463 35.74 4.32 -28.30
C PRO B 463 36.32 4.70 -29.67
N LYS B 464 37.57 4.34 -29.98
CA LYS B 464 38.12 4.56 -31.35
C LYS B 464 37.25 3.86 -32.38
N LEU B 465 36.79 2.66 -32.04
CA LEU B 465 35.97 1.83 -32.95
C LEU B 465 34.61 2.47 -33.17
N ALA B 466 34.04 2.99 -32.09
CA ALA B 466 32.76 3.60 -32.22
C ALA B 466 32.87 4.83 -33.15
N ARG B 467 33.86 5.69 -32.91
CA ARG B 467 34.00 6.96 -33.66
C ARG B 467 34.31 6.71 -35.12
N GLN B 468 34.99 5.60 -35.33
CA GLN B 468 35.29 5.16 -36.65
C GLN B 468 34.07 4.65 -37.40
N LEU B 469 33.20 3.86 -36.77
CA LEU B 469 31.95 3.42 -37.43
C LEU B 469 30.94 4.58 -37.52
N ASP B 470 30.94 5.47 -36.53
CA ASP B 470 30.12 6.68 -36.65
C ASP B 470 30.90 7.92 -36.24
N PRO B 471 31.44 8.63 -37.23
CA PRO B 471 32.18 9.83 -36.84
C PRO B 471 31.29 11.03 -36.56
N THR B 472 29.97 10.89 -36.55
CA THR B 472 29.08 12.07 -36.44
C THR B 472 28.65 12.38 -35.02
N ARG B 473 28.96 11.48 -34.08
CA ARG B 473 28.52 11.61 -32.70
C ARG B 473 29.67 11.42 -31.72
N PRO B 474 29.54 11.98 -30.52
CA PRO B 474 30.44 11.70 -29.44
C PRO B 474 30.20 10.37 -28.73
N VAL B 475 31.25 9.91 -28.06
CA VAL B 475 31.27 8.66 -27.30
C VAL B 475 31.48 8.86 -25.79
N THR B 476 30.71 8.09 -25.02
CA THR B 476 30.81 8.09 -23.57
C THR B 476 30.75 6.69 -22.95
N PHE B 477 30.69 6.70 -21.63
CA PHE B 477 30.33 5.52 -20.79
C PHE B 477 29.92 5.98 -19.44
N ALA B 478 29.14 5.16 -18.76
CA ALA B 478 28.67 5.57 -17.44
C ALA B 478 29.60 5.02 -16.36
N ASN B 479 30.21 5.98 -15.66
CA ASN B 479 31.24 5.76 -14.67
C ASN B 479 30.64 5.49 -13.25
N VAL B 480 31.20 4.49 -12.58
CA VAL B 480 30.79 4.08 -11.21
C VAL B 480 31.54 4.83 -10.11
N GLY B 481 30.96 4.87 -8.91
CA GLY B 481 31.44 5.69 -7.78
C GLY B 481 32.83 5.37 -7.30
N LEU B 482 33.24 4.13 -7.43
CA LEU B 482 34.61 3.76 -7.15
C LEU B 482 35.65 4.49 -7.97
N ALA B 483 35.34 4.71 -9.25
CA ALA B 483 36.26 5.37 -10.17
C ALA B 483 36.07 6.86 -10.02
N THR B 484 36.69 7.39 -8.97
CA THR B 484 36.68 8.83 -8.71
C THR B 484 37.53 9.54 -9.72
N TYR B 485 37.51 10.86 -9.70
CA TYR B 485 38.39 11.63 -10.59
C TYR B 485 39.85 11.23 -10.47
N LYS B 486 40.29 10.79 -9.30
CA LYS B 486 41.64 10.24 -9.15
C LYS B 486 41.78 8.85 -9.75
N ALA B 487 40.83 7.97 -9.44
CA ALA B 487 41.04 6.55 -9.62
C ALA B 487 40.81 6.10 -11.05
N ASP B 488 39.98 6.81 -11.80
CA ASP B 488 39.57 6.34 -13.11
C ASP B 488 40.73 6.49 -14.11
N ARG B 489 40.86 5.56 -15.03
CA ARG B 489 42.00 5.61 -15.95
C ARG B 489 41.63 5.40 -17.39
N ILE B 490 40.41 5.81 -17.69
CA ILE B 490 39.77 5.54 -18.94
C ILE B 490 39.14 6.82 -19.46
N ALA B 491 38.83 7.74 -18.56
CA ALA B 491 37.92 8.83 -18.80
C ALA B 491 38.38 9.74 -19.88
N ASP B 492 39.69 9.89 -19.99
CA ASP B 492 40.28 10.81 -20.96
C ASP B 492 40.11 10.29 -22.39
N LEU B 493 39.84 9.00 -22.54
CA LEU B 493 39.63 8.37 -23.84
C LEU B 493 38.23 8.63 -24.38
N PHE B 494 37.37 9.32 -23.62
CA PHE B 494 35.98 9.64 -24.06
C PHE B 494 35.68 11.11 -24.22
N ASP B 495 34.61 11.40 -24.92
CA ASP B 495 34.26 12.78 -25.28
C ASP B 495 33.37 13.52 -24.31
N VAL B 496 32.65 12.77 -23.48
CA VAL B 496 31.70 13.27 -22.48
C VAL B 496 31.77 12.32 -21.28
N LEU B 497 31.75 12.87 -20.08
CA LEU B 497 31.83 12.07 -18.87
C LEU B 497 30.46 11.90 -18.20
N CYS B 498 30.02 10.66 -18.10
CA CYS B 498 28.73 10.36 -17.45
C CYS B 498 29.01 9.66 -16.13
N LEU B 499 28.53 10.28 -15.07
CA LEU B 499 28.73 9.80 -13.75
C LEU B 499 27.45 9.22 -13.15
N ASN B 500 27.59 8.04 -12.56
CA ASN B 500 26.62 7.46 -11.65
C ASN B 500 27.04 7.70 -10.18
N ARG B 501 26.25 8.47 -9.45
CA ARG B 501 26.59 8.84 -8.09
C ARG B 501 25.40 8.82 -7.15
N TYR B 502 24.87 7.62 -7.01
CA TYR B 502 23.98 7.30 -5.95
C TYR B 502 24.63 7.89 -4.69
N PHE B 503 23.82 8.36 -3.75
CA PHE B 503 24.33 8.99 -2.52
C PHE B 503 25.08 7.99 -1.66
N GLY B 504 24.79 6.70 -1.85
CA GLY B 504 25.40 5.60 -1.07
C GLY B 504 26.92 5.68 -1.15
N TRP B 505 27.42 5.97 -2.34
CA TRP B 505 28.87 6.21 -2.54
C TRP B 505 29.47 7.24 -1.58
N TYR B 506 28.65 8.10 -1.00
CA TYR B 506 29.10 9.30 -0.30
C TYR B 506 28.78 9.32 1.18
N THR B 507 27.74 8.57 1.55
CA THR B 507 27.23 8.54 2.92
C THR B 507 26.75 7.14 3.18
N GLN B 508 27.04 6.69 4.40
CA GLN B 508 26.67 5.39 4.90
C GLN B 508 25.29 5.43 5.50
N THR B 509 24.91 6.56 6.09
CA THR B 509 23.69 6.66 6.89
C THR B 509 22.69 7.70 6.35
N ALA B 510 22.61 7.81 5.03
CA ALA B 510 21.57 8.65 4.45
C ALA B 510 21.50 10.07 5.07
N GLU B 511 22.67 10.66 5.27
CA GLU B 511 22.83 12.02 5.78
C GLU B 511 23.02 13.04 4.66
N LEU B 512 22.03 13.88 4.42
CA LEU B 512 22.04 14.79 3.27
C LEU B 512 23.20 15.78 3.19
N ASP B 513 23.53 16.42 4.31
CA ASP B 513 24.62 17.38 4.32
C ASP B 513 25.95 16.74 4.02
N GLU B 514 26.10 15.49 4.47
CA GLU B 514 27.29 14.65 4.22
C GLU B 514 27.35 14.30 2.73
N ALA B 515 26.20 13.89 2.19
CA ALA B 515 26.14 13.56 0.80
C ALA B 515 26.51 14.80 -0.03
N GLU B 516 25.98 15.97 0.36
CA GLU B 516 26.19 17.20 -0.40
C GLU B 516 27.67 17.63 -0.44
N ALA B 517 28.33 17.58 0.70
CA ALA B 517 29.71 17.95 0.73
C ALA B 517 30.54 17.04 -0.14
N ALA B 518 30.27 15.74 -0.13
CA ALA B 518 31.05 14.77 -0.92
C ALA B 518 30.78 14.84 -2.42
N LEU B 519 29.53 15.03 -2.80
CA LEU B 519 29.19 15.22 -4.21
C LEU B 519 29.89 16.46 -4.79
N GLU B 520 29.88 17.56 -4.05
CA GLU B 520 30.51 18.80 -4.50
C GLU B 520 32.04 18.68 -4.63
N GLU B 521 32.68 18.03 -3.65
CA GLU B 521 34.10 17.77 -3.69
C GLU B 521 34.39 16.96 -4.98
N GLU B 522 33.62 15.91 -5.22
CA GLU B 522 33.89 15.04 -6.35
C GLU B 522 33.69 15.75 -7.67
N LEU B 523 32.56 16.44 -7.83
CA LEU B 523 32.32 17.24 -9.02
C LEU B 523 33.41 18.29 -9.25
N ARG B 524 33.88 18.93 -8.20
CA ARG B 524 35.05 19.81 -8.37
C ARG B 524 36.23 19.08 -9.00
N GLY B 525 36.51 17.87 -8.52
CA GLY B 525 37.63 17.10 -9.02
C GLY B 525 37.53 16.85 -10.51
N TRP B 526 36.39 16.35 -10.91
CA TRP B 526 36.10 16.16 -12.31
C TRP B 526 36.19 17.48 -13.11
N THR B 527 35.67 18.60 -12.62
CA THR B 527 35.72 19.81 -13.47
C THR B 527 37.10 20.49 -13.52
N GLU B 528 37.96 20.22 -12.55
CA GLU B 528 39.33 20.73 -12.56
C GLU B 528 40.24 19.96 -13.48
N LYS B 529 39.95 18.68 -13.63
CA LYS B 529 40.86 17.75 -14.24
C LYS B 529 40.49 17.44 -15.68
N TYR B 530 39.22 17.56 -16.04
CA TYR B 530 38.80 17.34 -17.44
C TYR B 530 38.09 18.52 -18.04
N ASP B 531 38.35 18.76 -19.31
CA ASP B 531 37.63 19.80 -20.02
C ASP B 531 36.59 19.10 -20.92
N LYS B 532 35.57 18.58 -20.26
CA LYS B 532 34.51 17.86 -20.97
C LYS B 532 33.15 18.11 -20.35
N PRO B 533 32.08 17.83 -21.11
CA PRO B 533 30.77 18.00 -20.51
C PRO B 533 30.54 16.87 -19.54
N ILE B 534 29.91 17.21 -18.43
CA ILE B 534 29.56 16.22 -17.44
C ILE B 534 28.03 16.06 -17.43
N VAL B 535 27.62 14.81 -17.51
CA VAL B 535 26.24 14.47 -17.40
C VAL B 535 26.14 13.47 -16.28
N MET B 536 25.31 13.79 -15.29
CA MET B 536 24.94 12.84 -14.25
C MET B 536 23.89 11.85 -14.78
N THR B 537 24.27 10.59 -14.87
CA THR B 537 23.43 9.58 -15.52
C THR B 537 22.73 8.62 -14.54
N ASP B 538 23.16 8.64 -13.29
CA ASP B 538 22.45 7.94 -12.24
C ASP B 538 22.48 8.81 -11.00
N TYR B 539 21.30 9.20 -10.52
CA TYR B 539 21.09 9.64 -9.13
C TYR B 539 19.65 9.40 -8.71
N GLY B 540 19.45 8.96 -7.47
CA GLY B 540 18.11 8.79 -6.89
C GLY B 540 18.04 7.99 -5.57
N ALA B 541 16.85 7.57 -5.19
CA ALA B 541 16.65 6.85 -3.93
C ALA B 541 15.54 5.82 -4.05
N ASP B 542 15.79 4.66 -3.44
CA ASP B 542 14.82 3.60 -3.34
C ASP B 542 13.64 4.18 -2.57
N THR B 543 12.44 3.90 -3.05
CA THR B 543 11.30 4.62 -2.60
C THR B 543 10.09 3.76 -2.87
N VAL B 544 9.32 3.53 -1.80
CA VAL B 544 8.08 2.83 -1.86
C VAL B 544 6.94 3.86 -1.87
N ALA B 545 6.05 3.68 -2.84
CA ALA B 545 4.94 4.56 -3.02
C ALA B 545 4.12 4.41 -1.79
N GLY B 546 3.74 5.50 -1.20
CA GLY B 546 2.81 5.45 -0.11
C GLY B 546 3.52 5.49 1.22
N LEU B 547 4.83 5.30 1.20
CA LEU B 547 5.62 5.37 2.42
C LEU B 547 5.97 6.83 2.59
N HIS B 548 5.51 7.40 3.70
CA HIS B 548 5.64 8.79 3.98
C HIS B 548 6.18 9.05 5.37
N SER B 549 6.86 10.18 5.51
CA SER B 549 7.41 10.60 6.78
C SER B 549 7.69 12.08 6.78
N VAL B 550 7.32 12.78 7.85
CA VAL B 550 7.74 14.17 7.96
C VAL B 550 9.20 14.24 8.37
N MET B 551 9.78 13.14 8.79
CA MET B 551 11.22 13.17 9.04
C MET B 551 12.01 12.94 7.76
N VAL B 552 13.31 13.05 7.91
CA VAL B 552 14.25 12.62 6.89
C VAL B 552 14.26 11.09 7.02
N THR B 553 13.52 10.36 6.16
CA THR B 553 13.59 8.89 6.24
C THR B 553 13.68 8.22 4.89
N PRO B 554 14.81 7.53 4.65
CA PRO B 554 15.03 6.74 3.45
C PRO B 554 13.90 5.74 3.22
N TRP B 555 13.54 5.57 1.96
CA TRP B 555 12.42 4.71 1.59
C TRP B 555 11.09 5.45 1.73
N SER B 556 11.14 6.78 1.80
CA SER B 556 9.90 7.56 1.93
C SER B 556 9.86 8.44 0.71
N GLU B 557 8.67 8.92 0.34
CA GLU B 557 8.54 9.78 -0.85
C GLU B 557 9.25 11.11 -0.59
N GLU B 558 9.21 11.56 0.65
CA GLU B 558 9.85 12.80 1.05
C GLU B 558 11.36 12.70 0.85
N PHE B 559 11.95 11.60 1.31
CA PHE B 559 13.40 11.47 1.20
C PHE B 559 13.82 11.58 -0.27
N GLN B 560 13.15 10.85 -1.15
CA GLN B 560 13.49 10.88 -2.55
C GLN B 560 13.47 12.32 -3.11
N VAL B 561 12.42 13.05 -2.77
CA VAL B 561 12.28 14.45 -3.13
C VAL B 561 13.46 15.27 -2.64
N GLU B 562 13.72 15.20 -1.35
CA GLU B 562 14.79 16.00 -0.79
C GLU B 562 16.16 15.69 -1.40
N MET B 563 16.42 14.42 -1.70
CA MET B 563 17.70 14.03 -2.26
C MET B 563 17.88 14.52 -3.68
N LEU B 564 16.82 14.46 -4.48
CA LEU B 564 16.94 14.89 -5.87
C LEU B 564 17.23 16.37 -5.80
N ASP B 565 16.45 17.03 -4.95
CA ASP B 565 16.52 18.48 -4.86
C ASP B 565 17.88 19.02 -4.42
N MET B 566 18.50 18.31 -3.49
CA MET B 566 19.84 18.66 -3.02
C MET B 566 20.87 18.45 -4.12
N TYR B 567 20.70 17.40 -4.90
CA TYR B 567 21.60 17.11 -6.00
C TYR B 567 21.51 18.23 -7.02
N HIS B 568 20.31 18.73 -7.29
CA HIS B 568 20.13 19.76 -8.27
C HIS B 568 20.80 21.04 -7.85
N ARG B 569 20.56 21.47 -6.61
CA ARG B 569 21.29 22.59 -6.05
C ARG B 569 22.78 22.44 -6.25
N VAL B 570 23.33 21.23 -6.06
CA VAL B 570 24.76 21.06 -6.27
C VAL B 570 25.14 21.18 -7.76
N PHE B 571 24.36 20.60 -8.66
CA PHE B 571 24.65 20.64 -10.09
C PHE B 571 24.68 22.05 -10.66
N ASP B 572 23.70 22.83 -10.27
CA ASP B 572 23.59 24.24 -10.64
C ASP B 572 24.74 25.13 -10.19
N ARG B 573 25.60 24.65 -9.30
CA ARG B 573 26.81 25.38 -8.93
C ARG B 573 28.00 25.18 -9.88
N PHE B 574 27.82 24.36 -10.93
CA PHE B 574 28.92 23.95 -11.80
C PHE B 574 28.59 24.18 -13.26
N GLU B 575 29.35 25.05 -13.91
CA GLU B 575 29.12 25.42 -15.31
C GLU B 575 29.27 24.24 -16.29
N ALA B 576 30.16 23.32 -15.97
CA ALA B 576 30.49 22.22 -16.87
C ALA B 576 29.38 21.14 -17.04
N MET B 577 28.35 21.21 -16.21
CA MET B 577 27.27 20.24 -16.24
C MET B 577 26.50 20.43 -17.51
N ALA B 578 26.33 19.32 -18.22
CA ALA B 578 25.58 19.31 -19.43
C ALA B 578 24.31 18.50 -19.33
N GLY B 579 24.04 17.93 -18.15
CA GLY B 579 22.87 17.04 -18.06
C GLY B 579 22.57 16.34 -16.76
N GLU B 580 21.29 16.03 -16.57
CA GLU B 580 20.83 15.29 -15.41
C GLU B 580 19.74 14.26 -15.83
N GLN B 581 20.08 12.99 -15.61
CA GLN B 581 19.14 11.93 -15.85
C GLN B 581 19.04 11.13 -14.55
N VAL B 582 17.88 11.19 -13.94
CA VAL B 582 17.60 10.46 -12.71
C VAL B 582 17.57 8.96 -12.92
N TRP B 583 18.04 8.24 -11.93
CA TRP B 583 17.89 6.81 -11.91
C TRP B 583 16.81 6.42 -10.90
N ASN B 584 15.69 5.81 -11.26
CA ASN B 584 15.25 5.39 -12.60
C ASN B 584 13.92 6.05 -13.00
N PHE B 585 13.55 5.98 -14.27
CA PHE B 585 12.18 6.36 -14.72
C PHE B 585 11.10 5.62 -13.93
N ALA B 586 11.20 4.32 -13.87
CA ALA B 586 10.18 3.53 -13.21
C ALA B 586 10.82 2.40 -12.48
N ASP B 587 10.04 1.78 -11.62
CA ASP B 587 10.46 0.60 -10.87
C ASP B 587 10.61 -0.56 -11.85
N PHE B 588 11.57 -1.43 -11.54
CA PHE B 588 11.86 -2.58 -12.36
C PHE B 588 12.35 -3.83 -11.59
N GLN B 589 12.26 -4.98 -12.26
CA GLN B 589 12.61 -6.25 -11.64
C GLN B 589 14.13 -6.51 -11.65
N THR B 590 14.58 -7.14 -10.57
CA THR B 590 15.98 -7.46 -10.42
C THR B 590 16.08 -8.88 -9.99
N ALA B 591 17.28 -9.41 -10.06
CA ALA B 591 17.60 -10.60 -9.34
C ALA B 591 17.25 -10.34 -7.90
N VAL B 592 16.90 -11.43 -7.25
CA VAL B 592 16.63 -11.50 -5.82
C VAL B 592 17.81 -11.01 -4.97
N GLY B 593 17.54 -10.07 -4.07
CA GLY B 593 18.48 -9.56 -3.07
C GLY B 593 17.63 -9.07 -1.90
N VAL B 594 18.07 -9.37 -0.68
CA VAL B 594 17.38 -8.89 0.54
C VAL B 594 17.40 -7.33 0.61
N SER B 595 18.37 -6.72 -0.08
CA SER B 595 18.44 -5.26 -0.36
C SER B 595 17.50 -4.75 -1.50
N ARG B 596 16.96 -5.68 -2.28
CA ARG B 596 15.98 -5.41 -3.33
C ARG B 596 14.58 -5.87 -2.90
N VAL B 597 13.66 -4.93 -2.82
CA VAL B 597 12.27 -5.17 -2.38
C VAL B 597 11.42 -5.55 -3.60
N ASP B 598 11.29 -6.86 -3.88
CA ASP B 598 10.69 -7.33 -5.15
C ASP B 598 11.13 -6.44 -6.29
N GLY B 599 12.44 -6.26 -6.44
CA GLY B 599 12.96 -5.39 -7.50
C GLY B 599 13.57 -4.10 -6.99
N ASN B 600 13.95 -3.29 -7.95
CA ASN B 600 14.57 -2.02 -7.71
C ASN B 600 13.49 -0.98 -7.62
N LYS B 601 13.43 -0.31 -6.48
CA LYS B 601 12.40 0.68 -6.24
C LYS B 601 12.89 2.11 -6.39
N LYS B 602 13.99 2.32 -7.10
CA LYS B 602 14.43 3.70 -7.40
C LYS B 602 13.60 4.47 -8.45
N GLY B 603 12.50 3.91 -8.93
CA GLY B 603 11.63 4.56 -9.89
C GLY B 603 11.07 5.88 -9.39
N VAL B 604 10.89 6.77 -10.33
CA VAL B 604 10.21 8.01 -10.06
C VAL B 604 8.73 7.77 -10.34
N PHE B 605 8.46 6.76 -11.21
CA PHE B 605 7.17 6.11 -11.38
C PHE B 605 7.21 4.67 -10.86
N THR B 606 6.02 4.13 -10.57
CA THR B 606 5.98 2.76 -10.14
C THR B 606 6.05 1.90 -11.41
N ARG B 607 6.14 0.58 -11.24
CA ARG B 607 6.26 -0.32 -12.37
C ARG B 607 5.10 -0.10 -13.31
N ASP B 608 3.92 0.10 -12.73
CA ASP B 608 2.73 0.35 -13.52
C ASP B 608 2.49 1.85 -13.78
N ARG B 609 3.56 2.64 -13.77
CA ARG B 609 3.60 4.07 -14.22
C ARG B 609 2.81 5.11 -13.40
N LYS B 610 2.69 4.89 -12.13
CA LYS B 610 2.12 5.86 -11.22
C LYS B 610 3.17 6.80 -10.70
N PRO B 611 2.89 8.10 -10.59
CA PRO B 611 3.94 9.00 -10.13
C PRO B 611 4.18 9.04 -8.61
N LYS B 612 5.43 8.91 -8.20
CA LYS B 612 5.76 9.25 -6.83
C LYS B 612 5.92 10.79 -6.79
N ALA B 613 5.92 11.35 -5.56
CA ALA B 613 6.12 12.81 -5.35
C ALA B 613 7.30 13.33 -6.15
N ALA B 614 8.36 12.53 -6.24
CA ALA B 614 9.53 12.89 -7.02
C ALA B 614 9.20 13.27 -8.47
N ALA B 615 8.18 12.64 -9.09
CA ALA B 615 7.83 12.95 -10.47
C ALA B 615 7.39 14.41 -10.53
N HIS B 616 6.53 14.81 -9.60
CA HIS B 616 6.06 16.19 -9.56
C HIS B 616 7.18 17.18 -9.31
N LEU B 617 8.16 16.81 -8.47
CA LEU B 617 9.30 17.68 -8.23
C LEU B 617 10.14 17.87 -9.48
N LEU B 618 10.35 16.79 -10.23
CA LEU B 618 11.09 16.87 -11.47
C LEU B 618 10.34 17.68 -12.52
N ARG B 619 9.03 17.57 -12.51
CA ARG B 619 8.18 18.29 -13.43
C ARG B 619 8.28 19.78 -13.17
N LYS B 620 8.45 20.12 -11.91
CA LYS B 620 8.57 21.52 -11.55
C LYS B 620 9.86 22.08 -12.15
N ARG B 621 10.97 21.41 -11.89
CA ARG B 621 12.24 21.86 -12.37
C ARG B 621 12.40 21.89 -13.89
N TRP B 622 11.89 20.87 -14.59
CA TRP B 622 12.16 20.74 -16.01
C TRP B 622 11.22 21.58 -16.86
N THR B 623 9.99 21.77 -16.46
CA THR B 623 9.11 22.65 -17.23
C THR B 623 9.54 24.13 -17.17
N ASN B 624 10.32 24.52 -16.15
CA ASN B 624 10.85 25.91 -16.03
C ASN B 624 12.22 26.18 -16.68
N LEU B 625 13.31 25.80 -16.01
CA LEU B 625 14.69 26.11 -16.49
C LEU B 625 15.67 24.93 -16.36
N MET C 34 -17.96 20.54 39.20
CA MET C 34 -16.75 21.21 39.82
C MET C 34 -15.54 21.31 38.91
N LEU C 35 -14.62 22.18 39.29
CA LEU C 35 -13.38 22.39 38.56
C LEU C 35 -12.56 21.10 38.34
N LYS C 36 -11.79 21.13 37.28
CA LYS C 36 -10.94 20.02 36.92
C LYS C 36 -9.99 19.89 38.06
N PRO C 37 -9.97 18.71 38.68
CA PRO C 37 -9.18 18.53 39.88
C PRO C 37 -7.66 18.62 39.61
N GLN C 38 -6.97 19.19 40.59
CA GLN C 38 -5.53 19.31 40.59
C GLN C 38 -5.05 19.02 42.02
N GLN C 39 -3.79 18.60 42.14
CA GLN C 39 -3.11 18.53 43.44
C GLN C 39 -2.61 19.90 43.85
N THR C 40 -2.92 20.26 45.09
CA THR C 40 -2.37 21.46 45.70
C THR C 40 -1.86 21.15 47.10
N THR C 41 -1.42 22.19 47.79
CA THR C 41 -1.05 22.09 49.21
C THR C 41 -2.27 21.67 50.03
N THR C 42 -3.47 21.95 49.49
CA THR C 42 -4.75 21.68 50.16
C THR C 42 -5.64 20.63 49.54
N ARG C 43 -5.17 20.02 48.45
CA ARG C 43 -5.97 19.05 47.73
C ARG C 43 -5.09 17.94 47.23
N ASP C 44 -5.56 16.71 47.40
CA ASP C 44 -4.91 15.53 46.84
C ASP C 44 -5.71 14.87 45.69
N LEU C 45 -4.98 14.16 44.82
CA LEU C 45 -5.50 13.70 43.53
C LEU C 45 -4.82 12.40 43.18
N ILE C 46 -5.60 11.33 43.11
CA ILE C 46 -5.09 10.00 42.76
C ILE C 46 -5.68 9.57 41.43
N SER C 47 -4.81 9.20 40.49
CA SER C 47 -5.20 8.60 39.22
C SER C 47 -5.71 7.21 39.45
N LEU C 48 -6.84 6.86 38.84
CA LEU C 48 -7.37 5.51 38.87
C LEU C 48 -7.26 4.80 37.49
N ASP C 49 -6.56 5.44 36.57
CA ASP C 49 -6.21 4.83 35.30
C ASP C 49 -5.41 3.54 35.51
N GLY C 50 -5.46 2.66 34.52
CA GLY C 50 -4.79 1.35 34.62
C GLY C 50 -5.64 0.29 33.97
N LEU C 51 -5.37 -0.97 34.27
CA LEU C 51 -6.30 -2.00 33.82
C LEU C 51 -7.42 -2.19 34.84
N TRP C 52 -8.64 -2.25 34.33
CA TRP C 52 -9.84 -2.56 35.11
C TRP C 52 -10.46 -3.87 34.59
N LYS C 53 -11.10 -4.61 35.47
CA LYS C 53 -11.87 -5.74 35.04
C LYS C 53 -13.06 -5.24 34.21
N PHE C 54 -13.43 -6.02 33.20
CA PHE C 54 -14.36 -5.58 32.16
C PHE C 54 -15.31 -6.72 31.88
N ALA C 55 -16.59 -6.39 31.74
CA ALA C 55 -17.60 -7.34 31.27
C ALA C 55 -18.75 -6.64 30.55
N LEU C 56 -19.23 -7.28 29.48
CA LEU C 56 -20.46 -6.90 28.79
C LEU C 56 -21.61 -7.25 29.67
N ALA C 57 -22.71 -6.55 29.56
CA ALA C 57 -23.96 -7.02 30.16
C ALA C 57 -24.42 -8.18 29.33
N SER C 58 -25.32 -8.98 29.91
CA SER C 58 -25.93 -10.12 29.20
C SER C 58 -27.28 -10.50 29.82
N ASP C 59 -27.86 -11.57 29.30
CA ASP C 59 -29.11 -12.15 29.84
C ASP C 59 -28.78 -13.38 30.71
N ASP C 60 -28.21 -13.12 31.88
CA ASP C 60 -27.75 -14.16 32.79
C ASP C 60 -28.53 -13.94 34.11
N ASN C 61 -28.54 -14.95 35.00
CA ASN C 61 -29.13 -14.85 36.37
C ASN C 61 -28.39 -13.82 37.30
N ASN C 62 -27.59 -12.96 36.65
CA ASN C 62 -26.65 -12.02 37.28
C ASN C 62 -26.98 -10.62 36.82
N THR C 63 -28.19 -10.37 36.38
CA THR C 63 -28.56 -8.99 36.24
C THR C 63 -27.85 -8.44 37.50
N GLN C 64 -27.40 -7.19 37.40
CA GLN C 64 -26.69 -6.52 38.48
C GLN C 64 -25.24 -6.79 38.84
N PRO C 65 -24.35 -6.84 37.85
CA PRO C 65 -22.92 -7.02 38.11
C PRO C 65 -22.37 -6.18 39.28
N TRP C 66 -22.74 -4.91 39.37
CA TRP C 66 -22.18 -3.98 40.38
C TRP C 66 -22.33 -4.44 41.84
N THR C 67 -23.11 -5.48 42.08
CA THR C 67 -23.31 -5.95 43.45
C THR C 67 -22.31 -6.97 43.97
N SER C 68 -21.33 -7.36 43.16
CA SER C 68 -20.27 -8.27 43.63
C SER C 68 -19.01 -8.22 42.74
N GLN C 69 -17.93 -8.90 43.14
CA GLN C 69 -16.71 -8.87 42.33
C GLN C 69 -17.08 -9.46 40.96
N LEU C 70 -16.74 -8.71 39.92
CA LEU C 70 -17.04 -9.07 38.54
C LEU C 70 -16.29 -10.34 38.24
N LYS C 71 -16.91 -11.25 37.50
CA LYS C 71 -16.22 -12.46 37.03
C LYS C 71 -15.87 -12.37 35.53
N THR C 72 -14.61 -12.03 35.28
CA THR C 72 -14.05 -12.01 33.94
C THR C 72 -12.55 -12.14 34.07
N SER C 73 -11.98 -12.77 33.07
CA SER C 73 -10.56 -12.73 32.83
C SER C 73 -10.19 -11.45 32.05
N LEU C 74 -11.19 -10.75 31.51
CA LEU C 74 -10.97 -9.55 30.69
C LEU C 74 -10.65 -8.31 31.47
N GLU C 75 -9.58 -7.64 31.03
CA GLU C 75 -9.16 -6.39 31.58
C GLU C 75 -9.08 -5.38 30.45
N CYS C 76 -9.72 -4.24 30.66
CA CYS C 76 -9.69 -3.16 29.67
C CYS C 76 -8.95 -2.00 30.29
N PRO C 77 -7.98 -1.43 29.59
CA PRO C 77 -7.27 -0.23 30.10
C PRO C 77 -8.16 1.02 30.07
N VAL C 78 -8.15 1.92 31.07
CA VAL C 78 -9.28 2.84 30.99
C VAL C 78 -9.04 4.03 30.13
N PRO C 79 -8.01 4.81 30.38
CA PRO C 79 -8.14 5.84 29.32
C PRO C 79 -8.11 5.16 27.89
N ALA C 80 -9.27 4.68 27.43
CA ALA C 80 -9.48 3.94 26.17
C ALA C 80 -10.97 3.76 25.87
N SER C 81 -11.32 3.73 24.59
CA SER C 81 -12.60 3.13 24.16
C SER C 81 -12.31 1.65 24.16
N TYR C 82 -13.33 0.86 24.44
CA TYR C 82 -13.16 -0.57 24.55
C TYR C 82 -13.31 -1.37 23.25
N ASN C 83 -13.89 -0.76 22.24
CA ASN C 83 -14.30 -1.52 21.05
C ASN C 83 -13.24 -2.33 20.33
N ASP C 84 -12.07 -1.74 20.07
CA ASP C 84 -10.99 -2.42 19.30
C ASP C 84 -9.95 -3.07 20.21
N ILE C 85 -10.14 -2.94 21.52
CA ILE C 85 -9.08 -3.37 22.42
C ILE C 85 -8.90 -4.87 22.31
N PHE C 86 -10.00 -5.58 22.20
CA PHE C 86 -9.95 -6.97 22.53
C PHE C 86 -9.86 -7.89 21.34
N ALA C 87 -9.88 -7.37 20.12
CA ALA C 87 -9.84 -8.24 18.97
C ALA C 87 -10.94 -9.30 19.08
N ASP C 88 -12.15 -8.88 19.42
CA ASP C 88 -13.32 -9.80 19.58
C ASP C 88 -14.52 -9.04 19.00
N SER C 89 -15.25 -9.69 18.12
CA SER C 89 -16.36 -9.08 17.40
C SER C 89 -17.53 -8.78 18.28
N LYS C 90 -17.74 -9.63 19.27
CA LYS C 90 -18.91 -9.48 20.11
C LYS C 90 -18.81 -8.27 21.02
N ILE C 91 -17.61 -8.02 21.58
CA ILE C 91 -17.35 -6.82 22.41
C ILE C 91 -17.48 -5.57 21.52
N HIS C 92 -16.82 -5.60 20.38
CA HIS C 92 -16.84 -4.50 19.44
C HIS C 92 -18.25 -4.12 19.00
N ASP C 93 -19.08 -5.09 18.65
CA ASP C 93 -20.41 -4.82 18.11
C ASP C 93 -21.41 -4.64 19.26
N HIS C 94 -20.96 -4.65 20.51
CA HIS C 94 -21.91 -4.75 21.62
C HIS C 94 -22.88 -3.58 21.62
N VAL C 95 -24.14 -3.83 21.94
CA VAL C 95 -25.11 -2.73 22.11
C VAL C 95 -25.70 -2.72 23.50
N GLY C 96 -25.47 -1.67 24.26
CA GLY C 96 -25.97 -1.61 25.64
C GLY C 96 -24.87 -1.41 26.66
N TRP C 97 -25.03 -2.01 27.83
CA TRP C 97 -24.19 -1.72 29.01
C TRP C 97 -22.94 -2.57 29.04
N VAL C 98 -21.86 -1.99 29.55
CA VAL C 98 -20.65 -2.71 29.91
C VAL C 98 -20.18 -2.26 31.32
N TYR C 99 -19.37 -3.11 31.96
CA TYR C 99 -19.03 -2.83 33.34
C TYR C 99 -17.55 -2.83 33.52
N TYR C 100 -17.05 -1.77 34.12
CA TYR C 100 -15.68 -1.76 34.52
C TYR C 100 -15.61 -1.88 36.05
N GLN C 101 -14.59 -2.57 36.55
CA GLN C 101 -14.49 -2.66 38.01
C GLN C 101 -13.10 -2.67 38.55
N ARG C 102 -12.92 -2.01 39.69
CA ARG C 102 -11.71 -2.12 40.45
C ARG C 102 -11.87 -1.74 41.92
N ASP C 103 -10.92 -2.20 42.71
CA ASP C 103 -10.89 -1.85 44.10
C ASP C 103 -10.10 -0.55 44.29
N VAL C 104 -10.58 0.29 45.17
CA VAL C 104 -9.94 1.54 45.43
C VAL C 104 -9.86 1.74 46.91
N ILE C 105 -8.76 2.35 47.32
CA ILE C 105 -8.51 2.66 48.70
C ILE C 105 -8.37 4.15 48.87
N VAL C 106 -9.19 4.65 49.78
CA VAL C 106 -9.18 6.04 50.16
C VAL C 106 -8.05 6.25 51.14
N PRO C 107 -7.21 7.24 50.88
CA PRO C 107 -6.08 7.38 51.81
C PRO C 107 -6.48 7.64 53.29
N LYS C 108 -5.76 7.02 54.22
CA LYS C 108 -6.01 7.17 55.65
C LYS C 108 -5.86 8.63 56.08
N GLY C 109 -5.00 9.37 55.39
CA GLY C 109 -4.75 10.78 55.73
C GLY C 109 -5.78 11.73 55.17
N TRP C 110 -6.85 11.18 54.59
CA TRP C 110 -7.93 11.99 54.06
C TRP C 110 -9.12 12.08 55.01
N SER C 111 -9.04 11.56 56.23
CA SER C 111 -10.11 11.89 57.21
C SER C 111 -10.00 13.39 57.34
N GLU C 112 -11.08 14.03 57.77
CA GLU C 112 -11.10 15.48 57.89
C GLU C 112 -11.19 16.21 56.55
N GLU C 113 -11.24 15.45 55.47
CA GLU C 113 -11.34 16.01 54.12
C GLU C 113 -12.62 15.54 53.46
N ARG C 114 -12.86 15.97 52.23
CA ARG C 114 -14.04 15.57 51.53
C ARG C 114 -13.44 14.94 50.29
N TYR C 115 -14.06 13.90 49.73
CA TYR C 115 -13.48 13.24 48.56
C TYR C 115 -14.56 12.70 47.63
N LEU C 116 -14.17 12.48 46.37
CA LEU C 116 -15.10 12.25 45.28
C LEU C 116 -14.46 11.26 44.30
N VAL C 117 -15.25 10.58 43.50
CA VAL C 117 -14.74 9.89 42.33
C VAL C 117 -15.26 10.64 41.10
N ARG C 118 -14.38 10.87 40.13
CA ARG C 118 -14.77 11.58 38.94
C ARG C 118 -14.35 10.83 37.73
N CYS C 119 -15.30 10.71 36.80
CA CYS C 119 -15.04 10.36 35.41
C CYS C 119 -14.96 11.61 34.58
N GLU C 120 -13.84 11.80 33.90
CA GLU C 120 -13.70 12.92 32.91
C GLU C 120 -14.69 12.75 31.78
N ALA C 121 -15.01 11.50 31.45
CA ALA C 121 -15.96 11.19 30.40
C ALA C 121 -16.35 9.71 30.38
N ALA C 122 -17.63 9.46 30.15
CA ALA C 122 -18.11 8.10 29.86
C ALA C 122 -19.06 8.15 28.65
N THR C 123 -18.66 7.47 27.59
CA THR C 123 -19.29 7.59 26.29
C THR C 123 -20.20 6.37 26.14
N HIS C 124 -21.52 6.52 26.18
CA HIS C 124 -22.22 7.83 26.24
C HIS C 124 -22.91 8.09 27.55
N HIS C 125 -23.13 7.04 28.37
CA HIS C 125 -23.94 7.15 29.59
C HIS C 125 -23.25 6.36 30.70
N GLY C 126 -22.83 7.08 31.73
CA GLY C 126 -22.03 6.51 32.82
C GLY C 126 -22.85 6.47 34.11
N ARG C 127 -22.64 5.40 34.89
CA ARG C 127 -23.13 5.24 36.26
C ARG C 127 -21.97 4.85 37.18
N ILE C 128 -21.89 5.47 38.36
CA ILE C 128 -20.83 5.17 39.35
C ILE C 128 -21.42 4.52 40.60
N TYR C 129 -20.78 3.42 41.00
CA TYR C 129 -21.23 2.56 42.07
C TYR C 129 -20.13 2.44 43.05
N VAL C 130 -20.45 2.73 44.31
CA VAL C 130 -19.58 2.47 45.41
C VAL C 130 -20.16 1.29 46.16
N ASN C 131 -19.46 0.16 46.12
CA ASN C 131 -19.88 -1.09 46.72
C ASN C 131 -21.36 -1.35 46.54
N GLY C 132 -21.92 -1.28 45.35
CA GLY C 132 -23.38 -1.57 45.35
C GLY C 132 -24.30 -0.38 45.51
N ASN C 133 -23.79 0.75 45.94
CA ASN C 133 -24.55 1.98 45.92
C ASN C 133 -24.37 2.82 44.67
N LEU C 134 -25.44 3.10 43.95
CA LEU C 134 -25.37 4.04 42.86
C LEU C 134 -25.12 5.42 43.42
N VAL C 135 -24.12 6.14 42.91
CA VAL C 135 -23.84 7.50 43.39
C VAL C 135 -23.77 8.57 42.32
N ALA C 136 -23.82 8.20 41.05
CA ALA C 136 -23.89 9.18 39.97
C ALA C 136 -24.48 8.55 38.72
N ASP C 137 -25.20 9.35 37.96
CA ASP C 137 -25.79 8.88 36.75
C ASP C 137 -25.75 10.01 35.73
N HIS C 138 -24.87 9.88 34.75
CA HIS C 138 -24.64 10.93 33.83
C HIS C 138 -24.96 10.51 32.39
N VAL C 139 -25.51 11.45 31.61
CA VAL C 139 -26.00 11.10 30.29
C VAL C 139 -25.17 11.55 29.10
N GLY C 140 -24.51 12.68 29.08
CA GLY C 140 -23.65 12.91 27.84
C GLY C 140 -22.29 12.17 27.70
N GLY C 141 -21.78 12.03 26.50
CA GLY C 141 -20.61 11.17 26.29
C GLY C 141 -19.21 11.77 26.39
N TYR C 142 -19.14 13.09 26.58
CA TYR C 142 -17.89 13.83 26.39
C TYR C 142 -17.57 14.93 27.44
N THR C 143 -18.21 14.87 28.62
CA THR C 143 -18.02 15.88 29.71
C THR C 143 -17.89 15.23 31.08
N PRO C 144 -17.35 15.96 32.07
CA PRO C 144 -17.12 15.28 33.36
C PRO C 144 -18.36 14.97 34.24
N PHE C 145 -18.23 13.94 35.08
CA PHE C 145 -19.10 13.76 36.21
C PHE C 145 -18.43 13.11 37.40
N GLU C 146 -19.10 13.15 38.54
CA GLU C 146 -18.48 12.82 39.83
C GLU C 146 -19.49 12.64 40.96
N ALA C 147 -19.05 11.93 42.01
CA ALA C 147 -19.87 11.71 43.21
C ALA C 147 -19.06 11.92 44.49
N ASP C 148 -19.63 12.67 45.42
CA ASP C 148 -19.03 12.87 46.73
C ASP C 148 -19.29 11.63 47.52
N ILE C 149 -18.23 10.94 47.90
CA ILE C 149 -18.36 9.67 48.63
C ILE C 149 -17.85 9.78 50.04
N THR C 150 -17.53 11.00 50.45
CA THR C 150 -17.04 11.27 51.77
C THR C 150 -17.72 10.45 52.86
N ASP C 151 -19.07 10.42 52.88
CA ASP C 151 -19.83 9.81 53.98
C ASP C 151 -20.17 8.34 53.77
N LEU C 152 -19.79 7.80 52.63
CA LEU C 152 -20.12 6.43 52.30
C LEU C 152 -18.93 5.47 52.52
N VAL C 153 -17.71 6.01 52.46
CA VAL C 153 -16.47 5.25 52.57
C VAL C 153 -15.54 6.02 53.48
N ALA C 154 -15.01 5.33 54.48
CA ALA C 154 -14.16 5.99 55.43
C ALA C 154 -12.72 6.10 54.88
N ALA C 155 -12.01 7.14 55.29
CA ALA C 155 -10.58 7.24 55.01
C ALA C 155 -9.86 5.97 55.40
N GLY C 156 -8.99 5.46 54.52
CA GLY C 156 -8.26 4.20 54.80
C GLY C 156 -9.07 2.97 54.55
N GLU C 157 -10.30 3.12 54.09
CA GLU C 157 -11.11 1.98 53.69
C GLU C 157 -10.92 1.65 52.19
N GLN C 158 -10.99 0.37 51.86
CA GLN C 158 -10.99 -0.09 50.48
C GLN C 158 -12.45 -0.29 50.03
N PHE C 159 -12.78 0.02 48.77
CA PHE C 159 -14.14 -0.28 48.28
C PHE C 159 -14.12 -0.76 46.83
N ARG C 160 -15.19 -1.41 46.40
CA ARG C 160 -15.33 -1.89 45.03
C ARG C 160 -16.01 -0.84 44.12
N LEU C 161 -15.24 -0.28 43.19
CA LEU C 161 -15.73 0.78 42.31
C LEU C 161 -16.16 0.16 40.98
N THR C 162 -17.46 0.19 40.68
CA THR C 162 -17.98 -0.30 39.42
C THR C 162 -18.53 0.87 38.65
N ILE C 163 -18.13 1.03 37.39
CA ILE C 163 -18.68 2.08 36.56
C ILE C 163 -19.30 1.41 35.34
N ALA C 164 -20.60 1.61 35.18
CA ALA C 164 -21.33 1.07 34.08
C ALA C 164 -21.36 2.10 32.99
N VAL C 165 -21.15 1.68 31.74
CA VAL C 165 -21.24 2.61 30.66
C VAL C 165 -22.03 2.02 29.52
N ASP C 166 -22.91 2.85 28.96
CA ASP C 166 -23.88 2.41 27.96
C ASP C 166 -23.62 3.17 26.70
N ASN C 167 -23.75 2.50 25.56
CA ASN C 167 -23.46 3.13 24.26
C ASN C 167 -24.68 3.46 23.41
N GLU C 168 -25.87 3.13 23.90
CA GLU C 168 -27.05 3.18 23.10
C GLU C 168 -27.40 4.60 22.74
N LEU C 169 -27.62 4.84 21.46
CA LEU C 169 -28.06 6.15 20.98
C LEU C 169 -29.53 6.07 20.62
N THR C 170 -30.32 7.04 21.07
CA THR C 170 -31.72 7.16 20.73
C THR C 170 -31.92 8.48 20.03
N TYR C 171 -33.14 8.79 19.62
CA TYR C 171 -33.44 10.10 18.99
C TYR C 171 -33.38 11.22 19.98
N GLN C 172 -33.25 10.88 21.26
CA GLN C 172 -33.08 11.85 22.31
C GLN C 172 -31.65 11.98 22.81
N THR C 173 -30.75 11.05 22.51
CA THR C 173 -29.37 11.27 22.88
C THR C 173 -28.73 12.32 22.03
N ILE C 174 -27.55 12.78 22.47
CA ILE C 174 -26.92 13.84 21.77
C ILE C 174 -26.31 13.59 20.39
N PRO C 175 -25.36 12.66 20.25
CA PRO C 175 -25.59 12.31 18.84
C PRO C 175 -26.87 11.43 18.91
N PRO C 176 -27.85 11.71 18.09
CA PRO C 176 -28.95 10.80 18.16
C PRO C 176 -28.69 9.57 17.30
N GLY C 177 -29.40 8.50 17.56
CA GLY C 177 -29.39 7.39 16.67
C GLY C 177 -30.54 6.47 16.98
N LYS C 178 -30.45 5.25 16.53
CA LYS C 178 -31.51 4.32 16.75
C LYS C 178 -31.06 2.88 16.63
N VAL C 179 -31.37 2.12 17.68
CA VAL C 179 -31.10 0.70 17.75
C VAL C 179 -32.14 -0.08 16.95
N GLU C 180 -31.66 -1.06 16.21
CA GLU C 180 -32.51 -1.90 15.41
C GLU C 180 -32.08 -3.37 15.59
N ILE C 181 -32.93 -4.25 15.11
CA ILE C 181 -32.75 -5.68 15.27
C ILE C 181 -32.79 -6.32 13.90
N LEU C 182 -31.71 -6.99 13.56
CA LEU C 182 -31.64 -7.72 12.31
C LEU C 182 -32.64 -8.86 12.33
N GLU C 183 -33.34 -9.03 11.22
CA GLU C 183 -34.52 -9.90 11.17
C GLU C 183 -34.24 -11.35 11.43
N ALA C 184 -33.23 -11.89 10.78
CA ALA C 184 -33.02 -13.33 10.74
C ALA C 184 -32.25 -13.86 11.94
N THR C 185 -31.35 -13.06 12.45
CA THR C 185 -30.52 -13.47 13.55
C THR C 185 -30.90 -12.89 14.90
N GLY C 186 -31.61 -11.77 14.93
CA GLY C 186 -31.82 -11.05 16.20
C GLY C 186 -30.62 -10.25 16.73
N LYS C 187 -29.61 -10.04 15.91
CA LYS C 187 -28.53 -9.20 16.34
C LYS C 187 -28.99 -7.76 16.51
N LYS C 188 -28.62 -7.23 17.66
CA LYS C 188 -28.93 -5.88 18.03
C LYS C 188 -27.90 -5.02 17.33
N VAL C 189 -28.32 -3.94 16.69
CA VAL C 189 -27.43 -3.20 15.81
C VAL C 189 -27.70 -1.71 16.05
N GLN C 190 -26.72 -0.85 15.83
CA GLN C 190 -26.87 0.57 16.14
C GLN C 190 -26.74 1.46 14.88
N THR C 191 -27.83 2.15 14.51
CA THR C 191 -27.81 3.13 13.42
C THR C 191 -27.61 4.52 13.96
N TYR C 192 -26.98 5.35 13.13
CA TYR C 192 -26.82 6.74 13.43
C TYR C 192 -26.49 7.48 12.16
N GLN C 193 -26.45 8.79 12.21
CA GLN C 193 -26.36 9.60 10.98
C GLN C 193 -25.04 10.31 10.83
N HIS C 194 -24.12 10.13 11.77
CA HIS C 194 -22.79 10.72 11.66
C HIS C 194 -21.74 9.71 11.19
N ASP C 195 -20.62 10.22 10.70
CA ASP C 195 -19.53 9.38 10.20
C ASP C 195 -18.82 8.57 11.29
N PHE C 196 -17.97 9.25 12.06
CA PHE C 196 -17.11 8.57 13.05
C PHE C 196 -17.74 7.40 13.82
N TYR C 197 -16.93 6.37 14.07
CA TYR C 197 -17.45 5.14 14.67
C TYR C 197 -17.95 5.43 16.07
N ASN C 198 -19.05 4.81 16.49
CA ASN C 198 -19.61 4.99 17.83
C ASN C 198 -18.79 4.34 18.93
N TYR C 199 -17.51 4.70 19.03
CA TYR C 199 -16.64 4.14 20.07
C TYR C 199 -17.23 4.41 21.42
N ALA C 200 -17.23 3.45 22.32
CA ALA C 200 -17.74 3.66 23.70
C ALA C 200 -16.74 3.34 24.83
N GLY C 201 -17.12 3.63 26.06
CA GLY C 201 -16.29 3.28 27.20
C GLY C 201 -15.71 4.48 27.94
N LEU C 202 -14.64 4.22 28.68
CA LEU C 202 -14.03 5.25 29.52
C LEU C 202 -12.85 5.80 28.72
N ALA C 203 -13.12 6.71 27.82
CA ALA C 203 -12.15 7.14 26.90
C ALA C 203 -11.31 8.21 27.52
N ARG C 204 -11.61 8.58 28.77
CA ARG C 204 -10.81 9.54 29.46
C ARG C 204 -10.64 9.13 30.91
N SER C 205 -9.73 9.80 31.61
CA SER C 205 -9.19 9.29 32.85
C SER C 205 -10.22 9.34 33.95
N VAL C 206 -10.01 8.49 34.95
CA VAL C 206 -10.81 8.45 36.13
C VAL C 206 -9.97 8.84 37.34
N TRP C 207 -10.59 9.43 38.35
CA TRP C 207 -9.86 10.01 39.45
C TRP C 207 -10.56 9.88 40.81
N LEU C 208 -9.72 9.68 41.84
CA LEU C 208 -10.09 9.88 43.24
C LEU C 208 -9.37 11.10 43.72
N TYR C 209 -10.10 12.05 44.29
CA TYR C 209 -9.47 13.26 44.77
C TYR C 209 -10.16 13.79 45.98
N SER C 210 -9.44 14.66 46.66
CA SER C 210 -9.90 15.20 47.89
C SER C 210 -9.95 16.71 47.80
N VAL C 211 -10.87 17.25 48.59
CA VAL C 211 -11.03 18.67 48.69
C VAL C 211 -11.32 18.94 50.17
N PRO C 212 -10.82 20.07 50.70
CA PRO C 212 -11.22 20.50 52.07
C PRO C 212 -12.73 20.78 52.25
N GLN C 213 -13.25 20.74 53.47
CA GLN C 213 -14.70 21.02 53.72
C GLN C 213 -15.19 22.36 53.15
N GLN C 214 -14.38 23.38 53.37
CA GLN C 214 -14.55 24.66 52.72
C GLN C 214 -13.71 24.63 51.51
N HIS C 215 -14.35 24.58 50.35
CA HIS C 215 -13.58 24.55 49.11
C HIS C 215 -14.13 25.38 47.97
N ILE C 216 -13.23 25.68 47.06
CA ILE C 216 -13.58 26.31 45.80
C ILE C 216 -14.25 25.29 44.85
N GLN C 217 -15.43 25.65 44.37
CA GLN C 217 -16.19 24.77 43.50
C GLN C 217 -16.09 25.17 42.05
N ASP C 218 -16.00 26.46 41.80
CA ASP C 218 -16.01 26.97 40.44
C ASP C 218 -15.40 28.36 40.39
N ILE C 219 -14.85 28.72 39.23
CA ILE C 219 -14.32 30.04 38.98
C ILE C 219 -14.70 30.41 37.57
N THR C 220 -15.12 31.66 37.36
CA THR C 220 -15.29 32.21 36.04
C THR C 220 -14.37 33.39 35.93
N VAL C 221 -13.59 33.47 34.85
CA VAL C 221 -12.75 34.60 34.57
C VAL C 221 -13.14 35.10 33.20
N ARG C 222 -13.33 36.43 33.06
CA ARG C 222 -13.55 37.12 31.77
C ARG C 222 -12.53 38.25 31.56
N THR C 223 -12.06 38.41 30.35
CA THR C 223 -10.92 39.28 30.12
C THR C 223 -11.19 40.32 29.05
N ASP C 224 -11.16 41.61 29.44
CA ASP C 224 -11.14 42.72 28.50
C ASP C 224 -9.75 43.43 28.57
N VAL C 225 -9.59 44.46 27.75
CA VAL C 225 -8.39 45.31 27.72
C VAL C 225 -8.85 46.76 27.61
N GLN C 226 -8.24 47.63 28.41
CA GLN C 226 -8.36 49.11 28.21
C GLN C 226 -7.01 49.70 27.89
N GLY C 227 -6.78 49.92 26.61
CA GLY C 227 -5.48 50.42 26.16
C GLY C 227 -4.46 49.30 26.38
N THR C 228 -3.52 49.53 27.29
CA THR C 228 -2.47 48.57 27.64
C THR C 228 -2.70 47.84 28.98
N THR C 229 -3.82 48.16 29.64
CA THR C 229 -4.14 47.60 30.93
C THR C 229 -5.09 46.46 30.70
N GLY C 230 -4.86 45.36 31.41
CA GLY C 230 -5.69 44.21 31.24
C GLY C 230 -6.62 44.08 32.40
N LEU C 231 -7.83 43.66 32.13
CA LEU C 231 -8.78 43.58 33.21
C LEU C 231 -9.45 42.22 33.23
N ILE C 232 -9.38 41.62 34.40
CA ILE C 232 -9.90 40.31 34.65
C ILE C 232 -11.16 40.39 35.48
N ASP C 233 -12.28 40.03 34.89
CA ASP C 233 -13.50 39.94 35.68
C ASP C 233 -13.60 38.52 36.24
N TYR C 234 -13.63 38.40 37.56
CA TYR C 234 -13.65 37.09 38.15
C TYR C 234 -14.77 36.88 39.12
N ASN C 235 -15.14 35.64 39.28
CA ASN C 235 -16.13 35.23 40.23
C ASN C 235 -15.77 33.85 40.72
N VAL C 236 -15.73 33.68 42.04
CA VAL C 236 -15.38 32.42 42.65
C VAL C 236 -16.62 31.93 43.34
N VAL C 237 -16.94 30.65 43.13
CA VAL C 237 -18.01 29.98 43.86
C VAL C 237 -17.36 28.97 44.78
N ALA C 238 -17.66 29.10 46.07
CA ALA C 238 -17.05 28.29 47.11
C ALA C 238 -18.11 27.75 48.07
N SER C 239 -17.83 26.59 48.66
CA SER C 239 -18.84 25.85 49.40
C SER C 239 -19.31 26.65 50.60
N THR C 240 -18.40 27.40 51.24
CA THR C 240 -18.86 28.30 52.29
C THR C 240 -18.10 29.61 52.46
N THR C 241 -18.72 30.44 53.30
CA THR C 241 -18.37 31.84 53.51
C THR C 241 -17.70 32.17 54.86
N GLN C 242 -17.90 31.36 55.91
CA GLN C 242 -17.04 31.44 57.12
C GLN C 242 -15.53 31.45 56.72
N GLY C 243 -14.84 32.56 56.89
CA GLY C 243 -13.52 32.72 56.24
C GLY C 243 -13.66 32.90 54.72
N THR C 244 -12.71 33.64 54.11
CA THR C 244 -12.95 34.41 52.87
C THR C 244 -12.14 34.04 51.64
N ILE C 245 -12.26 34.83 50.58
CA ILE C 245 -11.58 34.56 49.32
C ILE C 245 -10.52 35.62 49.02
N GLN C 246 -9.29 35.15 48.78
CA GLN C 246 -8.23 35.97 48.24
C GLN C 246 -7.92 35.45 46.84
N VAL C 247 -7.44 36.36 45.99
CA VAL C 247 -7.01 36.04 44.64
C VAL C 247 -5.65 36.66 44.35
N ALA C 248 -4.80 35.90 43.66
CA ALA C 248 -3.55 36.44 43.21
C ALA C 248 -3.35 36.12 41.75
N VAL C 249 -2.83 37.08 41.01
CA VAL C 249 -2.50 36.89 39.59
C VAL C 249 -1.01 36.92 39.46
N ILE C 250 -0.46 35.86 38.91
CA ILE C 250 0.99 35.65 38.92
C ILE C 250 1.37 35.47 37.46
N ASP C 251 2.44 36.13 37.05
CA ASP C 251 2.82 36.07 35.67
C ASP C 251 3.69 34.82 35.40
N GLU C 252 4.13 34.65 34.16
CA GLU C 252 4.92 33.46 33.83
C GLU C 252 6.26 33.34 34.57
N ASP C 253 6.69 34.42 35.22
CA ASP C 253 7.93 34.47 36.02
C ASP C 253 7.74 34.16 37.51
N GLY C 254 6.50 33.85 37.93
CA GLY C 254 6.23 33.63 39.34
C GLY C 254 6.04 34.92 40.15
N THR C 255 6.14 36.05 39.48
CA THR C 255 5.87 37.36 40.06
C THR C 255 4.38 37.65 40.19
N THR C 256 3.94 37.91 41.40
CA THR C 256 2.57 38.33 41.69
C THR C 256 2.38 39.73 41.18
N VAL C 257 1.43 39.90 40.30
CA VAL C 257 1.36 41.11 39.53
C VAL C 257 0.16 41.95 39.99
N ALA C 258 -0.80 41.30 40.65
CA ALA C 258 -2.01 41.94 41.15
C ALA C 258 -2.59 41.06 42.24
N THR C 259 -3.46 41.62 43.09
CA THR C 259 -4.26 40.82 44.03
C THR C 259 -5.67 41.40 44.13
N SER C 260 -6.53 40.72 44.90
CA SER C 260 -7.88 41.19 45.13
C SER C 260 -8.49 40.37 46.26
N SER C 261 -9.52 40.94 46.90
CA SER C 261 -10.25 40.26 47.98
C SER C 261 -11.72 40.13 47.65
N GLY C 262 -12.32 39.03 48.08
CA GLY C 262 -13.73 38.77 47.83
C GLY C 262 -14.01 37.78 46.72
N SER C 263 -15.19 37.19 46.79
CA SER C 263 -15.57 36.09 45.91
C SER C 263 -15.79 36.55 44.48
N ASN C 264 -15.96 37.86 44.24
CA ASN C 264 -15.89 38.34 42.87
C ASN C 264 -15.39 39.75 42.78
N GLY C 265 -14.94 40.15 41.59
CA GLY C 265 -14.40 41.50 41.41
C GLY C 265 -13.61 41.72 40.14
N THR C 266 -12.89 42.83 40.09
CA THR C 266 -12.15 43.20 38.90
C THR C 266 -10.67 43.47 39.20
N ILE C 267 -9.77 42.77 38.52
CA ILE C 267 -8.35 42.87 38.81
C ILE C 267 -7.68 43.69 37.70
N HIS C 268 -6.93 44.72 38.06
CA HIS C 268 -6.24 45.51 37.05
C HIS C 268 -4.78 45.05 36.88
N ILE C 269 -4.39 44.80 35.63
CA ILE C 269 -3.04 44.37 35.31
C ILE C 269 -2.39 45.40 34.37
N PRO C 270 -1.42 46.15 34.90
CA PRO C 270 -0.75 47.14 34.08
C PRO C 270 0.14 46.54 33.00
N SER C 271 0.08 47.06 31.79
CA SER C 271 0.97 46.63 30.68
C SER C 271 0.90 45.12 30.48
N VAL C 272 -0.32 44.64 30.30
CA VAL C 272 -0.58 43.22 30.22
C VAL C 272 0.18 42.62 29.07
N HIS C 273 0.70 41.41 29.30
CA HIS C 273 1.10 40.52 28.22
C HIS C 273 -0.13 39.81 27.70
N LEU C 274 -0.60 40.29 26.57
CA LEU C 274 -1.75 39.69 25.91
C LEU C 274 -1.44 38.24 25.54
N TRP C 275 -2.50 37.42 25.50
CA TRP C 275 -2.48 36.10 24.88
C TRP C 275 -2.75 36.23 23.39
N GLN C 276 -1.86 35.76 22.52
CA GLN C 276 -2.05 35.92 21.06
C GLN C 276 -1.99 34.58 20.32
N PRO C 277 -2.78 34.43 19.25
CA PRO C 277 -2.64 33.33 18.28
C PRO C 277 -1.21 33.24 17.88
N GLY C 278 -0.56 32.12 18.13
CA GLY C 278 0.83 31.97 17.74
C GLY C 278 1.85 32.51 18.73
N ALA C 279 1.41 33.20 19.76
CA ALA C 279 2.27 33.58 20.87
C ALA C 279 1.49 33.58 22.19
N ALA C 280 1.20 32.40 22.72
CA ALA C 280 0.55 32.28 24.02
C ALA C 280 1.30 33.05 25.09
N TYR C 281 0.54 33.67 25.99
CA TYR C 281 1.04 34.09 27.29
C TYR C 281 -0.05 33.74 28.28
N LEU C 282 0.31 33.03 29.35
CA LEU C 282 -0.66 32.64 30.39
C LEU C 282 -0.26 33.16 31.78
N TYR C 283 -1.14 33.94 32.38
CA TYR C 283 -1.02 34.22 33.80
C TYR C 283 -1.66 33.06 34.53
N GLN C 284 -1.43 33.06 35.83
CA GLN C 284 -1.78 31.97 36.67
C GLN C 284 -2.54 32.57 37.89
N LEU C 285 -3.83 32.23 38.00
CA LEU C 285 -4.77 32.89 38.88
C LEU C 285 -5.06 32.01 40.06
N HIS C 286 -4.44 32.29 41.20
CA HIS C 286 -4.61 31.47 42.40
C HIS C 286 -5.81 31.95 43.25
N ALA C 287 -6.90 31.21 43.23
CA ALA C 287 -8.02 31.46 44.13
C ALA C 287 -7.78 30.69 45.41
N SER C 288 -7.76 31.40 46.55
CA SER C 288 -7.60 30.75 47.85
C SER C 288 -8.81 31.01 48.72
N ILE C 289 -9.06 30.08 49.66
CA ILE C 289 -9.90 30.34 50.83
C ILE C 289 -9.03 30.55 52.07
N ILE C 290 -9.27 31.67 52.75
CA ILE C 290 -8.46 32.17 53.85
C ILE C 290 -9.31 32.17 55.13
N ASP C 291 -8.81 31.62 56.23
CA ASP C 291 -9.59 31.66 57.49
C ASP C 291 -9.44 33.00 58.27
N SER C 292 -10.01 33.12 59.48
CA SER C 292 -9.95 34.38 60.27
C SER C 292 -8.48 34.83 60.53
N SER C 293 -7.60 33.88 60.84
CA SER C 293 -6.18 34.14 60.67
C SER C 293 -5.90 34.17 59.16
N LYS C 294 -4.81 34.77 58.70
CA LYS C 294 -4.59 34.73 57.24
C LYS C 294 -3.92 33.41 56.84
N LYS C 295 -4.50 32.31 57.31
CA LYS C 295 -4.04 30.95 57.02
C LYS C 295 -4.82 30.37 55.84
N THR C 296 -4.11 29.75 54.89
CA THR C 296 -4.76 29.15 53.70
C THR C 296 -5.52 27.86 54.01
N ILE C 297 -6.79 27.82 53.63
CA ILE C 297 -7.62 26.64 53.82
C ILE C 297 -7.74 25.80 52.55
N ASP C 298 -7.93 26.48 51.43
CA ASP C 298 -8.03 25.86 50.14
C ASP C 298 -7.27 26.73 49.17
N THR C 299 -6.78 26.13 48.09
CA THR C 299 -6.20 26.92 47.01
C THR C 299 -6.38 26.15 45.72
N TYR C 300 -6.49 26.89 44.61
CA TYR C 300 -6.70 26.35 43.29
C TYR C 300 -6.03 27.27 42.31
N LYS C 301 -5.33 26.71 41.33
CA LYS C 301 -4.57 27.49 40.36
C LYS C 301 -5.16 27.37 38.92
N LEU C 302 -5.62 28.50 38.39
CA LEU C 302 -6.33 28.57 37.13
C LEU C 302 -5.57 29.37 36.08
N ALA C 303 -5.26 28.71 34.98
CA ALA C 303 -4.49 29.31 33.90
C ALA C 303 -5.43 30.21 33.14
N THR C 304 -5.00 31.45 32.92
CA THR C 304 -5.81 32.38 32.16
C THR C 304 -4.97 33.20 31.20
N GLY C 305 -5.57 33.42 30.04
CA GLY C 305 -5.01 34.25 29.00
C GLY C 305 -5.88 35.46 28.77
N ILE C 306 -5.25 36.61 28.68
CA ILE C 306 -5.98 37.85 28.48
C ILE C 306 -6.13 38.12 27.00
N ARG C 307 -7.35 38.09 26.51
CA ARG C 307 -7.58 38.07 25.07
C ARG C 307 -9.03 38.49 24.87
N THR C 308 -9.35 39.18 23.78
CA THR C 308 -10.79 39.48 23.43
C THR C 308 -11.13 38.92 22.05
N VAL C 309 -12.37 38.47 21.91
CA VAL C 309 -12.89 38.04 20.62
C VAL C 309 -14.05 38.96 20.28
N LYS C 310 -14.05 39.49 19.06
CA LYS C 310 -15.18 40.30 18.59
C LYS C 310 -15.47 40.02 17.11
N VAL C 311 -16.75 39.96 16.79
CA VAL C 311 -17.20 39.96 15.39
C VAL C 311 -17.76 41.36 14.97
N GLN C 312 -17.04 42.03 14.06
CA GLN C 312 -17.46 43.33 13.47
C GLN C 312 -17.60 43.12 11.97
N GLY C 313 -18.83 43.28 11.52
CA GLY C 313 -19.21 42.89 10.16
C GLY C 313 -18.60 41.54 9.77
N THR C 314 -17.69 41.61 8.82
CA THR C 314 -17.30 40.45 8.08
C THR C 314 -15.98 39.91 8.62
N GLN C 315 -15.46 40.58 9.64
CA GLN C 315 -14.16 40.25 10.21
C GLN C 315 -14.26 39.54 11.55
N PHE C 316 -13.30 38.66 11.83
CA PHE C 316 -13.23 37.96 13.10
C PHE C 316 -12.01 38.53 13.79
N LEU C 317 -12.22 39.15 14.93
CA LEU C 317 -11.14 39.89 15.59
C LEU C 317 -10.70 39.25 16.92
N ILE C 318 -9.40 39.06 17.08
CA ILE C 318 -8.80 38.58 18.30
C ILE C 318 -7.84 39.72 18.68
N ASN C 319 -8.02 40.25 19.90
CA ASN C 319 -7.34 41.45 20.36
C ASN C 319 -7.36 42.64 19.39
N ASP C 320 -8.58 42.91 18.90
CA ASP C 320 -8.86 43.93 17.88
C ASP C 320 -8.04 43.82 16.59
N LYS C 321 -7.49 42.64 16.29
CA LYS C 321 -6.78 42.38 15.04
C LYS C 321 -7.47 41.27 14.21
N PRO C 322 -7.71 41.55 12.93
CA PRO C 322 -8.29 40.59 12.04
C PRO C 322 -7.50 39.29 12.01
N PHE C 323 -8.26 38.20 12.00
CA PHE C 323 -7.74 36.85 12.15
C PHE C 323 -8.30 35.93 11.07
N TYR C 324 -7.44 35.07 10.55
CA TYR C 324 -7.84 34.07 9.56
C TYR C 324 -7.51 32.65 10.03
N PHE C 325 -8.54 31.83 10.22
CA PHE C 325 -8.32 30.45 10.69
C PHE C 325 -7.61 29.66 9.61
N THR C 326 -6.63 28.87 10.00
CA THR C 326 -6.06 27.85 9.15
C THR C 326 -5.92 26.62 10.00
N GLY C 327 -6.19 25.45 9.43
CA GLY C 327 -5.97 24.17 10.11
C GLY C 327 -7.01 23.19 9.66
N PHE C 328 -7.66 22.56 10.64
CA PHE C 328 -8.47 21.34 10.43
C PHE C 328 -9.68 21.17 11.31
N GLY C 329 -10.59 20.37 10.83
CA GLY C 329 -11.46 19.66 11.76
C GLY C 329 -10.65 18.43 12.13
N LYS C 330 -10.74 18.02 13.36
CA LYS C 330 -10.01 16.85 13.84
C LYS C 330 -10.95 15.69 14.24
N HIS C 331 -10.42 14.69 14.93
CA HIS C 331 -11.18 13.66 15.68
C HIS C 331 -10.28 13.05 16.73
N GLU C 332 -10.87 12.64 17.85
CA GLU C 332 -10.13 11.86 18.85
C GLU C 332 -10.18 10.41 18.37
N ASP C 333 -9.05 9.95 17.87
CA ASP C 333 -9.04 8.69 17.12
C ASP C 333 -7.63 8.24 16.81
N THR C 334 -7.26 7.08 17.35
CA THR C 334 -5.95 6.47 17.12
C THR C 334 -6.09 4.95 17.07
N ASN C 335 -5.10 4.30 16.49
CA ASN C 335 -5.22 2.97 16.08
C ASN C 335 -5.87 2.03 17.10
N ILE C 336 -5.48 1.99 18.37
CA ILE C 336 -6.16 0.87 19.11
C ILE C 336 -7.11 1.33 20.23
N ARG C 337 -6.86 2.53 20.73
CA ARG C 337 -7.52 3.03 21.87
C ARG C 337 -8.69 3.89 21.50
N GLY C 338 -9.06 3.91 20.22
CA GLY C 338 -10.29 4.54 19.80
C GLY C 338 -10.26 6.02 20.08
N LYS C 339 -11.17 6.47 20.93
CA LYS C 339 -11.21 7.90 21.25
C LYS C 339 -10.42 8.18 22.53
N GLY C 340 -9.67 7.18 22.98
CA GLY C 340 -8.95 7.34 24.22
C GLY C 340 -7.96 8.49 24.08
N HIS C 341 -7.92 9.35 25.08
CA HIS C 341 -6.97 10.41 25.07
C HIS C 341 -5.56 9.87 25.15
N ASP C 342 -4.67 10.43 24.36
CA ASP C 342 -3.30 10.02 24.22
C ASP C 342 -2.36 11.23 24.08
N ASP C 343 -1.59 11.45 25.13
CA ASP C 343 -0.54 12.46 25.24
C ASP C 343 0.51 12.52 24.12
N ALA C 344 1.00 11.38 23.71
CA ALA C 344 1.98 11.36 22.63
C ALA C 344 1.40 11.89 21.29
N TYR C 345 0.20 11.43 20.94
CA TYR C 345 -0.44 11.79 19.68
C TYR C 345 -0.89 13.24 19.78
N MET C 346 -1.34 13.67 20.97
CA MET C 346 -1.66 15.08 21.21
C MET C 346 -0.42 15.96 20.97
N VAL C 347 0.68 15.66 21.65
CA VAL C 347 1.84 16.55 21.47
C VAL C 347 2.32 16.50 20.01
N HIS C 348 2.37 15.30 19.45
CA HIS C 348 2.78 15.14 18.08
C HIS C 348 1.85 15.84 17.08
N ASP C 349 0.54 15.65 17.21
CA ASP C 349 -0.44 16.31 16.36
C ASP C 349 -0.30 17.82 16.35
N PHE C 350 -0.07 18.36 17.55
CA PHE C 350 0.23 19.80 17.67
C PHE C 350 1.57 20.19 17.02
N GLN C 351 2.56 19.33 17.13
CA GLN C 351 3.82 19.55 16.46
C GLN C 351 3.67 19.57 14.95
N LEU C 352 2.81 18.70 14.41
CA LEU C 352 2.52 18.68 12.95
C LEU C 352 1.77 19.94 12.49
N LEU C 353 0.91 20.45 13.36
CA LEU C 353 0.23 21.71 13.14
C LEU C 353 1.25 22.84 13.01
N HIS C 354 2.22 22.92 13.92
CA HIS C 354 3.19 24.01 13.82
C HIS C 354 4.00 23.85 12.58
N TRP C 355 4.27 22.59 12.22
CA TRP C 355 5.14 22.26 11.09
C TRP C 355 4.55 22.74 9.79
N MET C 356 3.23 22.74 9.69
CA MET C 356 2.55 23.15 8.47
C MET C 356 1.93 24.57 8.60
N GLY C 357 2.17 25.18 9.76
CA GLY C 357 1.72 26.54 9.99
C GLY C 357 0.23 26.69 10.20
N ALA C 358 -0.46 25.61 10.58
CA ALA C 358 -1.86 25.69 10.97
C ALA C 358 -1.91 26.48 12.25
N ASN C 359 -2.95 27.26 12.43
CA ASN C 359 -3.09 28.02 13.68
C ASN C 359 -4.30 27.63 14.50
N SER C 360 -5.08 26.68 13.99
CA SER C 360 -6.30 26.28 14.67
C SER C 360 -6.81 24.91 14.24
N PHE C 361 -7.76 24.42 15.03
CA PHE C 361 -8.61 23.31 14.65
C PHE C 361 -9.97 23.40 15.33
N ARG C 362 -10.91 22.59 14.87
CA ARG C 362 -12.23 22.51 15.44
C ARG C 362 -12.46 21.16 16.12
N THR C 363 -13.13 21.17 17.29
CA THR C 363 -13.33 19.95 18.09
C THR C 363 -14.47 19.16 17.48
N SER C 364 -14.32 18.88 16.20
CA SER C 364 -15.28 18.17 15.39
C SER C 364 -15.96 16.97 16.04
N HIS C 365 -17.15 17.32 16.47
CA HIS C 365 -18.38 16.56 16.63
C HIS C 365 -18.64 16.20 18.08
N TYR C 366 -17.77 16.73 18.96
CA TYR C 366 -17.88 16.48 20.41
C TYR C 366 -16.76 17.24 21.07
N PRO C 367 -16.96 17.66 22.32
CA PRO C 367 -15.85 18.22 23.06
C PRO C 367 -14.72 17.22 23.22
N TYR C 368 -13.49 17.69 23.02
CA TYR C 368 -12.29 16.91 23.18
C TYR C 368 -11.91 16.86 24.64
N ALA C 369 -10.82 16.14 24.99
CA ALA C 369 -10.31 16.07 26.36
C ALA C 369 -9.92 17.44 26.89
N GLU C 370 -10.24 17.72 28.15
CA GLU C 370 -9.89 19.03 28.77
C GLU C 370 -8.41 19.36 28.59
N GLU C 371 -7.59 18.33 28.75
CA GLU C 371 -6.13 18.46 28.60
C GLU C 371 -5.67 18.92 27.18
N VAL C 372 -6.51 18.70 26.18
CA VAL C 372 -6.22 19.22 24.86
C VAL C 372 -6.47 20.74 24.87
N MET C 373 -7.50 21.20 25.58
CA MET C 373 -7.80 22.64 25.65
C MET C 373 -6.72 23.37 26.42
N GLU C 374 -6.30 22.76 27.53
CA GLU C 374 -5.19 23.33 28.29
C GLU C 374 -3.97 23.47 27.41
N TYR C 375 -3.66 22.39 26.65
CA TYR C 375 -2.46 22.37 25.77
C TYR C 375 -2.58 23.37 24.66
N ALA C 376 -3.79 23.56 24.12
CA ALA C 376 -4.01 24.59 23.11
C ALA C 376 -3.75 25.98 23.65
N ASP C 377 -4.21 26.27 24.87
CA ASP C 377 -3.90 27.51 25.59
C ASP C 377 -2.39 27.78 25.61
N ARG C 378 -1.60 26.79 26.00
CA ARG C 378 -0.16 26.97 26.08
C ARG C 378 0.55 27.01 24.75
N GLN C 379 0.01 26.30 23.78
CA GLN C 379 0.63 26.27 22.45
C GLN C 379 0.26 27.50 21.60
N GLY C 380 -0.69 28.31 22.05
CA GLY C 380 -1.14 29.46 21.28
C GLY C 380 -1.96 29.05 20.08
N ILE C 381 -2.61 27.88 20.16
CA ILE C 381 -3.46 27.36 19.11
C ILE C 381 -4.91 27.77 19.36
N VAL C 382 -5.59 28.22 18.31
CA VAL C 382 -6.99 28.66 18.42
C VAL C 382 -7.98 27.51 18.16
N VAL C 383 -9.10 27.49 18.90
CA VAL C 383 -10.03 26.35 18.90
C VAL C 383 -11.53 26.70 18.70
N ILE C 384 -12.14 26.05 17.72
CA ILE C 384 -13.59 26.09 17.60
C ILE C 384 -14.07 24.91 18.39
N ASP C 385 -14.80 25.19 19.46
CA ASP C 385 -15.18 24.21 20.46
C ASP C 385 -16.62 23.83 20.21
N GLU C 386 -16.86 22.53 20.01
CA GLU C 386 -18.14 22.06 19.51
C GLU C 386 -18.80 20.97 20.40
N THR C 387 -20.12 21.10 20.57
CA THR C 387 -20.95 20.14 21.28
C THR C 387 -21.04 18.88 20.45
N PRO C 388 -21.54 17.79 21.09
CA PRO C 388 -21.74 16.57 20.37
C PRO C 388 -22.86 16.53 19.38
N ALA C 389 -23.47 17.65 19.04
CA ALA C 389 -24.76 17.62 18.32
C ALA C 389 -24.56 17.53 16.82
N VAL C 390 -24.15 16.33 16.41
CA VAL C 390 -24.03 16.02 15.01
C VAL C 390 -25.10 15.01 14.66
N GLY C 391 -25.45 14.88 13.39
CA GLY C 391 -26.39 13.84 12.99
C GLY C 391 -27.87 14.20 13.17
N LEU C 392 -28.17 15.45 13.51
CA LEU C 392 -29.54 15.99 13.55
C LEU C 392 -30.03 16.19 12.09
N ALA C 393 -30.13 15.08 11.36
CA ALA C 393 -30.42 15.13 9.94
C ALA C 393 -30.69 13.73 9.41
N PHE C 394 -31.88 13.52 8.88
CA PHE C 394 -32.30 12.23 8.33
C PHE C 394 -32.51 12.27 6.80
N SER C 395 -31.57 12.87 6.08
CA SER C 395 -31.65 13.06 4.60
C SER C 395 -30.34 12.66 3.87
N PRO C 406 -38.60 12.16 5.01
CA PRO C 406 -38.83 12.07 6.46
C PRO C 406 -38.35 13.32 7.24
N ALA C 407 -39.25 13.96 7.99
CA ALA C 407 -38.95 15.26 8.60
C ALA C 407 -38.11 15.10 9.88
N THR C 408 -36.97 15.79 9.93
CA THR C 408 -35.98 15.58 10.98
C THR C 408 -36.42 16.31 12.25
N PHE C 409 -37.08 17.44 12.10
CA PHE C 409 -37.57 18.14 13.29
C PHE C 409 -39.07 17.91 13.52
N SER C 410 -39.45 16.72 13.97
CA SER C 410 -40.84 16.41 14.30
C SER C 410 -40.84 15.69 15.61
N PRO C 411 -42.01 15.45 16.18
CA PRO C 411 -42.13 14.65 17.37
C PRO C 411 -41.48 13.26 17.31
N ASP C 412 -41.50 12.60 16.16
CA ASP C 412 -40.86 11.27 16.11
C ASP C 412 -39.41 11.28 15.59
N ARG C 413 -38.85 12.47 15.50
CA ARG C 413 -37.43 12.66 15.23
C ARG C 413 -36.95 13.72 16.22
N ILE C 414 -35.85 14.39 15.89
CA ILE C 414 -35.39 15.50 16.73
C ILE C 414 -36.57 16.31 17.26
N ASN C 415 -36.80 16.26 18.57
CA ASN C 415 -38.00 16.86 19.14
C ASN C 415 -37.63 17.68 20.37
N ASN C 416 -38.59 18.10 21.18
CA ASN C 416 -38.27 19.02 22.29
C ASN C 416 -37.41 18.42 23.39
N LYS C 417 -37.58 17.11 23.60
CA LYS C 417 -36.81 16.38 24.56
C LYS C 417 -35.39 16.26 24.06
N THR C 418 -35.23 16.05 22.75
CA THR C 418 -33.91 16.11 22.19
C THR C 418 -33.26 17.48 22.42
N ARG C 419 -34.03 18.54 22.22
CA ARG C 419 -33.55 19.87 22.48
C ARG C 419 -33.22 20.09 23.94
N GLU C 420 -33.92 19.44 24.85
CA GLU C 420 -33.46 19.49 26.23
C GLU C 420 -32.03 18.94 26.38
N ALA C 421 -31.78 17.76 25.83
CA ALA C 421 -30.42 17.14 25.82
C ALA C 421 -29.33 18.05 25.21
N HIS C 422 -29.70 18.66 24.08
CA HIS C 422 -28.83 19.59 23.33
C HIS C 422 -28.50 20.79 24.22
N ALA C 423 -29.50 21.31 24.93
CA ALA C 423 -29.30 22.50 25.83
C ALA C 423 -28.36 22.12 26.97
N GLN C 424 -28.61 20.95 27.54
CA GLN C 424 -27.72 20.41 28.57
C GLN C 424 -26.25 20.30 28.13
N ALA C 425 -26.05 19.86 26.88
CA ALA C 425 -24.72 19.64 26.30
C ALA C 425 -23.98 20.95 26.12
N ILE C 426 -24.70 21.95 25.60
CA ILE C 426 -24.25 23.33 25.53
C ILE C 426 -23.82 23.81 26.93
N ARG C 427 -24.66 23.63 27.95
CA ARG C 427 -24.35 24.12 29.32
C ARG C 427 -23.08 23.46 29.82
N GLU C 428 -23.04 22.13 29.81
CA GLU C 428 -21.86 21.41 30.29
C GLU C 428 -20.57 21.81 29.55
N LEU C 429 -20.62 21.85 28.25
CA LEU C 429 -19.43 22.27 27.50
C LEU C 429 -18.96 23.66 27.93
N ILE C 430 -19.89 24.61 27.94
CA ILE C 430 -19.51 25.96 28.28
C ILE C 430 -19.01 26.00 29.73
N HIS C 431 -19.66 25.26 30.60
CA HIS C 431 -19.27 25.25 32.00
C HIS C 431 -17.82 24.76 32.17
N ARG C 432 -17.48 23.74 31.43
CA ARG C 432 -16.14 23.18 31.45
C ARG C 432 -15.08 24.09 30.77
N ASP C 433 -15.37 24.57 29.57
CA ASP C 433 -14.36 25.23 28.80
C ASP C 433 -14.41 26.78 28.77
N LYS C 434 -15.21 27.38 29.65
CA LYS C 434 -15.36 28.85 29.70
C LYS C 434 -14.07 29.64 29.91
N ASN C 435 -13.12 29.06 30.64
CA ASN C 435 -11.90 29.81 30.95
C ASN C 435 -10.75 29.66 29.96
N HIS C 436 -10.93 28.97 28.83
CA HIS C 436 -9.81 28.74 27.89
C HIS C 436 -9.72 29.85 26.88
N PRO C 437 -8.60 30.60 26.92
CA PRO C 437 -8.35 31.65 25.93
C PRO C 437 -8.22 31.09 24.55
N SER C 438 -7.74 29.85 24.43
CA SER C 438 -7.64 29.20 23.09
C SER C 438 -8.97 29.05 22.42
N VAL C 439 -10.02 28.86 23.24
CA VAL C 439 -11.35 28.59 22.72
C VAL C 439 -11.96 29.92 22.42
N VAL C 440 -12.31 30.08 21.16
CA VAL C 440 -12.58 31.38 20.59
C VAL C 440 -14.02 31.50 20.07
N MET C 441 -14.75 30.37 20.02
CA MET C 441 -16.11 30.33 19.46
C MET C 441 -16.75 28.95 19.70
N TRP C 442 -18.04 28.95 20.04
CA TRP C 442 -18.77 27.72 20.33
C TRP C 442 -19.47 27.27 19.07
N SER C 443 -19.32 26.01 18.69
CA SER C 443 -20.12 25.51 17.58
C SER C 443 -21.22 24.67 18.15
N ILE C 444 -22.45 25.03 17.83
CA ILE C 444 -23.64 24.41 18.42
C ILE C 444 -24.02 23.06 17.80
N ALA C 445 -23.61 22.81 16.58
CA ALA C 445 -24.05 21.62 15.91
C ALA C 445 -23.27 21.47 14.65
N ASN C 446 -23.39 20.28 14.07
CA ASN C 446 -22.72 19.96 12.81
C ASN C 446 -23.63 19.27 11.84
N ASP C 447 -23.74 19.88 10.67
CA ASP C 447 -24.63 19.42 9.62
C ASP C 447 -26.08 19.15 10.07
N PRO C 448 -26.69 20.08 10.82
CA PRO C 448 -28.13 19.91 11.02
C PRO C 448 -28.89 20.18 9.74
N ALA C 449 -30.14 19.71 9.68
CA ALA C 449 -30.96 19.88 8.50
C ALA C 449 -31.62 21.24 8.60
N SER C 450 -30.78 22.29 8.58
CA SER C 450 -31.21 23.65 8.85
C SER C 450 -31.92 24.30 7.63
N ASN C 451 -32.23 23.48 6.62
CA ASN C 451 -33.10 23.83 5.51
C ASN C 451 -34.58 23.44 5.70
N GLU C 452 -34.90 22.72 6.76
CA GLU C 452 -36.24 22.15 6.88
C GLU C 452 -37.15 22.95 7.77
N ASP C 453 -38.46 22.80 7.54
CA ASP C 453 -39.49 23.35 8.39
C ASP C 453 -39.25 22.80 9.76
N GLY C 454 -39.31 23.68 10.78
CA GLY C 454 -39.14 23.31 12.18
C GLY C 454 -37.73 23.52 12.72
N ALA C 455 -36.76 23.63 11.82
CA ALA C 455 -35.36 23.80 12.19
C ALA C 455 -35.12 25.09 12.96
N ARG C 456 -35.75 26.18 12.53
CA ARG C 456 -35.63 27.48 13.21
C ARG C 456 -36.26 27.47 14.61
N GLU C 457 -37.45 26.90 14.72
CA GLU C 457 -38.12 26.80 16.02
C GLU C 457 -37.31 25.92 16.95
N TYR C 458 -36.62 24.90 16.42
CA TYR C 458 -35.77 24.03 17.25
C TYR C 458 -34.50 24.74 17.78
N PHE C 459 -33.78 25.46 16.91
CA PHE C 459 -32.47 26.03 17.24
C PHE C 459 -32.55 27.40 17.93
N ALA C 460 -33.57 28.18 17.60
CA ALA C 460 -33.66 29.60 18.07
C ALA C 460 -33.17 29.87 19.53
N PRO C 461 -33.60 29.05 20.52
CA PRO C 461 -33.16 29.25 21.91
C PRO C 461 -31.69 28.96 22.14
N LEU C 462 -31.09 28.17 21.25
CA LEU C 462 -29.75 27.66 21.51
C LEU C 462 -28.63 28.70 21.37
N PRO C 463 -28.59 29.47 20.28
CA PRO C 463 -27.61 30.56 20.32
C PRO C 463 -27.74 31.51 21.51
N LYS C 464 -28.97 31.78 21.96
CA LYS C 464 -29.21 32.73 23.05
C LYS C 464 -28.74 32.15 24.35
N LEU C 465 -29.03 30.88 24.57
CA LEU C 465 -28.53 30.21 25.75
C LEU C 465 -27.02 30.28 25.87
N ALA C 466 -26.29 30.00 24.80
CA ALA C 466 -24.83 30.08 24.81
C ALA C 466 -24.37 31.49 25.10
N ARG C 467 -24.94 32.45 24.38
CA ARG C 467 -24.56 33.84 24.57
C ARG C 467 -24.92 34.31 26.00
N GLN C 468 -26.00 33.75 26.55
CA GLN C 468 -26.36 34.06 27.89
C GLN C 468 -25.42 33.39 28.92
N LEU C 469 -24.99 32.16 28.68
CA LEU C 469 -24.04 31.54 29.61
C LEU C 469 -22.66 32.15 29.50
N ASP C 470 -22.26 32.50 28.28
CA ASP C 470 -20.93 33.01 28.01
C ASP C 470 -21.01 34.13 26.99
N PRO C 471 -21.03 35.38 27.47
CA PRO C 471 -21.15 36.48 26.53
C PRO C 471 -19.81 36.93 25.95
N THR C 472 -18.73 36.19 26.23
CA THR C 472 -17.40 36.60 25.73
C THR C 472 -17.07 36.09 24.36
N ARG C 473 -17.88 35.21 23.78
CA ARG C 473 -17.53 34.58 22.49
C ARG C 473 -18.68 34.54 21.53
N PRO C 474 -18.40 34.49 20.22
CA PRO C 474 -19.45 34.30 19.24
C PRO C 474 -19.89 32.85 19.14
N VAL C 475 -21.09 32.61 18.64
CA VAL C 475 -21.67 31.29 18.45
C VAL C 475 -21.90 31.00 16.98
N THR C 476 -21.68 29.75 16.61
CA THR C 476 -21.78 29.34 15.23
C THR C 476 -22.35 27.94 15.19
N PHE C 477 -22.46 27.43 13.97
CA PHE C 477 -22.75 26.03 13.72
C PHE C 477 -22.25 25.76 12.32
N ALA C 478 -22.05 24.48 11.99
CA ALA C 478 -21.48 24.06 10.72
C ALA C 478 -22.56 23.53 9.80
N ASN C 479 -22.66 24.18 8.66
CA ASN C 479 -23.78 24.13 7.76
C ASN C 479 -23.47 23.15 6.64
N VAL C 480 -24.45 22.32 6.35
CA VAL C 480 -24.32 21.29 5.36
C VAL C 480 -24.82 21.84 4.03
N GLY C 481 -24.36 21.23 2.94
CA GLY C 481 -24.71 21.62 1.58
C GLY C 481 -26.17 21.78 1.23
N LEU C 482 -27.07 20.97 1.80
CA LEU C 482 -28.49 21.15 1.53
C LEU C 482 -28.88 22.54 1.87
N ALA C 483 -28.41 22.99 3.02
CA ALA C 483 -28.82 24.30 3.52
C ALA C 483 -27.98 25.37 2.82
N THR C 484 -28.37 25.70 1.58
CA THR C 484 -27.65 26.72 0.81
C THR C 484 -27.93 28.06 1.46
N TYR C 485 -27.34 29.11 0.92
CA TYR C 485 -27.66 30.48 1.35
C TYR C 485 -29.14 30.81 1.14
N LYS C 486 -29.74 30.23 0.12
CA LYS C 486 -31.18 30.36 -0.15
C LYS C 486 -32.03 29.52 0.78
N ALA C 487 -31.67 28.25 0.93
CA ALA C 487 -32.51 27.31 1.63
C ALA C 487 -32.35 27.35 3.16
N ASP C 488 -31.15 27.64 3.68
CA ASP C 488 -30.92 27.64 5.13
C ASP C 488 -31.85 28.64 5.80
N ARG C 489 -32.36 28.32 6.98
CA ARG C 489 -33.35 29.22 7.63
C ARG C 489 -33.06 29.52 9.07
N ILE C 490 -31.78 29.45 9.38
CA ILE C 490 -31.23 29.42 10.74
C ILE C 490 -30.05 30.39 10.88
N ALA C 491 -29.35 30.64 9.78
CA ALA C 491 -28.04 31.28 9.74
C ALA C 491 -27.98 32.66 10.39
N ASP C 492 -29.08 33.41 10.27
CA ASP C 492 -29.18 34.77 10.81
C ASP C 492 -29.16 34.83 12.35
N LEU C 493 -29.44 33.71 13.00
CA LEU C 493 -29.36 33.63 14.47
C LEU C 493 -27.96 33.38 14.98
N PHE C 494 -26.94 33.32 14.10
CA PHE C 494 -25.56 33.02 14.54
C PHE C 494 -24.60 34.17 14.26
N ASP C 495 -23.48 34.25 14.97
CA ASP C 495 -22.58 35.40 14.82
C ASP C 495 -21.58 35.19 13.70
N VAL C 496 -21.20 33.92 13.47
CA VAL C 496 -20.28 33.56 12.41
C VAL C 496 -20.88 32.39 11.63
N LEU C 497 -20.67 32.39 10.31
CA LEU C 497 -21.10 31.26 9.51
C LEU C 497 -19.93 30.29 9.17
N CYS C 498 -20.15 29.01 9.47
CA CYS C 498 -19.25 27.94 9.09
C CYS C 498 -19.92 27.05 8.05
N LEU C 499 -19.17 26.73 7.01
CA LEU C 499 -19.73 25.95 5.92
C LEU C 499 -18.89 24.73 5.74
N ASN C 500 -19.56 23.59 5.59
CA ASN C 500 -18.94 22.38 5.08
C ASN C 500 -19.36 22.12 3.65
N ARG C 501 -18.38 22.01 2.73
CA ARG C 501 -18.68 21.86 1.30
C ARG C 501 -17.75 20.87 0.58
N TYR C 502 -18.34 19.97 -0.24
CA TYR C 502 -17.63 18.90 -0.93
C TYR C 502 -17.86 18.86 -2.42
N PHE C 503 -17.97 20.05 -3.03
CA PHE C 503 -18.33 20.13 -4.46
C PHE C 503 -17.44 19.18 -5.31
N GLY C 504 -16.14 19.19 -5.06
CA GLY C 504 -15.25 18.35 -5.88
C GLY C 504 -15.45 16.84 -5.74
N TRP C 505 -15.78 16.40 -4.55
CA TRP C 505 -15.80 15.01 -4.25
C TRP C 505 -17.19 14.40 -4.55
N TYR C 506 -18.20 14.84 -3.78
CA TYR C 506 -19.51 14.19 -3.71
C TYR C 506 -20.55 14.55 -4.82
N THR C 507 -20.42 15.72 -5.46
CA THR C 507 -21.47 16.21 -6.39
C THR C 507 -20.98 16.43 -7.86
N GLN C 508 -19.96 17.24 -8.05
CA GLN C 508 -19.44 17.48 -9.39
C GLN C 508 -18.14 16.76 -9.48
N THR C 509 -18.30 15.44 -9.44
CA THR C 509 -17.30 14.47 -9.06
C THR C 509 -16.20 14.39 -10.08
N ALA C 510 -15.00 14.67 -9.56
CA ALA C 510 -13.79 14.78 -10.36
C ALA C 510 -13.84 15.88 -11.38
N GLU C 511 -14.94 16.64 -11.41
CA GLU C 511 -15.09 17.72 -12.37
C GLU C 511 -14.78 19.00 -11.64
N LEU C 512 -13.51 19.40 -11.65
CA LEU C 512 -13.04 20.49 -10.80
C LEU C 512 -13.52 21.86 -11.24
N ASP C 513 -13.60 22.08 -12.55
CA ASP C 513 -14.10 23.35 -13.08
C ASP C 513 -15.55 23.51 -12.76
N GLU C 514 -16.29 22.42 -12.89
CA GLU C 514 -17.70 22.44 -12.50
C GLU C 514 -17.80 22.71 -11.00
N ALA C 515 -16.93 22.12 -10.18
CA ALA C 515 -16.99 22.39 -8.75
C ALA C 515 -16.61 23.85 -8.38
N GLU C 516 -15.64 24.40 -9.11
CA GLU C 516 -15.25 25.77 -8.95
C GLU C 516 -16.44 26.73 -9.16
N ALA C 517 -17.07 26.68 -10.32
CA ALA C 517 -18.26 27.46 -10.58
C ALA C 517 -19.32 27.36 -9.46
N ALA C 518 -19.64 26.15 -8.99
CA ALA C 518 -20.71 25.99 -8.01
C ALA C 518 -20.28 26.46 -6.61
N LEU C 519 -18.99 26.33 -6.33
CA LEU C 519 -18.44 26.78 -5.07
C LEU C 519 -18.53 28.31 -5.01
N GLU C 520 -18.13 28.91 -6.11
CA GLU C 520 -18.10 30.38 -6.28
C GLU C 520 -19.50 31.02 -6.20
N GLU C 521 -20.44 30.42 -6.91
CA GLU C 521 -21.84 30.86 -6.90
C GLU C 521 -22.30 30.90 -5.44
N GLU C 522 -22.32 29.72 -4.83
CA GLU C 522 -22.61 29.52 -3.41
C GLU C 522 -22.01 30.62 -2.54
N LEU C 523 -20.69 30.79 -2.55
CA LEU C 523 -20.04 31.81 -1.72
C LEU C 523 -20.49 33.22 -2.03
N ARG C 524 -20.72 33.50 -3.29
CA ARG C 524 -21.31 34.77 -3.69
C ARG C 524 -22.69 34.95 -3.02
N GLY C 525 -23.49 33.87 -2.99
CA GLY C 525 -24.79 33.88 -2.28
C GLY C 525 -24.73 34.22 -0.80
N TRP C 526 -23.90 33.49 -0.04
CA TRP C 526 -23.65 33.82 1.37
C TRP C 526 -23.13 35.27 1.54
N THR C 527 -22.14 35.71 0.77
CA THR C 527 -21.58 37.05 1.05
C THR C 527 -22.53 38.22 0.77
N GLU C 528 -23.42 38.03 -0.19
CA GLU C 528 -24.36 39.07 -0.60
C GLU C 528 -25.57 39.08 0.31
N LYS C 529 -25.79 37.97 1.02
CA LYS C 529 -26.94 37.83 1.90
C LYS C 529 -26.64 38.10 3.35
N TYR C 530 -25.42 37.87 3.83
CA TYR C 530 -25.12 38.12 5.25
C TYR C 530 -23.89 38.98 5.41
N ASP C 531 -23.88 39.83 6.41
CA ASP C 531 -22.68 40.58 6.76
C ASP C 531 -22.04 39.90 7.97
N LYS C 532 -21.35 38.79 7.70
CA LYS C 532 -20.71 37.98 8.75
C LYS C 532 -19.44 37.32 8.25
N PRO C 533 -18.56 36.94 9.18
CA PRO C 533 -17.41 36.18 8.75
C PRO C 533 -17.84 34.81 8.25
N ILE C 534 -17.19 34.35 7.19
CA ILE C 534 -17.44 33.01 6.66
C ILE C 534 -16.19 32.16 6.77
N VAL C 535 -16.27 31.12 7.57
CA VAL C 535 -15.14 30.22 7.74
C VAL C 535 -15.53 28.91 7.09
N MET C 536 -14.74 28.40 6.17
CA MET C 536 -14.96 27.03 5.66
C MET C 536 -14.42 26.00 6.68
N THR C 537 -15.29 25.15 7.23
CA THR C 537 -14.89 24.16 8.27
C THR C 537 -14.77 22.65 7.82
N ASP C 538 -15.45 22.27 6.73
CA ASP C 538 -15.13 21.04 5.97
C ASP C 538 -14.91 21.38 4.48
N TYR C 539 -13.86 20.79 3.91
CA TYR C 539 -13.66 20.60 2.46
C TYR C 539 -12.51 19.58 2.28
N GLY C 540 -12.69 18.62 1.39
CA GLY C 540 -11.66 17.58 1.20
C GLY C 540 -12.06 16.43 0.30
N ALA C 541 -11.23 15.40 0.26
CA ALA C 541 -11.49 14.19 -0.59
C ALA C 541 -10.79 12.90 -0.09
N ASP C 542 -11.49 11.76 -0.10
CA ASP C 542 -10.91 10.50 0.32
C ASP C 542 -9.71 10.24 -0.54
N THR C 543 -8.64 9.85 0.15
CA THR C 543 -7.36 9.75 -0.45
C THR C 543 -6.59 8.63 0.26
N VAL C 544 -6.35 7.54 -0.48
CA VAL C 544 -5.50 6.46 -0.06
C VAL C 544 -4.01 6.76 -0.32
N ALA C 545 -3.22 6.74 0.75
CA ALA C 545 -1.77 6.92 0.68
C ALA C 545 -1.19 5.92 -0.30
N GLY C 546 -0.41 6.39 -1.26
CA GLY C 546 0.26 5.49 -2.20
C GLY C 546 -0.42 5.44 -3.53
N LEU C 547 -1.68 5.89 -3.58
CA LEU C 547 -2.48 5.81 -4.79
C LEU C 547 -2.26 7.07 -5.55
N HIS C 548 -1.70 6.94 -6.74
CA HIS C 548 -1.17 8.07 -7.49
C HIS C 548 -1.63 8.01 -8.94
N SER C 549 -1.68 9.18 -9.56
CA SER C 549 -2.10 9.26 -10.92
C SER C 549 -1.76 10.62 -11.49
N VAL C 550 -1.27 10.58 -12.73
CA VAL C 550 -1.09 11.82 -13.53
C VAL C 550 -2.40 12.41 -14.03
N MET C 551 -3.49 11.64 -14.03
CA MET C 551 -4.82 12.16 -14.38
C MET C 551 -5.60 12.65 -13.15
N VAL C 552 -6.74 13.25 -13.43
CA VAL C 552 -7.68 13.69 -12.42
C VAL C 552 -8.34 12.44 -11.83
N THR C 553 -7.88 12.01 -10.66
CA THR C 553 -8.28 10.70 -10.15
C THR C 553 -8.66 10.67 -8.66
N PRO C 554 -9.96 10.73 -8.40
CA PRO C 554 -10.47 10.72 -7.02
C PRO C 554 -9.77 9.64 -6.18
N TRP C 555 -9.66 9.88 -4.88
CA TRP C 555 -9.03 8.92 -3.98
C TRP C 555 -7.51 8.90 -4.16
N SER C 556 -7.03 9.61 -5.17
CA SER C 556 -5.61 9.69 -5.45
C SER C 556 -5.00 10.90 -4.75
N GLU C 557 -3.73 10.78 -4.37
CA GLU C 557 -3.04 11.86 -3.68
C GLU C 557 -3.04 13.14 -4.51
N GLU C 558 -2.91 13.00 -5.82
CA GLU C 558 -2.90 14.15 -6.73
C GLU C 558 -4.26 14.88 -6.72
N PHE C 559 -5.34 14.10 -6.66
CA PHE C 559 -6.66 14.69 -6.71
C PHE C 559 -6.88 15.54 -5.50
N GLN C 560 -6.50 15.01 -4.34
CA GLN C 560 -6.67 15.73 -3.07
C GLN C 560 -6.04 17.14 -3.14
N VAL C 561 -4.80 17.19 -3.61
CA VAL C 561 -4.06 18.41 -3.82
C VAL C 561 -4.79 19.31 -4.82
N GLU C 562 -5.19 18.77 -5.95
CA GLU C 562 -5.86 19.56 -6.96
C GLU C 562 -7.11 20.22 -6.40
N MET C 563 -7.83 19.52 -5.53
CA MET C 563 -9.09 20.05 -4.98
C MET C 563 -8.86 21.10 -3.92
N LEU C 564 -7.97 20.83 -2.97
CA LEU C 564 -7.74 21.81 -1.91
C LEU C 564 -7.22 23.08 -2.56
N ASP C 565 -6.31 22.89 -3.51
CA ASP C 565 -5.69 24.01 -4.20
C ASP C 565 -6.70 24.89 -4.89
N MET C 566 -7.62 24.28 -5.65
CA MET C 566 -8.73 25.02 -6.23
C MET C 566 -9.62 25.78 -5.23
N TYR C 567 -10.01 25.11 -4.14
CA TYR C 567 -10.83 25.73 -3.09
C TYR C 567 -10.15 27.01 -2.55
N HIS C 568 -8.84 26.93 -2.40
CA HIS C 568 -8.06 28.07 -1.90
C HIS C 568 -8.12 29.22 -2.92
N ARG C 569 -7.96 28.87 -4.19
CA ARG C 569 -8.06 29.85 -5.24
C ARG C 569 -9.40 30.62 -5.16
N VAL C 570 -10.49 29.89 -4.90
CA VAL C 570 -11.79 30.50 -4.77
C VAL C 570 -11.92 31.32 -3.46
N PHE C 571 -11.40 30.80 -2.36
CA PHE C 571 -11.41 31.53 -1.07
C PHE C 571 -10.78 32.91 -1.20
N ASP C 572 -9.60 32.99 -1.78
CA ASP C 572 -8.87 34.26 -1.91
C ASP C 572 -9.56 35.30 -2.81
N ARG C 573 -10.60 34.88 -3.53
CA ARG C 573 -11.36 35.81 -4.30
C ARG C 573 -12.38 36.55 -3.44
N PHE C 574 -12.60 36.12 -2.19
CA PHE C 574 -13.71 36.67 -1.39
C PHE C 574 -13.23 37.26 -0.11
N GLU C 575 -13.34 38.57 -0.04
CA GLU C 575 -12.96 39.33 1.14
C GLU C 575 -13.59 38.85 2.45
N ALA C 576 -14.78 38.31 2.39
CA ALA C 576 -15.49 37.93 3.63
C ALA C 576 -15.01 36.62 4.30
N MET C 577 -14.09 35.88 3.65
CA MET C 577 -13.55 34.62 4.21
C MET C 577 -12.72 34.93 5.44
N ALA C 578 -13.01 34.26 6.54
CA ALA C 578 -12.29 34.44 7.82
C ALA C 578 -11.53 33.20 8.31
N GLY C 579 -11.46 32.18 7.46
CA GLY C 579 -10.92 30.90 7.87
C GLY C 579 -11.19 29.79 6.85
N GLU C 580 -10.27 28.84 6.83
CA GLU C 580 -10.29 27.65 6.02
C GLU C 580 -9.75 26.53 6.92
N GLN C 581 -10.57 25.50 7.14
CA GLN C 581 -10.16 24.34 7.93
C GLN C 581 -10.51 23.10 7.15
N VAL C 582 -9.46 22.39 6.75
CA VAL C 582 -9.58 21.20 5.96
C VAL C 582 -10.22 20.07 6.75
N TRP C 583 -10.99 19.24 6.05
CA TRP C 583 -11.53 17.98 6.61
C TRP C 583 -10.74 16.88 5.93
N ASN C 584 -9.93 16.09 6.64
CA ASN C 584 -9.80 16.09 8.10
C ASN C 584 -8.32 16.08 8.34
N PHE C 585 -7.90 16.33 9.56
CA PHE C 585 -6.51 16.26 9.96
C PHE C 585 -5.91 14.86 9.71
N ALA C 586 -6.61 13.82 10.17
CA ALA C 586 -6.14 12.45 9.98
C ALA C 586 -7.24 11.45 9.67
N ASP C 587 -6.90 10.43 8.89
CA ASP C 587 -7.83 9.35 8.63
C ASP C 587 -8.34 8.81 9.96
N PHE C 588 -9.66 8.55 10.03
CA PHE C 588 -10.30 8.08 11.24
C PHE C 588 -11.33 7.01 10.94
N GLN C 589 -11.66 6.23 11.95
CA GLN C 589 -12.55 5.10 11.79
C GLN C 589 -14.01 5.60 11.72
N THR C 590 -14.82 4.92 10.91
CA THR C 590 -16.24 5.20 10.82
C THR C 590 -17.03 3.94 10.97
N ALA C 591 -18.34 4.06 10.91
CA ALA C 591 -19.19 2.86 10.79
C ALA C 591 -18.87 2.17 9.47
N VAL C 592 -19.13 0.88 9.46
CA VAL C 592 -18.91 0.02 8.33
C VAL C 592 -19.86 0.36 7.21
N GLY C 593 -19.37 0.27 5.99
CA GLY C 593 -20.09 0.76 4.80
C GLY C 593 -19.25 0.63 3.52
N VAL C 594 -19.90 0.21 2.42
CA VAL C 594 -19.22 0.04 1.13
C VAL C 594 -18.59 1.30 0.57
N SER C 595 -19.01 2.50 1.02
CA SER C 595 -18.35 3.78 0.61
C SER C 595 -17.28 4.34 1.60
N ARG C 596 -16.96 3.54 2.61
CA ARG C 596 -15.89 3.83 3.56
C ARG C 596 -14.83 2.71 3.52
N VAL C 597 -13.63 3.06 3.10
CA VAL C 597 -12.52 2.11 2.97
C VAL C 597 -11.83 1.94 4.32
N ASP C 598 -12.39 1.05 5.14
CA ASP C 598 -11.90 0.82 6.47
C ASP C 598 -11.79 2.14 7.19
N GLY C 599 -12.82 2.96 7.04
CA GLY C 599 -12.95 4.24 7.72
C GLY C 599 -12.98 5.39 6.73
N ASN C 600 -12.76 6.58 7.29
CA ASN C 600 -12.76 7.79 6.51
C ASN C 600 -11.33 8.23 6.16
N LYS C 601 -11.09 8.38 4.86
CA LYS C 601 -9.72 8.53 4.35
C LYS C 601 -9.47 9.95 3.79
N LYS C 602 -10.37 10.86 4.18
CA LYS C 602 -10.21 12.29 3.86
C LYS C 602 -9.13 12.96 4.69
N GLY C 603 -8.33 12.19 5.40
CA GLY C 603 -7.27 12.77 6.17
C GLY C 603 -6.19 13.32 5.28
N VAL C 604 -5.50 14.30 5.79
CA VAL C 604 -4.35 14.86 5.11
C VAL C 604 -3.13 14.09 5.63
N PHE C 605 -3.24 13.58 6.87
CA PHE C 605 -2.36 12.56 7.39
C PHE C 605 -3.08 11.23 7.55
N THR C 606 -2.29 10.16 7.61
CA THR C 606 -2.82 8.84 7.85
C THR C 606 -3.17 8.68 9.35
N ARG C 607 -3.84 7.59 9.66
CA ARG C 607 -4.27 7.39 11.03
C ARG C 607 -3.05 7.41 11.93
N ASP C 608 -1.95 6.83 11.44
CA ASP C 608 -0.72 6.85 12.18
C ASP C 608 0.16 8.03 11.75
N ARG C 609 -0.48 9.11 11.27
CA ARG C 609 0.13 10.46 11.18
C ARG C 609 1.24 10.68 10.13
N LYS C 610 1.22 9.90 9.06
CA LYS C 610 2.14 10.07 7.95
C LYS C 610 1.48 11.00 6.95
N PRO C 611 2.26 11.94 6.41
CA PRO C 611 1.76 12.97 5.52
C PRO C 611 1.48 12.44 4.12
N LYS C 612 0.28 12.73 3.65
CA LYS C 612 -0.06 12.57 2.26
C LYS C 612 0.43 13.86 1.53
N ALA C 613 0.46 13.80 0.21
CA ALA C 613 0.92 14.92 -0.58
C ALA C 613 0.21 16.23 -0.17
N ALA C 614 -1.06 16.13 0.16
CA ALA C 614 -1.84 17.29 0.55
C ALA C 614 -1.22 18.02 1.77
N ALA C 615 -0.59 17.26 2.67
CA ALA C 615 -0.10 17.85 3.88
C ALA C 615 0.97 18.86 3.50
N HIS C 616 1.78 18.50 2.49
CA HIS C 616 2.85 19.39 2.04
C HIS C 616 2.28 20.64 1.35
N LEU C 617 1.21 20.48 0.60
CA LEU C 617 0.56 21.66 -0.02
C LEU C 617 0.08 22.69 1.02
N LEU C 618 -0.51 22.23 2.10
CA LEU C 618 -1.06 23.17 3.07
C LEU C 618 0.09 23.85 3.75
N ARG C 619 1.14 23.08 3.99
CA ARG C 619 2.36 23.58 4.62
C ARG C 619 2.92 24.77 3.83
N LYS C 620 2.97 24.59 2.52
CA LYS C 620 3.45 25.61 1.61
C LYS C 620 2.54 26.81 1.68
N ARG C 621 1.23 26.59 1.73
CA ARG C 621 0.28 27.70 1.74
C ARG C 621 0.22 28.44 3.05
N TRP C 622 0.12 27.70 4.15
CA TRP C 622 -0.11 28.37 5.42
C TRP C 622 1.16 29.04 5.99
N THR C 623 2.35 28.58 5.63
CA THR C 623 3.58 29.23 6.09
C THR C 623 3.98 30.47 5.23
N ASN C 624 3.47 30.56 4.00
CA ASN C 624 3.77 31.68 3.08
C ASN C 624 2.66 32.75 2.98
N LEU C 625 1.65 32.65 3.84
CA LEU C 625 0.64 33.69 3.98
C LEU C 625 0.36 33.83 5.47
N HIS C 626 -0.08 35.02 5.88
CA HIS C 626 -0.57 35.26 7.25
C HIS C 626 -1.62 34.23 7.71
N MET D 34 13.87 -1.60 45.61
CA MET D 34 12.67 -2.00 46.46
C MET D 34 11.50 -2.46 45.61
N LEU D 35 10.55 -3.16 46.24
CA LEU D 35 9.37 -3.69 45.52
C LEU D 35 8.59 -2.65 44.71
N LYS D 36 8.06 -3.08 43.57
CA LYS D 36 7.21 -2.29 42.76
C LYS D 36 6.11 -1.68 43.58
N PRO D 37 6.08 -0.36 43.67
CA PRO D 37 5.19 0.27 44.62
C PRO D 37 3.71 0.03 44.29
N GLN D 38 2.90 -0.12 45.33
CA GLN D 38 1.48 -0.15 45.24
C GLN D 38 0.84 0.61 46.40
N GLN D 39 -0.46 0.84 46.25
CA GLN D 39 -1.21 1.55 47.25
C GLN D 39 -1.73 0.48 48.16
N THR D 40 -1.61 0.68 49.46
CA THR D 40 -2.25 -0.22 50.43
C THR D 40 -2.87 0.65 51.49
N THR D 41 -3.42 0.04 52.53
CA THR D 41 -3.97 0.82 53.65
C THR D 41 -2.86 1.52 54.41
N THR D 42 -1.60 1.14 54.13
CA THR D 42 -0.45 1.72 54.82
C THR D 42 0.53 2.41 53.89
N ARG D 43 0.14 2.61 52.63
CA ARG D 43 1.07 3.12 51.59
C ARG D 43 0.32 3.88 50.54
N ASP D 44 0.87 5.03 50.14
CA ASP D 44 0.24 5.85 49.12
C ASP D 44 1.14 5.97 47.86
N LEU D 45 0.47 6.07 46.72
CA LEU D 45 1.14 6.09 45.43
C LEU D 45 0.55 7.21 44.56
N ILE D 46 1.41 8.07 44.04
CA ILE D 46 0.96 9.14 43.10
C ILE D 46 1.70 9.00 41.79
N SER D 47 0.98 8.84 40.70
CA SER D 47 1.56 8.86 39.37
C SER D 47 2.12 10.25 39.04
N LEU D 48 3.35 10.35 38.57
CA LEU D 48 3.88 11.64 38.08
C LEU D 48 3.90 11.76 36.54
N ASP D 49 3.20 10.86 35.88
CA ASP D 49 3.13 10.88 34.43
C ASP D 49 2.34 12.11 33.95
N GLY D 50 2.41 12.40 32.65
CA GLY D 50 1.82 13.61 32.07
C GLY D 50 2.87 14.35 31.26
N LEU D 51 2.63 15.64 31.03
CA LEU D 51 3.60 16.46 30.28
C LEU D 51 4.60 17.08 31.22
N TRP D 52 5.88 16.88 30.91
CA TRP D 52 7.00 17.48 31.59
C TRP D 52 7.70 18.43 30.66
N LYS D 53 8.31 19.42 31.27
CA LYS D 53 9.12 20.34 30.50
C LYS D 53 10.35 19.57 30.05
N PHE D 54 10.83 19.86 28.84
CA PHE D 54 11.85 19.06 28.19
C PHE D 54 12.84 19.96 27.46
N ALA D 55 14.14 19.75 27.69
CA ALA D 55 15.18 20.44 26.91
C ALA D 55 16.32 19.52 26.56
N LEU D 56 16.82 19.66 25.34
CA LEU D 56 18.09 19.07 24.94
C LEU D 56 19.22 19.70 25.73
N ALA D 57 20.27 18.98 26.07
CA ALA D 57 21.45 19.63 26.63
C ALA D 57 21.99 20.56 25.59
N SER D 58 22.67 21.63 26.01
CA SER D 58 23.42 22.48 25.07
C SER D 58 24.74 23.03 25.64
N ASP D 59 25.65 23.38 24.73
CA ASP D 59 26.92 24.01 25.11
C ASP D 59 26.63 25.44 25.53
N ASP D 60 26.43 25.63 26.82
CA ASP D 60 25.86 26.84 27.33
C ASP D 60 26.67 27.29 28.50
N ASN D 61 26.39 28.48 29.03
CA ASN D 61 26.97 28.85 30.31
C ASN D 61 26.22 28.09 31.41
N ASN D 62 24.95 27.78 31.16
CA ASN D 62 24.10 27.04 32.11
C ASN D 62 24.50 25.59 32.19
N THR D 63 25.62 25.34 32.83
CA THR D 63 26.21 24.03 32.91
C THR D 63 25.53 23.18 33.97
N GLN D 64 24.65 23.77 34.80
CA GLN D 64 23.97 23.00 35.86
C GLN D 64 22.46 23.19 35.82
N PRO D 65 21.86 22.75 34.70
CA PRO D 65 20.49 23.13 34.43
C PRO D 65 19.51 22.58 35.44
N TRP D 66 19.91 21.56 36.18
CA TRP D 66 19.07 20.97 37.27
C TRP D 66 18.96 21.89 38.51
N THR D 67 19.92 22.81 38.65
CA THR D 67 19.88 23.79 39.72
C THR D 67 18.92 24.95 39.45
N SER D 68 18.35 25.09 38.25
CA SER D 68 17.31 26.12 38.03
C SER D 68 16.19 25.74 37.07
N GLN D 69 15.30 26.68 36.76
CA GLN D 69 14.19 26.36 35.91
C GLN D 69 14.67 26.13 34.48
N LEU D 70 14.24 25.03 33.88
CA LEU D 70 14.63 24.70 32.49
C LEU D 70 14.06 25.73 31.52
N LYS D 71 14.88 26.25 30.64
CA LYS D 71 14.46 27.41 29.85
C LYS D 71 13.33 27.09 28.85
N THR D 72 13.55 26.09 28.01
CA THR D 72 12.55 25.56 27.06
C THR D 72 11.04 25.47 27.30
N SER D 73 10.30 25.91 26.29
CA SER D 73 8.84 25.91 26.36
C SER D 73 8.24 24.61 25.81
N LEU D 74 9.11 23.65 25.53
CA LEU D 74 8.67 22.36 25.00
C LEU D 74 8.15 21.47 26.12
N GLU D 75 7.24 20.55 25.78
CA GLU D 75 6.68 19.65 26.75
C GLU D 75 6.73 18.23 26.18
N CYS D 76 7.39 17.32 26.87
CA CYS D 76 7.41 15.92 26.42
C CYS D 76 6.62 15.03 27.34
N PRO D 77 5.74 14.20 26.81
CA PRO D 77 5.01 13.25 27.66
C PRO D 77 5.92 12.20 28.27
N VAL D 78 5.62 11.78 29.50
CA VAL D 78 6.58 10.98 30.22
C VAL D 78 6.44 9.44 30.17
N PRO D 79 5.26 8.89 30.02
CA PRO D 79 5.69 7.57 29.57
C PRO D 79 5.83 7.69 28.05
N ALA D 80 7.07 7.91 27.58
CA ALA D 80 7.42 7.87 26.14
C ALA D 80 8.92 7.92 25.93
N SER D 81 9.35 7.37 24.80
CA SER D 81 10.63 7.74 24.24
C SER D 81 10.43 9.13 23.60
N TYR D 82 11.48 9.96 23.62
CA TYR D 82 11.34 11.34 23.15
C TYR D 82 11.49 11.51 21.63
N ASN D 83 12.17 10.61 20.96
CA ASN D 83 12.70 10.83 19.62
C ASN D 83 11.78 11.17 18.49
N ASP D 84 10.61 10.54 18.41
CA ASP D 84 9.68 10.75 17.28
C ASP D 84 8.57 11.64 17.73
N ILE D 85 8.64 12.13 18.96
CA ILE D 85 7.54 12.88 19.48
C ILE D 85 7.38 14.28 18.90
N PHE D 86 8.48 14.93 18.55
CA PHE D 86 8.45 16.36 18.26
C PHE D 86 8.45 16.70 16.80
N ALA D 87 8.64 15.71 15.94
CA ALA D 87 8.74 15.96 14.49
C ALA D 87 9.86 16.95 14.23
N ASP D 88 10.98 16.70 14.88
CA ASP D 88 12.14 17.59 14.94
C ASP D 88 13.45 16.74 14.88
N SER D 89 14.19 16.90 13.78
CA SER D 89 15.43 16.17 13.53
C SER D 89 16.46 16.29 14.63
N LYS D 90 16.61 17.50 15.14
CA LYS D 90 17.65 17.81 16.09
C LYS D 90 17.40 17.10 17.42
N ILE D 91 16.13 17.01 17.82
CA ILE D 91 15.78 16.23 19.00
C ILE D 91 15.91 14.72 18.69
N HIS D 92 15.39 14.30 17.56
CA HIS D 92 15.49 12.92 17.21
C HIS D 92 16.93 12.45 17.19
N ASP D 93 17.82 13.23 16.60
CA ASP D 93 19.19 12.75 16.33
C ASP D 93 20.14 13.10 17.47
N HIS D 94 19.63 13.73 18.53
CA HIS D 94 20.48 14.15 19.62
C HIS D 94 21.27 13.00 20.24
N VAL D 95 22.54 13.24 20.46
CA VAL D 95 23.42 12.30 21.15
C VAL D 95 23.78 12.98 22.47
N GLY D 96 23.46 12.31 23.57
CA GLY D 96 23.77 12.81 24.91
C GLY D 96 22.53 13.03 25.80
N TRP D 97 22.78 13.88 26.81
CA TRP D 97 21.82 14.25 27.84
C TRP D 97 20.64 15.05 27.35
N VAL D 98 19.46 14.75 27.90
CA VAL D 98 18.30 15.66 27.88
C VAL D 98 17.77 15.82 29.30
N TYR D 99 16.98 16.85 29.55
CA TYR D 99 16.41 17.09 30.89
C TYR D 99 14.89 17.10 30.92
N TYR D 100 14.33 16.47 31.95
CA TYR D 100 12.91 16.57 32.21
C TYR D 100 12.68 17.39 33.48
N GLN D 101 11.64 18.20 33.53
CA GLN D 101 11.41 18.93 34.75
C GLN D 101 9.98 19.25 35.01
N ARG D 102 9.61 19.19 36.29
CA ARG D 102 8.29 19.57 36.73
C ARG D 102 8.22 19.70 38.25
N ASP D 103 7.14 20.32 38.70
CA ASP D 103 6.90 20.50 40.11
C ASP D 103 6.12 19.32 40.70
N VAL D 104 6.42 19.00 41.95
CA VAL D 104 5.67 18.00 42.68
C VAL D 104 5.36 18.47 44.08
N ILE D 105 4.18 18.08 44.56
CA ILE D 105 3.75 18.30 45.93
C ILE D 105 3.64 16.98 46.69
N VAL D 106 4.28 16.95 47.84
CA VAL D 106 4.19 15.80 48.72
C VAL D 106 2.96 15.97 49.58
N PRO D 107 2.08 14.98 49.62
CA PRO D 107 0.88 15.23 50.41
C PRO D 107 1.16 15.56 51.88
N LYS D 108 0.39 16.52 52.41
CA LYS D 108 0.55 16.98 53.79
C LYS D 108 0.37 15.84 54.78
N GLY D 109 -0.47 14.84 54.48
CA GLY D 109 -0.69 13.67 55.34
C GLY D 109 0.35 12.54 55.26
N TRP D 110 1.45 12.76 54.53
CA TRP D 110 2.59 11.84 54.51
C TRP D 110 3.66 12.18 55.57
N SER D 111 3.36 13.09 56.50
CA SER D 111 4.32 13.32 57.61
C SER D 111 4.17 12.06 58.44
N GLU D 112 5.28 11.59 59.01
CA GLU D 112 5.32 10.31 59.66
C GLU D 112 5.43 9.14 58.67
N GLU D 113 5.70 9.43 57.39
CA GLU D 113 5.83 8.34 56.39
C GLU D 113 7.18 8.66 55.84
N ARG D 114 7.80 7.67 55.22
CA ARG D 114 8.97 7.91 54.35
C ARG D 114 8.37 8.10 52.95
N TYR D 115 9.05 8.81 52.07
CA TYR D 115 8.60 8.89 50.69
C TYR D 115 9.75 8.86 49.67
N LEU D 116 9.43 8.33 48.48
CA LEU D 116 10.41 8.08 47.42
C LEU D 116 9.98 8.58 46.05
N VAL D 117 10.94 9.00 45.22
CA VAL D 117 10.66 9.22 43.82
C VAL D 117 11.25 8.05 43.05
N ARG D 118 10.44 7.46 42.17
CA ARG D 118 10.88 6.30 41.43
C ARG D 118 10.64 6.40 39.93
N CYS D 119 11.70 6.19 39.14
CA CYS D 119 11.58 5.94 37.70
C CYS D 119 11.47 4.46 37.45
N GLU D 120 10.40 4.00 36.80
CA GLU D 120 10.38 2.63 36.33
C GLU D 120 11.56 2.34 35.42
N ALA D 121 11.97 3.31 34.63
CA ALA D 121 13.06 3.13 33.71
C ALA D 121 13.43 4.47 33.06
N ALA D 122 14.72 4.68 32.82
CA ALA D 122 15.22 5.82 32.07
C ALA D 122 16.31 5.26 31.16
N THR D 123 16.13 5.42 29.86
CA THR D 123 17.01 4.77 28.94
C THR D 123 17.84 5.86 28.27
N HIS D 124 19.16 5.82 28.44
CA HIS D 124 19.88 4.68 29.08
C HIS D 124 20.39 4.97 30.50
N HIS D 125 20.62 6.22 30.83
CA HIS D 125 21.32 6.53 32.06
C HIS D 125 20.61 7.71 32.67
N GLY D 126 20.00 7.52 33.83
CA GLY D 126 19.12 8.53 34.44
C GLY D 126 19.69 9.12 35.74
N ARG D 127 19.49 10.43 35.94
CA ARG D 127 19.80 11.07 37.22
C ARG D 127 18.60 11.80 37.77
N ILE D 128 18.29 11.57 39.04
CA ILE D 128 17.16 12.23 39.67
C ILE D 128 17.74 13.35 40.52
N TYR D 129 17.16 14.53 40.34
CA TYR D 129 17.48 15.69 41.11
C TYR D 129 16.24 16.17 41.82
N VAL D 130 16.34 16.40 43.12
CA VAL D 130 15.21 16.86 43.90
C VAL D 130 15.70 18.15 44.51
N ASN D 131 15.02 19.24 44.21
CA ASN D 131 15.49 20.61 44.47
C ASN D 131 16.97 20.77 44.16
N GLY D 132 17.41 20.16 43.07
CA GLY D 132 18.81 20.29 42.59
C GLY D 132 19.85 19.34 43.18
N ASN D 133 19.42 18.46 44.08
CA ASN D 133 20.30 17.47 44.71
C ASN D 133 20.34 16.19 43.87
N LEU D 134 21.51 15.79 43.43
CA LEU D 134 21.67 14.48 42.80
C LEU D 134 21.33 13.43 43.86
N VAL D 135 20.28 12.65 43.67
CA VAL D 135 19.89 11.68 44.71
C VAL D 135 19.75 10.25 44.21
N ALA D 136 19.96 10.08 42.91
CA ALA D 136 19.99 8.77 42.31
C ALA D 136 20.72 8.87 41.00
N ASP D 137 21.61 7.95 40.75
CA ASP D 137 22.33 7.93 39.49
C ASP D 137 22.32 6.51 39.03
N HIS D 138 21.75 6.26 37.88
CA HIS D 138 21.53 4.89 37.47
C HIS D 138 21.96 4.63 36.03
N VAL D 139 22.61 3.48 35.82
CA VAL D 139 23.23 3.21 34.53
C VAL D 139 22.39 2.34 33.62
N GLY D 140 21.81 1.24 34.01
CA GLY D 140 21.08 0.48 32.93
C GLY D 140 19.81 1.15 32.38
N GLY D 141 19.37 0.79 31.19
CA GLY D 141 18.27 1.52 30.56
C GLY D 141 16.84 0.99 30.71
N TYR D 142 16.63 -0.07 31.47
CA TYR D 142 15.35 -0.78 31.45
C TYR D 142 14.95 -1.41 32.79
N THR D 143 15.53 -0.93 33.87
CA THR D 143 15.26 -1.42 35.21
C THR D 143 15.08 -0.21 36.11
N PRO D 144 14.31 -0.35 37.20
CA PRO D 144 13.97 0.79 38.06
C PRO D 144 15.08 1.32 38.93
N PHE D 145 14.97 2.60 39.28
CA PHE D 145 15.80 3.23 40.29
C PHE D 145 14.99 4.30 40.99
N GLU D 146 15.46 4.71 42.16
CA GLU D 146 14.67 5.55 43.09
C GLU D 146 15.54 6.20 44.15
N ALA D 147 14.97 7.17 44.84
CA ALA D 147 15.70 7.83 45.93
C ALA D 147 14.75 8.17 47.08
N ASP D 148 15.22 7.93 48.29
CA ASP D 148 14.45 8.32 49.45
C ASP D 148 14.67 9.81 49.71
N ILE D 149 13.58 10.58 49.66
CA ILE D 149 13.66 12.02 49.82
C ILE D 149 12.94 12.52 51.10
N THR D 150 12.74 11.62 52.04
CA THR D 150 11.98 11.93 53.21
C THR D 150 12.55 13.15 53.93
N ASP D 151 13.89 13.20 54.03
CA ASP D 151 14.54 14.26 54.79
C ASP D 151 14.89 15.45 53.96
N LEU D 152 14.56 15.40 52.68
CA LEU D 152 14.95 16.44 51.75
C LEU D 152 13.84 17.43 51.56
N VAL D 153 12.60 16.92 51.52
CA VAL D 153 11.39 17.65 51.26
C VAL D 153 10.35 17.34 52.33
N ALA D 154 9.68 18.38 52.78
CA ALA D 154 8.74 18.26 53.88
C ALA D 154 7.35 18.03 53.33
N ALA D 155 6.59 17.24 54.06
CA ALA D 155 5.24 16.85 53.65
C ALA D 155 4.38 18.08 53.55
N GLY D 156 3.63 18.22 52.47
CA GLY D 156 2.76 19.40 52.26
C GLY D 156 3.42 20.45 51.37
N GLU D 157 4.72 20.31 51.12
CA GLU D 157 5.43 21.27 50.30
C GLU D 157 5.71 20.79 48.86
N GLN D 158 5.94 21.79 48.01
CA GLN D 158 6.32 21.59 46.64
C GLN D 158 7.86 21.53 46.47
N PHE D 159 8.29 20.73 45.50
CA PHE D 159 9.69 20.64 45.14
C PHE D 159 9.85 20.49 43.65
N ARG D 160 11.04 20.81 43.17
CA ARG D 160 11.31 20.68 41.74
C ARG D 160 11.97 19.31 41.45
N LEU D 161 11.39 18.56 40.51
CA LEU D 161 11.92 17.32 40.01
C LEU D 161 12.55 17.54 38.65
N THR D 162 13.85 17.31 38.53
CA THR D 162 14.60 17.34 37.28
C THR D 162 15.17 15.95 37.09
N ILE D 163 14.92 15.36 35.96
CA ILE D 163 15.49 14.07 35.64
C ILE D 163 16.26 14.18 34.33
N ALA D 164 17.56 13.92 34.43
CA ALA D 164 18.47 13.93 33.30
C ALA D 164 18.55 12.52 32.80
N VAL D 165 18.56 12.37 31.50
CA VAL D 165 18.65 11.05 30.86
C VAL D 165 19.60 11.13 29.67
N ASP D 166 20.56 10.23 29.66
CA ASP D 166 21.57 10.20 28.62
C ASP D 166 21.32 9.00 27.74
N ASN D 167 21.66 9.13 26.48
CA ASN D 167 21.50 8.05 25.52
C ASN D 167 22.81 7.53 24.94
N GLU D 168 23.96 8.06 25.35
CA GLU D 168 25.22 7.64 24.76
C GLU D 168 25.57 6.17 25.13
N LEU D 169 25.83 5.36 24.13
CA LEU D 169 26.36 4.02 24.37
C LEU D 169 27.87 4.04 24.14
N THR D 170 28.59 3.26 24.92
CA THR D 170 30.03 3.11 24.80
C THR D 170 30.29 1.61 24.77
N TYR D 171 31.55 1.22 24.70
CA TYR D 171 31.93 -0.20 24.82
C TYR D 171 31.69 -0.78 26.20
N GLN D 172 31.40 0.04 27.22
CA GLN D 172 31.07 -0.51 28.53
C GLN D 172 29.57 -0.49 28.84
N THR D 173 28.78 0.19 28.02
CA THR D 173 27.33 0.15 28.23
C THR D 173 26.84 -1.21 27.80
N ILE D 174 25.78 -1.71 28.42
CA ILE D 174 25.47 -3.11 28.14
C ILE D 174 24.74 -3.34 26.86
N PRO D 175 23.90 -2.39 26.39
CA PRO D 175 24.03 -2.54 24.93
C PRO D 175 25.19 -1.64 24.61
N PRO D 176 26.29 -2.19 24.07
CA PRO D 176 27.45 -1.35 23.81
C PRO D 176 27.35 -0.56 22.53
N GLY D 177 28.10 0.52 22.45
CA GLY D 177 28.19 1.31 21.22
C GLY D 177 29.37 2.27 21.22
N LYS D 178 29.36 3.20 20.28
CA LYS D 178 30.35 4.25 20.29
C LYS D 178 29.87 5.44 19.52
N VAL D 179 30.06 6.61 20.11
CA VAL D 179 29.78 7.86 19.43
C VAL D 179 30.91 8.18 18.47
N GLU D 180 30.56 8.60 17.26
CA GLU D 180 31.53 9.14 16.30
C GLU D 180 31.15 10.53 15.78
N ILE D 181 32.09 11.18 15.09
CA ILE D 181 31.83 12.48 14.46
C ILE D 181 31.96 12.36 12.94
N LEU D 182 30.92 12.68 12.19
CA LEU D 182 31.06 12.72 10.74
C LEU D 182 31.99 13.88 10.39
N GLU D 183 33.05 13.56 9.68
CA GLU D 183 34.13 14.50 9.35
C GLU D 183 33.65 15.78 8.64
N ALA D 184 32.86 15.66 7.57
CA ALA D 184 32.48 16.86 6.81
C ALA D 184 31.51 17.78 7.52
N THR D 185 30.55 17.23 8.25
CA THR D 185 29.55 18.04 8.94
C THR D 185 29.85 18.28 10.41
N GLY D 186 30.81 17.59 10.98
CA GLY D 186 30.98 17.62 12.43
C GLY D 186 29.80 17.04 13.22
N LYS D 187 28.87 16.40 12.54
CA LYS D 187 27.68 15.97 13.20
C LYS D 187 27.99 14.79 14.09
N LYS D 188 27.40 14.82 15.27
CA LYS D 188 27.59 13.79 16.26
C LYS D 188 26.63 12.62 16.00
N VAL D 189 27.15 11.41 16.11
CA VAL D 189 26.43 10.24 15.61
C VAL D 189 26.65 9.03 16.51
N GLN D 190 25.61 8.24 16.75
CA GLN D 190 25.71 7.09 17.64
C GLN D 190 25.79 5.79 16.87
N THR D 191 26.88 5.05 17.00
CA THR D 191 26.97 3.75 16.36
C THR D 191 26.64 2.68 17.39
N TYR D 192 26.19 1.55 16.84
CA TYR D 192 25.85 0.37 17.63
C TYR D 192 25.58 -0.77 16.69
N GLN D 193 25.51 -1.98 17.24
CA GLN D 193 25.54 -3.19 16.43
C GLN D 193 24.20 -3.91 16.46
N HIS D 194 23.22 -3.32 17.14
CA HIS D 194 21.88 -3.90 17.20
C HIS D 194 20.90 -3.23 16.25
N ASP D 195 19.88 -4.00 15.87
CA ASP D 195 18.80 -3.56 14.96
C ASP D 195 17.93 -2.35 15.42
N PHE D 196 17.04 -2.65 16.35
CA PHE D 196 16.12 -1.65 16.85
C PHE D 196 16.77 -0.32 17.20
N TYR D 197 16.01 0.75 16.93
CA TYR D 197 16.47 2.12 17.00
C TYR D 197 16.67 2.51 18.43
N ASN D 198 17.77 3.19 18.67
CA ASN D 198 18.18 3.63 20.01
C ASN D 198 17.26 4.69 20.62
N TYR D 199 16.01 4.34 20.89
CA TYR D 199 15.07 5.30 21.41
C TYR D 199 15.49 5.60 22.84
N ALA D 200 15.28 6.82 23.28
CA ALA D 200 15.69 7.21 24.63
C ALA D 200 14.60 8.01 25.28
N GLY D 201 14.76 8.19 26.57
CA GLY D 201 13.92 9.07 27.36
C GLY D 201 13.29 8.27 28.51
N LEU D 202 12.26 8.84 29.12
CA LEU D 202 11.59 8.20 30.22
C LEU D 202 10.50 7.39 29.59
N ALA D 203 10.86 6.20 29.16
CA ALA D 203 9.92 5.42 28.41
C ALA D 203 8.97 4.69 29.33
N ARG D 204 9.11 4.87 30.64
CA ARG D 204 8.24 4.20 31.58
C ARG D 204 7.79 5.08 32.71
N SER D 205 6.81 4.60 33.47
CA SER D 205 6.14 5.51 34.38
C SER D 205 7.04 6.02 35.50
N VAL D 206 6.72 7.22 35.98
CA VAL D 206 7.41 7.85 37.12
C VAL D 206 6.42 8.03 38.29
N TRP D 207 6.93 7.82 39.51
CA TRP D 207 6.10 7.79 40.71
C TRP D 207 6.65 8.54 41.92
N LEU D 208 5.71 9.04 42.73
CA LEU D 208 5.99 9.47 44.10
C LEU D 208 5.19 8.59 45.01
N TYR D 209 5.84 7.97 45.97
CA TYR D 209 5.13 7.04 46.86
C TYR D 209 5.66 7.04 48.28
N SER D 210 4.83 6.50 49.17
CA SER D 210 5.14 6.49 50.58
C SER D 210 5.18 5.07 51.05
N VAL D 211 6.00 4.85 52.05
CA VAL D 211 6.01 3.62 52.83
C VAL D 211 6.17 3.98 54.30
N PRO D 212 5.60 3.16 55.19
CA PRO D 212 5.80 3.44 56.59
C PRO D 212 7.28 3.35 56.99
N GLN D 213 7.55 3.90 58.15
CA GLN D 213 8.88 3.94 58.76
C GLN D 213 9.46 2.50 58.87
N GLN D 214 8.65 1.59 59.40
CA GLN D 214 8.98 0.17 59.33
C GLN D 214 8.27 -0.38 58.10
N HIS D 215 9.01 -0.74 57.07
CA HIS D 215 8.36 -1.21 55.86
C HIS D 215 9.02 -2.46 55.33
N ILE D 216 8.24 -3.21 54.57
CA ILE D 216 8.74 -4.28 53.72
C ILE D 216 9.47 -3.64 52.54
N GLN D 217 10.68 -4.13 52.29
CA GLN D 217 11.53 -3.60 51.23
C GLN D 217 11.73 -4.65 50.12
N ASP D 218 11.65 -5.93 50.44
CA ASP D 218 11.76 -6.95 49.41
C ASP D 218 11.05 -8.22 49.83
N ILE D 219 10.58 -8.97 48.86
CA ILE D 219 10.02 -10.30 49.10
C ILE D 219 10.54 -11.19 48.00
N THR D 220 10.86 -12.41 48.39
CA THR D 220 11.16 -13.49 47.47
C THR D 220 10.25 -14.68 47.76
N VAL D 221 9.68 -15.22 46.70
CA VAL D 221 8.81 -16.39 46.83
C VAL D 221 9.38 -17.49 45.94
N ARG D 222 9.26 -18.73 46.37
CA ARG D 222 9.68 -19.87 45.57
C ARG D 222 8.64 -20.97 45.74
N THR D 223 8.23 -21.58 44.64
CA THR D 223 7.05 -22.43 44.67
C THR D 223 7.42 -23.81 44.20
N ASP D 224 7.01 -24.82 44.97
CA ASP D 224 7.23 -26.23 44.61
C ASP D 224 5.95 -27.03 44.90
N VAL D 225 6.04 -28.34 44.72
CA VAL D 225 4.87 -29.20 44.77
C VAL D 225 5.31 -30.54 45.35
N GLN D 226 4.59 -31.00 46.37
CA GLN D 226 4.73 -32.33 46.94
C GLN D 226 3.42 -33.06 46.74
N GLY D 227 3.36 -33.89 45.71
CA GLY D 227 2.11 -34.57 45.44
C GLY D 227 1.10 -33.54 45.04
N THR D 228 -0.08 -33.54 45.64
CA THR D 228 -1.10 -32.49 45.36
C THR D 228 -0.99 -31.19 46.19
N THR D 229 -0.16 -31.21 47.24
CA THR D 229 0.09 -30.06 48.09
C THR D 229 1.14 -29.13 47.51
N GLY D 230 0.78 -27.85 47.43
CA GLY D 230 1.70 -26.82 46.95
C GLY D 230 2.54 -26.24 48.08
N LEU D 231 3.77 -25.85 47.77
CA LEU D 231 4.73 -25.31 48.75
C LEU D 231 5.24 -23.92 48.34
N ILE D 232 5.13 -22.92 49.23
CA ILE D 232 5.73 -21.64 48.92
C ILE D 232 6.71 -21.20 49.98
N ASP D 233 7.97 -21.27 49.61
CA ASP D 233 9.00 -20.68 50.42
C ASP D 233 8.99 -19.21 50.19
N TYR D 234 8.79 -18.48 51.27
CA TYR D 234 8.87 -17.05 51.23
C TYR D 234 10.04 -16.56 52.05
N ASN D 235 10.44 -15.35 51.74
CA ASN D 235 11.42 -14.62 52.48
C ASN D 235 11.03 -13.16 52.35
N VAL D 236 10.84 -12.51 53.48
CA VAL D 236 10.53 -11.10 53.52
C VAL D 236 11.68 -10.37 54.13
N VAL D 237 12.07 -9.24 53.51
CA VAL D 237 13.13 -8.39 54.02
C VAL D 237 12.53 -7.05 54.39
N ALA D 238 12.63 -6.68 55.65
CA ALA D 238 11.94 -5.49 56.13
C ALA D 238 12.88 -4.54 56.87
N SER D 239 12.60 -3.24 56.76
CA SER D 239 13.49 -2.17 57.28
C SER D 239 13.80 -2.31 58.76
N THR D 240 12.87 -2.85 59.53
CA THR D 240 13.20 -3.13 60.92
C THR D 240 12.55 -4.36 61.50
N THR D 241 13.14 -4.78 62.62
CA THR D 241 12.78 -6.00 63.34
C THR D 241 11.68 -5.78 64.43
N GLN D 242 11.81 -4.72 65.23
CA GLN D 242 10.76 -4.25 66.21
C GLN D 242 9.28 -4.46 65.83
N GLY D 243 8.67 -5.55 66.30
CA GLY D 243 7.39 -5.95 65.74
C GLY D 243 7.59 -6.72 64.43
N THR D 244 6.62 -7.56 64.09
CA THR D 244 6.94 -8.80 63.35
C THR D 244 6.15 -9.01 62.04
N ILE D 245 6.52 -10.06 61.32
CA ILE D 245 5.95 -10.34 60.00
C ILE D 245 4.87 -11.43 60.01
N GLN D 246 3.71 -11.12 59.45
CA GLN D 246 2.66 -12.11 59.21
C GLN D 246 2.50 -12.29 57.72
N VAL D 247 2.05 -13.48 57.31
CA VAL D 247 1.72 -13.73 55.92
C VAL D 247 0.42 -14.46 55.77
N ALA D 248 -0.43 -13.96 54.89
CA ALA D 248 -1.65 -14.64 54.55
C ALA D 248 -1.59 -14.97 53.05
N VAL D 249 -2.09 -16.16 52.66
CA VAL D 249 -2.21 -16.55 51.26
C VAL D 249 -3.71 -16.75 50.87
N ILE D 250 -4.20 -15.89 50.01
CA ILE D 250 -5.60 -15.83 49.75
C ILE D 250 -5.80 -16.32 48.35
N ASP D 251 -6.80 -17.18 48.14
CA ASP D 251 -7.06 -17.73 46.84
C ASP D 251 -7.85 -16.77 45.97
N GLU D 252 -8.13 -17.19 44.74
CA GLU D 252 -8.87 -16.35 43.80
C GLU D 252 -10.33 -16.07 44.21
N ASP D 253 -10.88 -16.84 45.16
CA ASP D 253 -12.22 -16.56 45.72
C ASP D 253 -12.25 -15.67 46.99
N GLY D 254 -11.11 -15.33 47.57
CA GLY D 254 -11.07 -14.44 48.72
C GLY D 254 -10.82 -15.16 50.02
N THR D 255 -10.64 -16.48 49.94
CA THR D 255 -10.47 -17.34 51.09
C THR D 255 -9.00 -17.44 51.51
N THR D 256 -8.71 -17.19 52.78
CA THR D 256 -7.37 -17.36 53.29
C THR D 256 -7.08 -18.83 53.46
N VAL D 257 -6.13 -19.33 52.70
CA VAL D 257 -5.91 -20.76 52.56
C VAL D 257 -4.74 -21.23 53.45
N ALA D 258 -3.96 -20.27 53.98
CA ALA D 258 -2.80 -20.55 54.79
C ALA D 258 -2.19 -19.26 55.32
N THR D 259 -1.51 -19.39 56.46
CA THR D 259 -0.86 -18.27 57.12
C THR D 259 0.49 -18.68 57.58
N SER D 260 1.29 -17.71 57.96
CA SER D 260 2.61 -17.99 58.50
C SER D 260 3.07 -16.78 59.28
N SER D 261 3.94 -16.99 60.25
CA SER D 261 4.57 -15.88 60.96
C SER D 261 6.04 -15.90 60.73
N GLY D 262 6.63 -14.72 60.74
CA GLY D 262 8.06 -14.54 60.71
C GLY D 262 8.55 -14.16 59.34
N SER D 263 9.76 -13.63 59.28
CA SER D 263 10.29 -13.12 58.03
C SER D 263 10.61 -14.23 57.03
N ASN D 264 10.66 -15.48 57.46
CA ASN D 264 11.06 -16.55 56.60
C ASN D 264 10.29 -17.80 56.90
N GLY D 265 9.93 -18.56 55.87
CA GLY D 265 9.16 -19.78 56.12
C GLY D 265 8.86 -20.62 54.91
N THR D 266 8.05 -21.64 55.13
CA THR D 266 7.46 -22.44 54.05
C THR D 266 5.96 -22.48 54.33
N ILE D 267 5.14 -22.26 53.32
CA ILE D 267 3.70 -22.36 53.52
C ILE D 267 3.19 -23.55 52.71
N HIS D 268 2.26 -24.30 53.29
CA HIS D 268 1.69 -25.49 52.65
C HIS D 268 0.30 -25.15 52.14
N ILE D 269 0.07 -25.41 50.85
CA ILE D 269 -1.25 -25.21 50.26
C ILE D 269 -1.84 -26.54 49.79
N PRO D 270 -2.74 -27.08 50.61
CA PRO D 270 -3.39 -28.35 50.29
C PRO D 270 -4.27 -28.22 49.08
N SER D 271 -4.21 -29.22 48.23
CA SER D 271 -4.98 -29.25 46.98
C SER D 271 -4.88 -27.96 46.17
N VAL D 272 -3.64 -27.60 45.88
CA VAL D 272 -3.29 -26.34 45.27
C VAL D 272 -3.79 -26.32 43.85
N HIS D 273 -4.32 -25.17 43.45
CA HIS D 273 -4.45 -24.86 42.02
C HIS D 273 -3.15 -24.28 41.43
N LEU D 274 -2.53 -25.09 40.59
CA LEU D 274 -1.28 -24.75 39.92
C LEU D 274 -1.50 -23.63 38.92
N TRP D 275 -0.47 -22.81 38.75
CA TRP D 275 -0.36 -21.92 37.60
C TRP D 275 0.07 -22.77 36.43
N GLN D 276 -0.72 -22.77 35.37
CA GLN D 276 -0.42 -23.52 34.15
C GLN D 276 -0.39 -22.60 32.93
N PRO D 277 0.46 -22.91 31.96
CA PRO D 277 0.47 -22.16 30.70
C PRO D 277 -0.88 -21.98 30.07
N GLY D 278 -1.56 -23.05 29.78
CA GLY D 278 -2.90 -22.76 29.21
C GLY D 278 -3.84 -21.85 30.06
N ALA D 279 -3.65 -21.86 31.38
CA ALA D 279 -4.65 -21.45 32.33
C ALA D 279 -4.00 -21.00 33.63
N ALA D 280 -3.92 -19.69 33.80
CA ALA D 280 -3.33 -19.05 34.99
C ALA D 280 -4.17 -19.22 36.23
N TYR D 281 -3.50 -19.42 37.36
CA TYR D 281 -4.16 -19.33 38.63
C TYR D 281 -3.20 -18.61 39.53
N LEU D 282 -3.71 -17.61 40.26
CA LEU D 282 -2.85 -16.75 41.06
C LEU D 282 -3.34 -16.69 42.47
N TYR D 283 -2.46 -17.02 43.39
CA TYR D 283 -2.75 -16.74 44.78
C TYR D 283 -2.30 -15.34 45.01
N GLN D 284 -2.77 -14.76 46.09
CA GLN D 284 -2.41 -13.43 46.46
C GLN D 284 -1.74 -13.49 47.85
N LEU D 285 -0.43 -13.28 47.90
CA LEU D 285 0.30 -13.39 49.14
C LEU D 285 0.38 -12.02 49.77
N HIS D 286 -0.18 -11.92 50.98
CA HIS D 286 -0.23 -10.67 51.75
C HIS D 286 0.83 -10.65 52.86
N ALA D 287 1.88 -9.87 52.68
CA ALA D 287 2.91 -9.75 53.70
C ALA D 287 2.69 -8.48 54.51
N SER D 288 2.61 -8.61 55.84
CA SER D 288 2.41 -7.47 56.73
C SER D 288 3.45 -7.36 57.81
N ILE D 289 3.57 -6.15 58.34
CA ILE D 289 4.25 -5.92 59.60
C ILE D 289 3.22 -5.55 60.69
N ILE D 290 3.40 -6.16 61.87
CA ILE D 290 2.43 -6.23 62.96
C ILE D 290 3.08 -5.68 64.23
N ASP D 291 2.38 -4.77 64.92
CA ASP D 291 2.90 -4.19 66.15
C ASP D 291 2.51 -5.08 67.34
N SER D 292 3.05 -4.79 68.52
CA SER D 292 2.78 -5.62 69.72
C SER D 292 1.28 -5.72 69.96
N SER D 293 0.58 -4.60 69.79
CA SER D 293 -0.88 -4.51 69.92
C SER D 293 -1.64 -5.11 68.75
N LYS D 294 -1.06 -6.12 68.11
CA LYS D 294 -1.65 -6.87 66.97
C LYS D 294 -2.21 -6.00 65.80
N LYS D 295 -1.54 -4.91 65.48
CA LYS D 295 -2.06 -3.94 64.50
C LYS D 295 -1.14 -3.86 63.29
N THR D 296 -1.71 -3.84 62.10
CA THR D 296 -0.89 -3.85 60.89
C THR D 296 -0.26 -2.46 60.72
N ILE D 297 1.07 -2.43 60.63
CA ILE D 297 1.82 -1.21 60.41
C ILE D 297 2.26 -1.11 58.96
N ASP D 298 2.39 -2.25 58.28
CA ASP D 298 2.64 -2.22 56.86
C ASP D 298 2.10 -3.45 56.19
N THR D 299 1.68 -3.30 54.95
CA THR D 299 1.18 -4.46 54.17
C THR D 299 1.51 -4.33 52.67
N TYR D 300 1.60 -5.50 52.04
CA TYR D 300 1.98 -5.61 50.63
C TYR D 300 1.42 -6.89 50.03
N LYS D 301 0.83 -6.74 48.85
CA LYS D 301 0.09 -7.78 48.17
C LYS D 301 0.80 -8.23 46.89
N LEU D 302 1.28 -9.47 46.93
CA LEU D 302 2.12 -10.05 45.91
C LEU D 302 1.49 -11.30 45.24
N ALA D 303 1.13 -11.16 43.97
CA ALA D 303 0.56 -12.24 43.17
C ALA D 303 1.55 -13.37 43.04
N THR D 304 1.08 -14.60 43.22
CA THR D 304 1.96 -15.74 43.31
C THR D 304 1.37 -16.94 42.58
N GLY D 305 2.09 -17.47 41.60
CA GLY D 305 1.71 -18.68 40.87
C GLY D 305 2.52 -19.90 41.26
N ILE D 306 1.83 -20.99 41.61
CA ILE D 306 2.51 -22.22 42.02
C ILE D 306 2.78 -23.07 40.81
N ARG D 307 4.07 -23.29 40.54
CA ARG D 307 4.55 -23.83 39.28
C ARG D 307 6.03 -24.17 39.44
N THR D 308 6.50 -25.18 38.72
CA THR D 308 7.92 -25.48 38.70
C THR D 308 8.37 -25.41 37.28
N VAL D 309 9.66 -25.14 37.08
CA VAL D 309 10.34 -25.27 35.77
C VAL D 309 11.53 -26.24 35.89
N LYS D 310 11.66 -27.19 34.98
CA LYS D 310 12.73 -28.16 35.03
C LYS D 310 13.19 -28.55 33.65
N VAL D 311 14.49 -28.65 33.49
CA VAL D 311 15.06 -29.17 32.29
C VAL D 311 15.57 -30.56 32.58
N GLN D 312 15.23 -31.49 31.71
CA GLN D 312 15.63 -32.88 31.77
C GLN D 312 15.92 -33.31 30.37
N GLY D 313 17.16 -33.71 30.11
CA GLY D 313 17.62 -34.00 28.78
C GLY D 313 17.19 -32.92 27.82
N THR D 314 16.38 -33.29 26.85
CA THR D 314 15.99 -32.36 25.80
C THR D 314 14.63 -31.78 26.08
N GLN D 315 14.06 -32.11 27.23
CA GLN D 315 12.74 -31.62 27.61
C GLN D 315 12.78 -30.42 28.56
N PHE D 316 12.01 -29.41 28.20
CA PHE D 316 11.70 -28.29 29.05
C PHE D 316 10.35 -28.61 29.72
N LEU D 317 10.37 -28.83 31.03
CA LEU D 317 9.15 -29.24 31.74
C LEU D 317 8.56 -28.13 32.55
N ILE D 318 7.27 -27.92 32.44
CA ILE D 318 6.56 -27.05 33.39
C ILE D 318 5.56 -27.90 34.16
N ASN D 319 5.57 -27.76 35.49
CA ASN D 319 4.81 -28.62 36.37
C ASN D 319 4.92 -30.09 35.98
N ASP D 320 6.14 -30.55 35.78
CA ASP D 320 6.44 -31.92 35.32
C ASP D 320 5.91 -32.35 33.94
N LYS D 321 5.31 -31.45 33.17
CA LYS D 321 4.79 -31.81 31.84
C LYS D 321 5.65 -31.16 30.77
N PRO D 322 6.03 -31.94 29.75
CA PRO D 322 6.78 -31.38 28.62
C PRO D 322 6.06 -30.16 28.04
N PHE D 323 6.82 -29.10 27.75
CA PHE D 323 6.30 -27.82 27.24
C PHE D 323 6.94 -27.44 25.89
N TYR D 324 6.13 -26.92 24.96
CA TYR D 324 6.65 -26.50 23.67
C TYR D 324 6.34 -25.02 23.44
N PHE D 325 7.38 -24.20 23.35
CA PHE D 325 7.17 -22.77 23.17
C PHE D 325 6.62 -22.54 21.79
N THR D 326 5.59 -21.74 21.71
CA THR D 326 5.09 -21.20 20.46
C THR D 326 4.88 -19.69 20.72
N GLY D 327 5.09 -18.86 19.70
CA GLY D 327 4.90 -17.41 19.82
C GLY D 327 6.01 -16.63 19.12
N PHE D 328 6.49 -15.57 19.77
CA PHE D 328 7.32 -14.57 19.10
C PHE D 328 8.46 -13.99 19.89
N GLY D 329 9.46 -13.52 19.19
CA GLY D 329 10.25 -12.43 19.77
C GLY D 329 9.49 -11.14 19.55
N LYS D 330 9.49 -10.28 20.56
CA LYS D 330 8.74 -9.02 20.48
C LYS D 330 9.69 -7.84 20.52
N HIS D 331 9.13 -6.65 20.62
CA HIS D 331 9.88 -5.43 20.91
C HIS D 331 8.92 -4.45 21.56
N GLU D 332 9.40 -3.57 22.45
CA GLU D 332 8.59 -2.46 22.89
C GLU D 332 8.77 -1.33 21.86
N ASP D 333 7.86 -1.26 20.91
CA ASP D 333 7.91 -0.33 19.80
C ASP D 333 6.51 -0.03 19.31
N THR D 334 6.15 1.23 19.28
CA THR D 334 4.90 1.59 18.61
C THR D 334 5.02 2.99 18.05
N ASN D 335 4.21 3.28 17.05
CA ASN D 335 4.09 4.60 16.45
C ASN D 335 4.05 5.76 17.45
N ILE D 336 5.01 6.68 17.31
CA ILE D 336 4.98 7.99 17.99
C ILE D 336 5.40 8.07 19.47
N ARG D 337 5.52 6.94 20.15
CA ARG D 337 5.80 6.93 21.56
C ARG D 337 6.99 6.01 21.72
N GLY D 338 7.45 5.42 20.62
CA GLY D 338 8.69 4.70 20.67
C GLY D 338 8.59 3.44 21.54
N LYS D 339 9.39 3.39 22.59
CA LYS D 339 9.43 2.25 23.52
C LYS D 339 8.59 2.56 24.76
N GLY D 340 7.88 3.68 24.69
CA GLY D 340 7.01 4.06 25.81
C GLY D 340 5.93 3.00 26.00
N HIS D 341 5.72 2.62 27.26
CA HIS D 341 4.70 1.62 27.64
C HIS D 341 3.29 2.09 27.35
N ASP D 342 2.50 1.19 26.81
CA ASP D 342 1.18 1.48 26.34
C ASP D 342 0.21 0.39 26.73
N ASP D 343 -0.58 0.65 27.74
CA ASP D 343 -1.67 -0.23 28.20
C ASP D 343 -2.51 -0.87 27.09
N ALA D 344 -3.02 -0.05 26.18
CA ALA D 344 -3.87 -0.57 25.12
C ALA D 344 -3.14 -1.57 24.22
N TYR D 345 -2.01 -1.16 23.70
CA TYR D 345 -1.27 -2.00 22.79
C TYR D 345 -0.86 -3.31 23.50
N MET D 346 -0.59 -3.23 24.79
CA MET D 346 -0.21 -4.42 25.53
C MET D 346 -1.41 -5.38 25.59
N VAL D 347 -2.60 -4.85 25.92
CA VAL D 347 -3.77 -5.71 26.01
C VAL D 347 -4.07 -6.25 24.62
N HIS D 348 -3.93 -5.40 23.63
CA HIS D 348 -4.26 -5.82 22.29
C HIS D 348 -3.32 -6.89 21.82
N ASP D 349 -2.03 -6.69 22.05
CA ASP D 349 -1.01 -7.64 21.63
C ASP D 349 -1.20 -9.00 22.28
N PHE D 350 -1.67 -9.04 23.52
CA PHE D 350 -1.87 -10.33 24.15
C PHE D 350 -3.12 -10.99 23.58
N GLN D 351 -4.10 -10.19 23.14
CA GLN D 351 -5.31 -10.76 22.52
C GLN D 351 -4.96 -11.40 21.17
N LEU D 352 -4.04 -10.77 20.46
CA LEU D 352 -3.55 -11.35 19.22
C LEU D 352 -2.82 -12.67 19.52
N LEU D 353 -2.01 -12.71 20.59
CA LEU D 353 -1.37 -13.99 20.97
C LEU D 353 -2.41 -15.10 21.15
N HIS D 354 -3.46 -14.81 21.90
CA HIS D 354 -4.47 -15.81 22.17
C HIS D 354 -5.21 -16.25 20.93
N TRP D 355 -5.43 -15.28 20.06
CA TRP D 355 -6.15 -15.45 18.83
C TRP D 355 -5.42 -16.45 17.93
N MET D 356 -4.09 -16.38 17.90
CA MET D 356 -3.31 -17.23 17.05
C MET D 356 -2.79 -18.44 17.82
N GLY D 357 -3.13 -18.51 19.10
CA GLY D 357 -2.85 -19.69 19.91
C GLY D 357 -1.42 -19.72 20.42
N ALA D 358 -0.74 -18.57 20.34
CA ALA D 358 0.62 -18.45 20.82
C ALA D 358 0.62 -18.49 22.33
N ASN D 359 1.59 -19.21 22.90
CA ASN D 359 1.66 -19.40 24.37
C ASN D 359 2.85 -18.70 25.06
N SER D 360 3.71 -18.03 24.30
CA SER D 360 4.90 -17.42 24.87
C SER D 360 5.44 -16.29 24.02
N PHE D 361 6.37 -15.53 24.59
CA PHE D 361 7.21 -14.61 23.84
C PHE D 361 8.48 -14.34 24.63
N ARG D 362 9.50 -13.79 23.97
CA ARG D 362 10.74 -13.41 24.61
C ARG D 362 10.86 -11.88 24.67
N THR D 363 11.41 -11.36 25.78
CA THR D 363 11.58 -9.91 25.91
C THR D 363 12.85 -9.45 25.14
N SER D 364 12.93 -9.85 23.90
CA SER D 364 13.92 -9.32 22.99
C SER D 364 13.83 -7.80 22.87
N HIS D 365 14.92 -7.06 23.13
CA HIS D 365 16.17 -7.53 23.76
C HIS D 365 16.51 -6.68 24.97
N TYR D 366 15.59 -6.66 25.90
CA TYR D 366 15.74 -5.83 27.06
C TYR D 366 14.56 -6.20 27.90
N PRO D 367 14.65 -6.02 29.23
CA PRO D 367 13.48 -6.21 30.05
C PRO D 367 12.37 -5.26 29.66
N TYR D 368 11.16 -5.80 29.49
CA TYR D 368 9.98 -5.01 29.14
C TYR D 368 9.45 -4.34 30.40
N ALA D 369 8.40 -3.54 30.27
CA ALA D 369 7.79 -2.92 31.43
C ALA D 369 7.29 -4.00 32.40
N GLU D 370 7.42 -3.74 33.68
CA GLU D 370 7.02 -4.71 34.73
C GLU D 370 5.55 -5.08 34.55
N GLU D 371 4.76 -4.13 34.11
CA GLU D 371 3.34 -4.36 33.94
C GLU D 371 3.02 -5.48 32.94
N VAL D 372 3.89 -5.68 31.97
CA VAL D 372 3.73 -6.70 30.96
C VAL D 372 3.93 -8.07 31.63
N MET D 373 4.84 -8.16 32.60
CA MET D 373 5.11 -9.44 33.27
C MET D 373 4.00 -9.82 34.23
N GLU D 374 3.49 -8.83 34.95
CA GLU D 374 2.31 -9.06 35.76
C GLU D 374 1.16 -9.48 34.86
N TYR D 375 1.02 -8.82 33.70
CA TYR D 375 -0.07 -9.16 32.78
C TYR D 375 0.08 -10.58 32.27
N ALA D 376 1.30 -10.96 31.95
CA ALA D 376 1.53 -12.27 31.41
C ALA D 376 1.20 -13.34 32.46
N ASP D 377 1.49 -13.04 33.73
CA ASP D 377 1.12 -13.92 34.86
C ASP D 377 -0.37 -14.14 34.91
N ARG D 378 -1.14 -13.09 34.62
CA ARG D 378 -2.61 -13.18 34.71
C ARG D 378 -3.22 -13.83 33.47
N GLN D 379 -2.57 -13.60 32.34
CA GLN D 379 -2.98 -14.17 31.06
C GLN D 379 -2.50 -15.60 30.83
N GLY D 380 -1.78 -16.18 31.79
CA GLY D 380 -1.19 -17.51 31.58
C GLY D 380 -0.20 -17.62 30.42
N ILE D 381 0.46 -16.53 30.04
CA ILE D 381 1.40 -16.55 28.93
C ILE D 381 2.77 -16.83 29.50
N VAL D 382 3.61 -17.53 28.74
CA VAL D 382 4.97 -17.85 29.22
C VAL D 382 6.07 -16.91 28.64
N VAL D 383 7.05 -16.59 29.46
CA VAL D 383 8.03 -15.57 29.09
C VAL D 383 9.51 -15.99 29.26
N ILE D 384 10.28 -15.78 28.19
CA ILE D 384 11.70 -15.87 28.27
C ILE D 384 12.15 -14.45 28.49
N ASP D 385 12.76 -14.20 29.62
CA ASP D 385 13.00 -12.84 30.08
C ASP D 385 14.44 -12.53 29.82
N GLU D 386 14.73 -11.40 29.16
CA GLU D 386 16.06 -11.14 28.62
C GLU D 386 16.71 -9.78 29.01
N THR D 387 18.03 -9.79 29.18
CA THR D 387 18.78 -8.59 29.57
C THR D 387 19.00 -7.78 28.32
N PRO D 388 19.45 -6.53 28.47
CA PRO D 388 19.79 -5.71 27.30
C PRO D 388 21.13 -6.03 26.65
N ALA D 389 21.70 -7.16 26.98
CA ALA D 389 23.01 -7.52 26.45
C ALA D 389 22.95 -8.05 25.02
N VAL D 390 22.61 -7.16 24.09
CA VAL D 390 22.65 -7.43 22.66
C VAL D 390 23.76 -6.56 22.07
N GLY D 391 24.30 -6.91 20.91
CA GLY D 391 25.30 -6.13 20.27
C GLY D 391 26.71 -6.41 20.72
N LEU D 392 26.96 -7.50 21.46
CA LEU D 392 28.33 -7.88 21.81
C LEU D 392 28.88 -8.72 20.66
N ALA D 393 28.92 -8.10 19.48
CA ALA D 393 29.52 -8.66 18.26
C ALA D 393 29.89 -7.53 17.25
N PHE D 394 31.17 -7.43 16.87
CA PHE D 394 31.57 -6.46 15.82
C PHE D 394 31.72 -7.10 14.42
N SER D 395 31.06 -8.25 14.22
CA SER D 395 31.16 -9.01 12.97
C SER D 395 29.89 -8.92 12.08
N PRO D 406 37.42 -7.60 13.40
CA PRO D 406 37.72 -6.97 14.70
C PRO D 406 37.28 -7.82 15.93
N ALA D 407 38.25 -8.25 16.75
CA ALA D 407 37.97 -9.06 17.95
C ALA D 407 37.03 -8.34 18.92
N THR D 408 35.85 -8.92 19.14
CA THR D 408 34.85 -8.39 20.06
C THR D 408 35.31 -8.36 21.50
N PHE D 409 35.87 -9.50 21.96
CA PHE D 409 36.22 -9.69 23.37
C PHE D 409 37.70 -9.48 23.61
N SER D 410 38.07 -8.21 23.76
CA SER D 410 39.43 -7.78 24.01
C SER D 410 39.40 -6.60 24.96
N PRO D 411 40.55 -6.22 25.52
CA PRO D 411 40.76 -5.05 26.41
C PRO D 411 40.25 -3.73 25.85
N ASP D 412 40.30 -3.56 24.55
CA ASP D 412 39.93 -2.30 23.93
C ASP D 412 38.54 -2.33 23.42
N ARG D 413 37.91 -3.50 23.49
CA ARG D 413 36.57 -3.69 22.99
C ARG D 413 35.68 -4.06 24.16
N ILE D 414 35.00 -5.20 24.05
CA ILE D 414 34.09 -5.64 25.08
C ILE D 414 34.96 -6.37 26.07
N ASN D 415 35.06 -5.80 27.26
CA ASN D 415 36.07 -6.21 28.21
C ASN D 415 35.48 -6.50 29.60
N ASN D 416 36.31 -6.66 30.61
CA ASN D 416 35.78 -6.98 31.94
C ASN D 416 35.01 -5.85 32.62
N LYS D 417 35.28 -4.61 32.25
CA LYS D 417 34.48 -3.47 32.73
C LYS D 417 33.08 -3.57 32.14
N THR D 418 33.02 -3.95 30.86
CA THR D 418 31.76 -4.27 30.23
C THR D 418 31.04 -5.38 30.96
N ARG D 419 31.76 -6.46 31.28
CA ARG D 419 31.16 -7.64 31.90
C ARG D 419 30.47 -7.30 33.22
N GLU D 420 31.05 -6.35 33.95
CA GLU D 420 30.43 -5.82 35.18
C GLU D 420 29.07 -5.19 34.93
N ALA D 421 28.97 -4.31 33.94
CA ALA D 421 27.65 -3.75 33.58
C ALA D 421 26.66 -4.86 33.17
N HIS D 422 27.13 -5.83 32.41
CA HIS D 422 26.36 -7.03 32.12
C HIS D 422 25.93 -7.76 33.39
N ALA D 423 26.86 -7.95 34.32
CA ALA D 423 26.58 -8.68 35.53
C ALA D 423 25.52 -7.95 36.28
N GLN D 424 25.70 -6.63 36.39
CA GLN D 424 24.74 -5.76 37.07
C GLN D 424 23.37 -5.76 36.37
N ALA D 425 23.37 -5.91 35.07
CA ALA D 425 22.13 -6.00 34.32
C ALA D 425 21.34 -7.27 34.70
N ILE D 426 22.06 -8.39 34.84
CA ILE D 426 21.50 -9.63 35.31
C ILE D 426 20.95 -9.47 36.72
N ARG D 427 21.73 -8.83 37.59
CA ARG D 427 21.32 -8.65 38.97
C ARG D 427 20.01 -7.95 39.00
N GLU D 428 19.94 -6.83 38.30
CA GLU D 428 18.78 -5.94 38.48
C GLU D 428 17.57 -6.57 37.81
N LEU D 429 17.75 -7.17 36.67
CA LEU D 429 16.65 -7.89 36.05
C LEU D 429 16.05 -8.98 36.97
N ILE D 430 16.91 -9.80 37.58
CA ILE D 430 16.42 -10.94 38.33
C ILE D 430 15.75 -10.46 39.61
N HIS D 431 16.36 -9.47 40.21
CA HIS D 431 15.84 -8.91 41.42
C HIS D 431 14.43 -8.38 41.24
N ARG D 432 14.17 -7.84 40.05
CA ARG D 432 12.88 -7.26 39.77
C ARG D 432 11.84 -8.29 39.36
N ASP D 433 12.24 -9.31 38.59
CA ASP D 433 11.33 -10.29 38.02
C ASP D 433 11.31 -11.70 38.64
N LYS D 434 12.14 -11.94 39.64
CA LYS D 434 12.22 -13.25 40.29
C LYS D 434 10.91 -13.88 40.64
N ASN D 435 9.90 -13.10 41.06
CA ASN D 435 8.62 -13.66 41.53
C ASN D 435 7.54 -13.96 40.48
N HIS D 436 7.81 -13.77 39.19
CA HIS D 436 6.79 -13.93 38.15
C HIS D 436 6.66 -15.38 37.66
N PRO D 437 5.52 -16.04 37.91
CA PRO D 437 5.36 -17.42 37.40
C PRO D 437 5.40 -17.52 35.87
N SER D 438 5.07 -16.44 35.17
CA SER D 438 5.13 -16.43 33.72
C SER D 438 6.55 -16.55 33.27
N VAL D 439 7.48 -16.03 34.06
CA VAL D 439 8.89 -15.98 33.66
C VAL D 439 9.53 -17.32 33.95
N VAL D 440 9.97 -17.95 32.89
CA VAL D 440 10.26 -19.35 32.89
C VAL D 440 11.74 -19.68 32.64
N MET D 441 12.54 -18.67 32.29
CA MET D 441 13.93 -18.86 31.85
C MET D 441 14.55 -17.48 31.65
N TRP D 442 15.81 -17.30 32.04
CA TRP D 442 16.49 -16.02 31.82
C TRP D 442 17.36 -16.11 30.58
N SER D 443 17.34 -15.07 29.75
CA SER D 443 18.22 -15.01 28.59
C SER D 443 19.25 -13.94 28.84
N ILE D 444 20.49 -14.38 28.92
CA ILE D 444 21.68 -13.59 29.31
C ILE D 444 22.15 -12.58 28.26
N ALA D 445 21.88 -12.90 26.99
CA ALA D 445 22.38 -12.10 25.87
C ALA D 445 21.73 -12.53 24.61
N ASN D 446 21.83 -11.65 23.63
CA ASN D 446 21.39 -11.95 22.26
C ASN D 446 22.43 -11.69 21.17
N ASP D 447 22.80 -12.74 20.46
CA ASP D 447 23.71 -12.65 19.35
C ASP D 447 25.14 -12.23 19.75
N PRO D 448 25.65 -12.74 20.88
CA PRO D 448 27.07 -12.40 21.11
C PRO D 448 27.96 -13.10 20.10
N ALA D 449 29.19 -12.66 19.97
CA ALA D 449 30.14 -13.34 19.12
C ALA D 449 30.72 -14.59 19.88
N SER D 450 29.85 -15.58 20.05
CA SER D 450 30.12 -16.72 20.92
C SER D 450 31.02 -17.80 20.27
N ASN D 451 31.55 -17.48 19.10
CA ASN D 451 32.46 -18.31 18.36
C ASN D 451 33.89 -17.77 18.38
N GLU D 452 34.10 -16.60 18.99
CA GLU D 452 35.39 -15.92 19.00
C GLU D 452 36.13 -16.20 20.29
N ASP D 453 37.47 -16.18 20.19
CA ASP D 453 38.36 -16.16 21.38
C ASP D 453 37.94 -15.04 22.35
N GLY D 454 38.12 -15.25 23.66
CA GLY D 454 37.70 -14.29 24.65
C GLY D 454 36.24 -14.39 25.07
N ALA D 455 35.45 -15.17 24.36
CA ALA D 455 34.01 -15.20 24.58
C ALA D 455 33.64 -16.05 25.78
N ARG D 456 34.22 -17.22 25.88
CA ARG D 456 34.00 -18.09 27.05
C ARG D 456 34.49 -17.49 28.34
N GLU D 457 35.67 -16.90 28.28
CA GLU D 457 36.25 -16.22 29.45
C GLU D 457 35.39 -15.05 29.91
N TYR D 458 34.80 -14.31 28.98
CA TYR D 458 33.84 -13.25 29.31
C TYR D 458 32.48 -13.81 29.86
N PHE D 459 31.92 -14.78 29.17
CA PHE D 459 30.56 -15.25 29.54
C PHE D 459 30.45 -16.17 30.75
N ALA D 460 31.53 -16.86 31.10
CA ALA D 460 31.45 -17.99 32.06
C ALA D 460 30.88 -17.61 33.41
N PRO D 461 31.26 -16.45 33.95
CA PRO D 461 30.72 -16.11 35.24
C PRO D 461 29.23 -15.78 35.20
N LEU D 462 28.71 -15.45 34.01
CA LEU D 462 27.34 -14.88 33.90
C LEU D 462 26.17 -15.90 34.13
N PRO D 463 26.20 -17.05 33.43
CA PRO D 463 25.14 -17.99 33.78
C PRO D 463 25.23 -18.52 35.22
N LYS D 464 26.44 -18.63 35.79
CA LYS D 464 26.58 -19.01 37.22
C LYS D 464 25.91 -17.97 38.11
N LEU D 465 26.04 -16.71 37.75
CA LEU D 465 25.51 -15.64 38.57
C LEU D 465 23.99 -15.64 38.57
N ALA D 466 23.39 -15.79 37.39
CA ALA D 466 21.93 -15.83 37.29
C ALA D 466 21.37 -16.98 38.12
N ARG D 467 21.88 -18.19 37.91
CA ARG D 467 21.45 -19.36 38.70
C ARG D 467 21.59 -19.12 40.22
N GLN D 468 22.65 -18.41 40.58
CA GLN D 468 22.91 -18.13 41.94
C GLN D 468 21.87 -17.13 42.52
N LEU D 469 21.52 -16.11 41.75
CA LEU D 469 20.54 -15.13 42.16
C LEU D 469 19.12 -15.73 42.07
N ASP D 470 18.86 -16.55 41.06
CA ASP D 470 17.62 -17.33 40.98
C ASP D 470 17.93 -18.78 40.66
N PRO D 471 17.86 -19.65 41.64
CA PRO D 471 18.09 -21.06 41.34
C PRO D 471 16.86 -21.79 40.84
N THR D 472 15.75 -21.12 40.52
CA THR D 472 14.50 -21.83 40.20
C THR D 472 14.21 -21.94 38.72
N ARG D 473 15.11 -21.39 37.90
CA ARG D 473 14.87 -21.33 36.46
C ARG D 473 16.13 -21.59 35.68
N PRO D 474 16.00 -22.14 34.49
CA PRO D 474 17.12 -22.27 33.59
C PRO D 474 17.58 -20.98 32.90
N VAL D 475 18.82 -21.06 32.38
CA VAL D 475 19.54 -19.95 31.75
C VAL D 475 19.98 -20.29 30.35
N THR D 476 19.82 -19.28 29.48
CA THR D 476 20.07 -19.43 28.07
C THR D 476 20.60 -18.13 27.53
N PHE D 477 20.89 -18.15 26.23
CA PHE D 477 21.16 -16.94 25.42
C PHE D 477 20.81 -17.26 23.99
N ALA D 478 20.46 -16.23 23.23
CA ALA D 478 20.13 -16.42 21.83
C ALA D 478 21.37 -16.32 20.98
N ASN D 479 21.64 -17.44 20.30
CA ASN D 479 22.83 -17.69 19.49
C ASN D 479 22.66 -17.22 18.03
N VAL D 480 23.72 -16.60 17.52
CA VAL D 480 23.76 -16.09 16.16
C VAL D 480 24.26 -17.15 15.18
N GLY D 481 23.83 -17.04 13.92
CA GLY D 481 24.16 -18.04 12.85
C GLY D 481 25.63 -18.22 12.56
N LEU D 482 26.46 -17.25 12.89
CA LEU D 482 27.92 -17.40 12.83
C LEU D 482 28.47 -18.49 13.74
N ALA D 483 27.87 -18.64 14.92
CA ALA D 483 28.35 -19.58 15.91
C ALA D 483 27.58 -20.89 15.74
N THR D 484 28.07 -21.70 14.81
CA THR D 484 27.50 -23.00 14.52
C THR D 484 27.84 -23.95 15.65
N TYR D 485 27.20 -25.12 15.64
CA TYR D 485 27.43 -26.13 16.67
C TYR D 485 28.90 -26.46 16.77
N LYS D 486 29.65 -26.32 15.69
CA LYS D 486 31.10 -26.41 15.73
C LYS D 486 31.76 -25.22 16.41
N ALA D 487 31.47 -24.02 15.89
CA ALA D 487 32.17 -22.78 16.30
C ALA D 487 31.87 -22.23 17.68
N ASP D 488 30.70 -22.55 18.24
CA ASP D 488 30.28 -21.92 19.46
C ASP D 488 31.02 -22.54 20.63
N ARG D 489 31.44 -21.72 21.60
CA ARG D 489 32.28 -22.20 22.67
C ARG D 489 31.80 -21.70 23.99
N ILE D 490 30.49 -21.62 24.08
CA ILE D 490 29.78 -21.00 25.18
C ILE D 490 28.59 -21.87 25.57
N ALA D 491 28.03 -22.63 24.62
CA ALA D 491 26.78 -23.36 24.76
C ALA D 491 26.68 -24.34 25.91
N ASP D 492 27.71 -25.15 26.07
CA ASP D 492 27.77 -26.08 27.18
C ASP D 492 27.45 -25.42 28.56
N LEU D 493 27.78 -24.14 28.75
CA LEU D 493 27.55 -23.46 30.02
C LEU D 493 26.10 -23.00 30.29
N PHE D 494 25.18 -23.28 29.38
CA PHE D 494 23.78 -22.89 29.55
C PHE D 494 22.87 -24.09 29.59
N ASP D 495 21.67 -23.91 30.08
CA ASP D 495 20.74 -25.04 30.30
C ASP D 495 19.88 -25.41 29.09
N VAL D 496 19.68 -24.43 28.22
CA VAL D 496 18.81 -24.48 27.04
C VAL D 496 19.47 -23.67 25.92
N LEU D 497 19.43 -24.23 24.72
CA LEU D 497 20.00 -23.56 23.56
C LEU D 497 18.92 -22.86 22.76
N CYS D 498 19.12 -21.56 22.54
CA CYS D 498 18.20 -20.80 21.72
C CYS D 498 18.95 -20.40 20.50
N LEU D 499 18.43 -20.80 19.36
CA LEU D 499 19.08 -20.47 18.11
C LEU D 499 18.33 -19.39 17.32
N ASN D 500 19.09 -18.39 16.85
CA ASN D 500 18.61 -17.42 15.87
C ASN D 500 19.10 -17.87 14.50
N ARG D 501 18.17 -18.30 13.64
CA ARG D 501 18.52 -18.76 12.29
C ARG D 501 17.67 -18.23 11.15
N TYR D 502 17.76 -16.94 10.87
CA TYR D 502 17.26 -16.35 9.64
C TYR D 502 17.87 -17.17 8.52
N PHE D 503 17.16 -17.29 7.40
CA PHE D 503 17.55 -18.19 6.28
C PHE D 503 18.71 -17.57 5.53
N GLY D 504 18.93 -16.27 5.69
CA GLY D 504 20.08 -15.56 5.07
C GLY D 504 21.41 -16.23 5.46
N TRP D 505 21.48 -16.68 6.71
CA TRP D 505 22.63 -17.50 7.14
C TRP D 505 22.91 -18.75 6.30
N TYR D 506 21.89 -19.20 5.54
CA TYR D 506 21.89 -20.50 4.85
C TYR D 506 21.75 -20.39 3.33
N THR D 507 21.34 -19.21 2.86
CA THR D 507 21.21 -18.93 1.43
C THR D 507 21.36 -17.46 1.27
N GLN D 508 21.97 -17.08 0.15
CA GLN D 508 22.04 -15.69 -0.27
C GLN D 508 20.84 -15.41 -1.15
N THR D 509 20.60 -16.30 -2.09
CA THR D 509 19.53 -16.14 -3.06
C THR D 509 18.13 -16.70 -2.63
N ALA D 510 17.82 -16.67 -1.33
CA ALA D 510 16.46 -17.03 -0.90
C ALA D 510 15.87 -18.31 -1.54
N GLU D 511 16.70 -19.35 -1.60
CA GLU D 511 16.33 -20.66 -2.17
C GLU D 511 15.92 -21.64 -1.06
N LEU D 512 14.62 -21.83 -0.85
CA LEU D 512 14.13 -22.62 0.30
C LEU D 512 14.68 -24.03 0.47
N ASP D 513 14.80 -24.74 -0.65
CA ASP D 513 15.33 -26.08 -0.65
C ASP D 513 16.73 -26.12 -0.11
N GLU D 514 17.51 -25.11 -0.49
CA GLU D 514 18.86 -24.92 0.01
C GLU D 514 18.77 -24.57 1.50
N ALA D 515 17.86 -23.69 1.84
CA ALA D 515 17.75 -23.28 3.22
C ALA D 515 17.33 -24.49 4.09
N GLU D 516 16.40 -25.30 3.58
CA GLU D 516 15.97 -26.55 4.24
C GLU D 516 17.10 -27.55 4.51
N ALA D 517 17.91 -27.81 3.49
CA ALA D 517 19.00 -28.74 3.64
C ALA D 517 19.97 -28.30 4.71
N ALA D 518 20.31 -27.02 4.73
CA ALA D 518 21.31 -26.50 5.67
C ALA D 518 20.75 -26.28 7.06
N LEU D 519 19.45 -26.03 7.16
CA LEU D 519 18.80 -25.97 8.47
C LEU D 519 18.85 -27.33 9.13
N GLU D 520 18.43 -28.38 8.44
CA GLU D 520 18.38 -29.69 9.12
C GLU D 520 19.77 -30.23 9.35
N GLU D 521 20.74 -29.85 8.54
CA GLU D 521 22.08 -30.18 8.86
C GLU D 521 22.59 -29.40 10.10
N GLU D 522 22.23 -28.13 10.24
CA GLU D 522 22.68 -27.44 11.42
C GLU D 522 22.03 -28.03 12.68
N LEU D 523 20.71 -28.16 12.65
CA LEU D 523 20.01 -28.80 13.76
C LEU D 523 20.51 -30.20 14.17
N ARG D 524 20.88 -31.04 13.21
CA ARG D 524 21.47 -32.35 13.53
C ARG D 524 22.72 -32.23 14.36
N GLY D 525 23.56 -31.25 13.98
CA GLY D 525 24.78 -30.98 14.68
C GLY D 525 24.51 -30.65 16.14
N TRP D 526 23.64 -29.68 16.35
CA TRP D 526 23.29 -29.32 17.71
C TRP D 526 22.72 -30.51 18.51
N THR D 527 21.85 -31.33 17.91
CA THR D 527 21.18 -32.37 18.70
C THR D 527 22.11 -33.54 18.99
N GLU D 528 23.10 -33.68 18.12
CA GLU D 528 24.10 -34.72 18.28
C GLU D 528 25.09 -34.36 19.37
N LYS D 529 25.39 -33.08 19.47
CA LYS D 529 26.45 -32.60 20.34
C LYS D 529 26.02 -32.23 21.74
N TYR D 530 24.80 -31.74 21.89
CA TYR D 530 24.32 -31.29 23.18
C TYR D 530 23.01 -31.99 23.57
N ASP D 531 22.96 -32.44 24.81
CA ASP D 531 21.78 -33.03 25.33
C ASP D 531 20.94 -31.93 26.01
N LYS D 532 20.40 -31.03 25.20
CA LYS D 532 19.63 -29.89 25.73
C LYS D 532 18.40 -29.51 24.91
N PRO D 533 17.46 -28.79 25.56
CA PRO D 533 16.29 -28.44 24.78
C PRO D 533 16.68 -27.36 23.80
N ILE D 534 16.11 -27.42 22.61
CA ILE D 534 16.44 -26.42 21.62
C ILE D 534 15.20 -25.61 21.34
N VAL D 535 15.36 -24.30 21.34
CA VAL D 535 14.27 -23.42 21.06
C VAL D 535 14.74 -22.50 20.00
N MET D 536 13.98 -22.42 18.92
CA MET D 536 14.28 -21.48 17.87
C MET D 536 13.69 -20.14 18.23
N THR D 537 14.56 -19.14 18.34
CA THR D 537 14.16 -17.84 18.87
C THR D 537 14.16 -16.72 17.84
N ASP D 538 14.75 -16.96 16.68
CA ASP D 538 14.55 -16.11 15.53
C ASP D 538 14.43 -16.97 14.26
N TYR D 539 13.31 -16.82 13.56
CA TYR D 539 13.15 -17.22 12.18
C TYR D 539 12.03 -16.38 11.55
N GLY D 540 12.20 -16.03 10.28
CA GLY D 540 11.25 -15.19 9.54
C GLY D 540 11.75 -14.53 8.25
N ALA D 541 10.98 -13.58 7.71
CA ALA D 541 11.35 -12.87 6.46
C ALA D 541 10.83 -11.46 6.42
N ASP D 542 11.66 -10.56 5.92
CA ASP D 542 11.20 -9.21 5.67
C ASP D 542 10.00 -9.32 4.72
N THR D 543 8.93 -8.61 5.04
CA THR D 543 7.68 -8.77 4.36
C THR D 543 6.93 -7.48 4.44
N VAL D 544 6.55 -6.96 3.28
CA VAL D 544 5.78 -5.75 3.20
C VAL D 544 4.31 -6.12 3.00
N ALA D 545 3.45 -5.57 3.84
CA ALA D 545 2.09 -5.87 3.75
C ALA D 545 1.61 -5.45 2.37
N GLY D 546 0.92 -6.36 1.68
CA GLY D 546 0.27 -6.04 0.43
C GLY D 546 1.06 -6.40 -0.80
N LEU D 547 2.35 -6.73 -0.64
CA LEU D 547 3.18 -7.15 -1.75
C LEU D 547 2.97 -8.64 -1.86
N HIS D 548 2.51 -9.05 -3.03
CA HIS D 548 2.02 -10.37 -3.32
C HIS D 548 2.62 -10.92 -4.64
N SER D 549 2.75 -12.26 -4.67
CA SER D 549 3.33 -12.96 -5.77
C SER D 549 2.99 -14.43 -5.71
N VAL D 550 2.61 -14.98 -6.86
CA VAL D 550 2.37 -16.37 -7.02
C VAL D 550 3.70 -17.04 -7.21
N MET D 551 4.72 -16.27 -7.54
CA MET D 551 6.07 -16.85 -7.56
C MET D 551 6.72 -16.93 -6.17
N VAL D 552 7.92 -17.51 -6.14
CA VAL D 552 8.76 -17.49 -4.93
C VAL D 552 9.34 -16.07 -4.90
N THR D 553 8.92 -15.23 -3.95
CA THR D 553 9.36 -13.82 -4.01
C THR D 553 9.58 -13.18 -2.67
N PRO D 554 10.85 -13.08 -2.24
CA PRO D 554 11.20 -12.43 -1.00
C PRO D 554 10.56 -11.04 -0.91
N TRP D 555 10.01 -10.72 0.25
CA TRP D 555 9.33 -9.47 0.53
C TRP D 555 7.93 -9.52 0.00
N SER D 556 7.38 -10.72 -0.13
CA SER D 556 5.96 -10.93 -0.38
C SER D 556 5.33 -11.74 0.77
N GLU D 557 4.06 -11.49 1.04
CA GLU D 557 3.35 -12.19 2.11
C GLU D 557 3.38 -13.70 1.89
N GLU D 558 3.46 -14.10 0.62
CA GLU D 558 3.49 -15.51 0.27
C GLU D 558 4.84 -16.10 0.70
N PHE D 559 5.90 -15.34 0.52
CA PHE D 559 7.24 -15.86 0.79
C PHE D 559 7.39 -16.09 2.25
N GLN D 560 6.92 -15.14 3.06
CA GLN D 560 6.95 -15.30 4.50
C GLN D 560 6.25 -16.59 4.97
N VAL D 561 5.08 -16.84 4.37
CA VAL D 561 4.33 -18.07 4.64
C VAL D 561 5.14 -19.28 4.25
N GLU D 562 5.65 -19.27 3.01
CA GLU D 562 6.35 -20.44 2.48
C GLU D 562 7.53 -20.83 3.39
N MET D 563 8.27 -19.83 3.86
CA MET D 563 9.47 -20.03 4.66
C MET D 563 9.21 -20.54 6.08
N LEU D 564 8.28 -19.90 6.82
CA LEU D 564 7.90 -20.41 8.17
C LEU D 564 7.40 -21.86 8.04
N ASP D 565 6.57 -22.08 7.03
CA ASP D 565 6.01 -23.41 6.82
C ASP D 565 7.14 -24.43 6.64
N MET D 566 8.17 -24.09 5.85
CA MET D 566 9.27 -25.02 5.70
C MET D 566 10.02 -25.19 7.02
N TYR D 567 10.29 -24.10 7.71
CA TYR D 567 11.00 -24.20 8.98
C TYR D 567 10.23 -25.17 9.91
N HIS D 568 8.89 -25.13 9.85
CA HIS D 568 8.09 -25.99 10.70
C HIS D 568 8.24 -27.43 10.35
N ARG D 569 8.27 -27.72 9.06
CA ARG D 569 8.46 -29.09 8.65
C ARG D 569 9.80 -29.60 9.10
N VAL D 570 10.84 -28.77 9.10
CA VAL D 570 12.13 -29.22 9.61
C VAL D 570 12.08 -29.44 11.16
N PHE D 571 11.52 -28.50 11.89
CA PHE D 571 11.46 -28.59 13.35
C PHE D 571 10.86 -29.89 13.80
N ASP D 572 9.72 -30.21 13.21
CA ASP D 572 8.96 -31.41 13.57
C ASP D 572 9.68 -32.73 13.36
N ARG D 573 10.77 -32.68 12.60
CA ARG D 573 11.64 -33.83 12.38
C ARG D 573 12.62 -34.11 13.52
N PHE D 574 12.70 -33.20 14.48
CA PHE D 574 13.66 -33.26 15.56
C PHE D 574 12.99 -33.27 16.91
N GLU D 575 13.12 -34.40 17.60
CA GLU D 575 12.53 -34.57 18.94
C GLU D 575 13.01 -33.54 19.94
N ALA D 576 14.25 -33.11 19.82
CA ALA D 576 14.89 -32.24 20.81
C ALA D 576 14.33 -30.82 20.84
N MET D 577 13.52 -30.45 19.84
CA MET D 577 12.97 -29.10 19.76
C MET D 577 12.01 -28.91 20.92
N ALA D 578 12.20 -27.83 21.66
CA ALA D 578 11.29 -27.49 22.71
C ALA D 578 10.61 -26.18 22.48
N GLY D 579 10.75 -25.59 21.30
CA GLY D 579 10.05 -24.35 21.02
C GLY D 579 10.35 -23.64 19.74
N GLU D 580 9.38 -22.85 19.29
CA GLU D 580 9.53 -22.02 18.12
C GLU D 580 8.96 -20.62 18.38
N GLN D 581 9.78 -19.61 18.15
CA GLN D 581 9.38 -18.24 18.34
C GLN D 581 9.82 -17.43 17.12
N VAL D 582 8.85 -16.97 16.38
CA VAL D 582 9.08 -16.27 15.14
C VAL D 582 9.65 -14.91 15.44
N TRP D 583 10.55 -14.48 14.55
CA TRP D 583 11.03 -13.15 14.57
C TRP D 583 10.40 -12.38 13.41
N ASN D 584 9.53 -11.40 13.64
CA ASN D 584 9.16 -10.77 14.93
C ASN D 584 7.64 -10.77 14.98
N PHE D 585 7.12 -10.48 16.15
CA PHE D 585 5.67 -10.20 16.31
C PHE D 585 5.18 -9.05 15.40
N ALA D 586 5.90 -7.93 15.43
CA ALA D 586 5.45 -6.75 14.68
C ALA D 586 6.59 -5.94 14.14
N ASP D 587 6.34 -5.39 12.97
CA ASP D 587 7.26 -4.40 12.35
C ASP D 587 7.71 -3.37 13.40
N PHE D 588 9.00 -3.01 13.37
CA PHE D 588 9.56 -2.09 14.36
C PHE D 588 10.70 -1.20 13.79
N GLN D 589 10.88 -0.05 14.41
CA GLN D 589 11.81 0.92 13.90
C GLN D 589 13.28 0.55 14.19
N THR D 590 14.15 0.84 13.23
CA THR D 590 15.54 0.54 13.38
C THR D 590 16.33 1.76 13.03
N ALA D 591 17.63 1.66 13.27
CA ALA D 591 18.54 2.57 12.63
C ALA D 591 18.32 2.44 11.13
N VAL D 592 18.59 3.57 10.50
CA VAL D 592 18.62 3.73 9.07
C VAL D 592 19.72 2.88 8.45
N GLY D 593 19.35 2.11 7.44
CA GLY D 593 20.27 1.27 6.63
C GLY D 593 19.50 0.91 5.38
N VAL D 594 20.10 1.08 4.19
CA VAL D 594 19.36 0.88 2.91
C VAL D 594 18.71 -0.52 2.81
N SER D 595 19.28 -1.50 3.52
CA SER D 595 18.65 -2.83 3.73
C SER D 595 17.37 -2.84 4.63
N ARG D 596 17.09 -1.72 5.29
CA ARG D 596 15.95 -1.54 6.21
C ARG D 596 14.95 -0.58 5.62
N VAL D 597 13.76 -1.06 5.32
CA VAL D 597 12.71 -0.23 4.69
C VAL D 597 11.85 0.47 5.76
N ASP D 598 12.26 1.67 6.15
CA ASP D 598 11.67 2.37 7.28
C ASP D 598 11.53 1.45 8.47
N GLY D 599 12.59 0.72 8.76
CA GLY D 599 12.61 -0.23 9.87
C GLY D 599 12.67 -1.68 9.45
N ASN D 600 12.50 -2.54 10.43
CA ASN D 600 12.51 -3.98 10.27
C ASN D 600 11.13 -4.46 9.97
N LYS D 601 10.96 -5.08 8.83
CA LYS D 601 9.66 -5.50 8.36
C LYS D 601 9.45 -7.02 8.47
N LYS D 602 10.29 -7.70 9.23
CA LYS D 602 10.10 -9.14 9.54
C LYS D 602 8.91 -9.42 10.47
N GLY D 603 8.04 -8.44 10.67
CA GLY D 603 6.89 -8.65 11.54
C GLY D 603 5.83 -9.54 10.93
N VAL D 604 5.02 -10.12 11.78
CA VAL D 604 3.94 -10.96 11.36
C VAL D 604 2.66 -10.09 11.36
N PHE D 605 2.70 -9.06 12.21
CA PHE D 605 1.81 -7.92 12.12
C PHE D 605 2.59 -6.69 11.71
N THR D 606 1.87 -5.68 11.25
CA THR D 606 2.45 -4.41 10.91
C THR D 606 2.61 -3.62 12.22
N ARG D 607 3.27 -2.49 12.15
CA ARG D 607 3.49 -1.72 13.34
C ARG D 607 2.18 -1.38 14.02
N ASP D 608 1.14 -1.08 13.22
CA ASP D 608 -0.19 -0.82 13.76
C ASP D 608 -1.04 -2.09 13.97
N ARG D 609 -0.38 -3.25 13.96
CA ARG D 609 -1.01 -4.49 14.44
C ARG D 609 -1.83 -5.28 13.43
N LYS D 610 -1.79 -4.88 12.17
CA LYS D 610 -2.51 -5.63 11.14
C LYS D 610 -1.80 -6.95 10.82
N PRO D 611 -2.55 -8.03 10.61
CA PRO D 611 -1.94 -9.33 10.32
C PRO D 611 -1.59 -9.51 8.88
N LYS D 612 -0.37 -9.97 8.61
CA LYS D 612 -0.01 -10.42 7.27
C LYS D 612 -0.43 -11.91 7.20
N ALA D 613 -0.36 -12.50 6.01
CA ALA D 613 -0.77 -13.86 5.80
C ALA D 613 -0.13 -14.81 6.80
N ALA D 614 1.13 -14.53 7.16
CA ALA D 614 1.86 -15.30 8.16
C ALA D 614 1.13 -15.41 9.50
N ALA D 615 0.40 -14.37 9.89
CA ALA D 615 -0.25 -14.41 11.18
C ALA D 615 -1.24 -15.53 11.08
N HIS D 616 -1.96 -15.57 9.95
CA HIS D 616 -2.95 -16.64 9.75
C HIS D 616 -2.32 -18.00 9.69
N LEU D 617 -1.15 -18.12 9.07
CA LEU D 617 -0.49 -19.42 8.96
C LEU D 617 -0.13 -19.95 10.35
N LEU D 618 0.29 -19.04 11.20
CA LEU D 618 0.74 -19.42 12.52
C LEU D 618 -0.45 -19.77 13.35
N ARG D 619 -1.54 -19.07 13.12
CA ARG D 619 -2.75 -19.34 13.85
C ARG D 619 -3.22 -20.76 13.62
N LYS D 620 -3.21 -21.18 12.35
CA LYS D 620 -3.67 -22.50 11.98
C LYS D 620 -2.82 -23.55 12.71
N ARG D 621 -1.52 -23.37 12.73
CA ARG D 621 -0.63 -24.34 13.30
C ARG D 621 -0.67 -24.41 14.82
N TRP D 622 -0.68 -23.27 15.51
CA TRP D 622 -0.56 -23.29 16.97
C TRP D 622 -1.90 -23.52 17.68
N THR D 623 -3.01 -23.30 17.00
CA THR D 623 -4.31 -23.63 17.59
C THR D 623 -4.58 -25.13 17.42
N ASN D 624 -3.83 -25.80 16.56
CA ASN D 624 -4.03 -27.23 16.31
C ASN D 624 -3.00 -28.18 16.95
N LEU D 625 -2.02 -27.65 17.67
CA LEU D 625 -1.20 -28.51 18.53
C LEU D 625 -1.05 -27.87 19.92
C1 CBW E . -25.63 -6.33 -7.63
C2 CBW E . -24.33 -6.31 -8.43
C3 CBW E . -24.66 -5.90 -9.84
C4 CBW E . -25.30 -4.52 -9.88
C5 CBW E . -26.54 -4.50 -8.94
C6 CBW E . -27.15 -3.13 -8.87
C7 CBW E . -28.34 -3.20 -8.07
C8 CBW E . -28.23 -3.63 -6.76
C9 CBW E . -27.58 -5.01 -6.72
C10 CBW E . -26.19 -5.00 -7.55
C11 CBW E . -27.43 -5.41 -5.38
C12 CBW E . -28.57 -5.35 -4.50
C13 CBW E . -29.57 -4.46 -4.71
C14 CBW E . -29.71 -3.80 -6.05
C15 CBW E . -30.32 -2.48 -5.86
C16 CBW E . -31.58 -2.41 -4.89
C17 CBW E . -31.10 -2.91 -3.53
C18 CBW E . -30.60 -4.33 -3.64
C19 CBW E . -25.17 -4.08 -6.85
C20 CBW E . -31.78 -5.30 -3.91
C21 CBW E . -32.86 -5.25 -2.81
C22 CBW E . -33.35 -3.82 -2.91
C23 CBW E . -32.27 -2.85 -2.54
C24 CBW E . -25.78 -4.25 -11.31
C25 CBW E . -24.30 -3.41 -9.48
C26 CBW E . -27.45 -2.62 -5.97
C27 CBW E . -30.61 -4.67 -6.95
C28 CBW E . -29.95 -2.00 -3.01
C33 CBW E . -32.38 -5.60 -1.39
C34 CBW E . -34.04 -6.24 -2.95
O3 CBW E . -23.55 -6.00 -10.74
O11 CBW E . -26.36 -5.80 -4.96
O34 CBW E . -31.29 -6.21 -1.22
O35 CBW E . -33.10 -5.30 -0.40
C1 GCU F . -22.37 -5.35 -10.27
C2 GCU F . -21.99 -4.23 -11.23
C3 GCU F . -20.61 -3.66 -10.88
C4 GCU F . -19.60 -4.75 -10.63
C5 GCU F . -20.12 -5.74 -9.62
C6 GCU F . -20.34 -5.07 -8.28
O2 GCU F . -21.95 -4.72 -12.53
O3 GCU F . -20.72 -2.83 -9.74
O4 GCU F . -19.33 -5.42 -11.86
O5 GCU F . -21.30 -6.28 -10.23
O6A GCU F . -19.42 -4.41 -7.76
O6B GCU F . -21.44 -5.20 -7.68
C1 CBW G . -21.21 16.69 3.28
C2 CBW G . -20.24 16.19 4.34
C3 CBW G . -20.96 16.21 5.68
C4 CBW G . -22.18 15.29 5.65
C5 CBW G . -23.09 15.70 4.47
C6 CBW G . -24.27 14.77 4.32
C7 CBW G . -25.12 15.24 3.28
C8 CBW G . -24.60 15.37 2.00
C9 CBW G . -23.38 16.28 2.03
C10 CBW G . -22.31 15.76 3.15
C11 CBW G . -22.83 16.35 0.74
C12 CBW G . -23.69 16.69 -0.36
C13 CBW G . -25.01 16.39 -0.33
C14 CBW G . -25.67 16.09 0.97
C15 CBW G . -26.80 15.18 0.73
C16 CBW G . -27.76 15.56 -0.47
C17 CBW G . -26.89 15.57 -1.73
C18 CBW G . -25.77 16.57 -1.60
C19 CBW G . -21.76 14.37 2.74
C20 CBW G . -26.35 18.02 -1.69
C21 CBW G . -27.76 18.24 -2.27
C22 CBW G . -27.82 17.31 -3.45
C23 CBW G . -27.77 15.89 -2.95
C24 CBW G . -22.95 15.49 6.94
C25 CBW G . -21.77 13.79 5.54
C26 CBW G . -24.28 14.00 1.46
C27 CBW G . -26.19 17.40 1.60
C28 CBW G . -26.27 14.15 -1.93
C33 CBW G . -28.08 19.70 -2.67
C34 CBW G . -28.96 18.01 -1.31
O3 CBW G . -20.09 15.92 6.78
O11 CBW G . -21.65 16.13 0.54
O34 CBW G . -27.90 20.64 -1.85
O35 CBW G . -28.50 19.94 -3.82
C1 GCU H . -19.31 14.74 6.62
C2 GCU H . -19.30 13.95 7.92
C3 GCU H . -18.29 12.81 7.85
C4 GCU H . -16.97 13.26 7.29
C5 GCU H . -17.16 13.97 5.98
C6 GCU H . -17.75 13.04 4.94
O2 GCU H . -18.95 14.80 8.97
O3 GCU H . -18.82 11.77 7.07
O4 GCU H . -16.34 14.15 8.21
O5 GCU H . -17.98 15.10 6.30
O6A GCU H . -17.36 11.86 4.88
O6B GCU H . -18.63 13.46 4.14
#